data_3O6F
#
_entry.id   3O6F
#
_cell.length_a   102.480
_cell.length_b   218.403
_cell.length_c   98.412
_cell.angle_alpha   90.00
_cell.angle_beta   90.00
_cell.angle_gamma   90.00
#
_symmetry.space_group_name_H-M   'P 21 21 2'
#
loop_
_entity.id
_entity.type
_entity.pdbx_description
1 polymer 'HLA class II histocompatibility antigen, DR alpha chain'
2 polymer 'HLA class II histocompatibility antigen, DRB1-4 beta chain'
3 polymer 'T-cell receptor alpha chain C region'
4 polymer 'T-cell receptor beta-1 chain C region'
5 water water
#
loop_
_entity_poly.entity_id
_entity_poly.type
_entity_poly.pdbx_seq_one_letter_code
_entity_poly.pdbx_strand_id
1 'polypeptide(L)'
;IKEEHVIIQAEFYLNPDQSGEFMFDFDGDEIFHVDMAKKETVWRLEEFGRFASFEAQGALANIAVDKANLEIMTKRSNYT
PITNVPPEVTVLTNSPVELREPNVLICFIDKFTPPVVNVTWLRNGKPVTTGVSETVFLPREDHLFRKFHYLPFLPSTEDV
YDCRVEHWGLDEPLLKHWEFDA
;
A,E
2 'polypeptide(L)'
;FSWGAEGQRPGFGSGGGSLVPRGSGGGGSGDTRPRFLEQVKHECHFFNGTERVRFLDRYFYHQEEYVRFDSDVGEYRAVT
ELGRPDAEYWNSQKDLLEQKRAAVDTYCRHNYGVGESFTVQRRVYPEVTVYPAKTQPLQHHNLLVCSVNGFYPGSIEVRW
FRNGQEEKTGVVSTGLIQNGDWTFQTLVMLETVPRSGEVYTCQVEHPSLTSPLTVEWRARS
;
B,F
3 'polypeptide(L)'
;GDAKTTQPNSMESNEEEPVHLPCNHSTISGTDYIHWYRQLPSQGPEYVIHGLTSNVNNRMASLAIAEDRKSSTLILHRAT
LRDAAVYYCTVYGGATNKLIFGTGTLLAVQPNIQNPDPAVYQLRDSKSSDKSVCLFTDFDSQTNVSQSKDSDVYITDKTV
LDMRSMDFKSNSAVAWSNKSDFACANAFNNSIIPEDTFFPSPESSC
;
C,G
4 'polypeptide(L)'
;VVSQHPSWVIAKSGTSVKIECRSLDFQATTMFWYRQFPKQSLMLMATSNEGSKATYEQGVEKDKFLINHASLTLSTLTVT
SAHPEDSSFYICSARGGSYNSPLHFGNGTRLTVTEDLKNVFPPEVAVFEPSEAEISHTQKATLVCLATGFYPDHVELSWW
VNGKEVHSGVSTDPQPLKEQPALNDSRYSLSSRLRVSATFWQNPRNHFRCQVQFYGLSENDEWTQDRAKPVTQIVSAEAW
GRADC
;
D,H
#
# COMPACT_ATOMS: atom_id res chain seq x y z
N GLU A 4 15.26 -24.24 12.04
CA GLU A 4 15.12 -23.48 10.81
C GLU A 4 15.05 -21.95 11.02
N HIS A 5 14.02 -21.42 11.70
CA HIS A 5 13.97 -19.96 11.83
C HIS A 5 13.71 -19.39 13.21
N VAL A 6 14.19 -18.18 13.44
CA VAL A 6 13.84 -17.45 14.65
C VAL A 6 13.42 -16.00 14.34
N ILE A 7 12.31 -15.57 14.92
CA ILE A 7 11.93 -14.16 14.94
C ILE A 7 11.87 -13.69 16.39
N ILE A 8 12.52 -12.56 16.66
CA ILE A 8 12.55 -12.01 18.02
C ILE A 8 12.11 -10.55 18.07
N GLN A 9 11.11 -10.27 18.89
CA GLN A 9 10.75 -8.91 19.24
C GLN A 9 11.57 -8.61 20.47
N ALA A 10 12.47 -7.65 20.34
CA ALA A 10 13.43 -7.40 21.39
C ALA A 10 13.37 -5.92 21.75
N GLU A 11 13.07 -5.66 23.01
CA GLU A 11 13.01 -4.31 23.51
C GLU A 11 13.80 -4.17 24.82
N PHE A 12 14.15 -2.93 25.16
CA PHE A 12 14.72 -2.64 26.48
C PHE A 12 14.43 -1.21 26.88
N TYR A 13 14.61 -0.95 28.17
CA TYR A 13 14.56 0.39 28.72
C TYR A 13 15.79 0.52 29.60
N LEU A 14 16.37 1.72 29.64
CA LEU A 14 17.63 1.92 30.33
C LEU A 14 17.59 3.11 31.27
N ASN A 15 17.83 2.85 32.56
CA ASN A 15 18.04 3.94 33.52
C ASN A 15 19.54 4.20 33.75
N PRO A 16 19.91 5.46 34.07
CA PRO A 16 18.99 6.60 34.09
C PRO A 16 19.04 7.45 32.83
N ASP A 17 19.59 6.91 31.74
CA ASP A 17 19.48 7.56 30.43
C ASP A 17 18.03 7.72 29.94
N GLN A 18 17.12 6.94 30.53
CA GLN A 18 15.73 6.92 30.09
C GLN A 18 15.62 6.73 28.58
N SER A 19 16.22 5.66 28.06
CA SER A 19 16.12 5.37 26.64
C SER A 19 15.61 3.95 26.44
N GLY A 20 14.71 3.78 25.47
CA GLY A 20 14.17 2.47 25.17
C GLY A 20 14.27 2.16 23.71
N GLU A 21 14.21 0.88 23.38
CA GLU A 21 14.26 0.49 22.00
C GLU A 21 13.38 -0.70 21.76
N PHE A 22 12.84 -0.78 20.55
CA PHE A 22 11.91 -1.82 20.16
C PHE A 22 12.29 -2.25 18.75
N MET A 23 12.59 -3.54 18.55
CA MET A 23 12.86 -4.02 17.21
C MET A 23 12.52 -5.49 17.01
N PHE A 24 12.59 -5.90 15.75
CA PHE A 24 12.39 -7.30 15.43
C PHE A 24 13.64 -7.86 14.74
N ASP A 25 13.96 -9.09 15.13
CA ASP A 25 15.11 -9.77 14.62
C ASP A 25 14.69 -10.99 13.82
N PHE A 26 15.29 -11.15 12.64
CA PHE A 26 15.13 -12.38 11.85
C PHE A 26 16.48 -13.01 11.52
N ASP A 27 16.73 -14.16 12.15
CA ASP A 27 17.95 -14.90 11.95
C ASP A 27 19.15 -13.91 12.07
N GLY A 28 19.09 -13.05 13.09
CA GLY A 28 20.18 -12.14 13.39
C GLY A 28 20.20 -10.81 12.66
N ASP A 29 19.34 -10.64 11.67
CA ASP A 29 19.18 -9.34 11.04
C ASP A 29 17.98 -8.60 11.60
N GLU A 30 17.98 -7.28 11.45
CA GLU A 30 16.85 -6.47 11.91
C GLU A 30 15.80 -6.39 10.82
N ILE A 31 14.53 -6.63 11.18
CA ILE A 31 13.47 -6.45 10.20
C ILE A 31 13.12 -4.98 10.19
N PHE A 32 13.02 -4.42 11.40
CA PHE A 32 12.68 -3.02 11.63
C PHE A 32 12.80 -2.64 13.10
N HIS A 33 12.68 -1.35 13.37
CA HIS A 33 12.68 -0.83 14.74
C HIS A 33 11.84 0.43 14.73
N VAL A 34 11.37 0.83 15.91
CA VAL A 34 10.55 2.03 15.97
C VAL A 34 11.40 3.14 16.51
N ASP A 35 11.35 4.27 15.81
CA ASP A 35 12.02 5.49 16.23
C ASP A 35 11.18 6.13 17.34
N MET A 36 11.51 5.82 18.59
CA MET A 36 10.77 6.35 19.73
C MET A 36 10.56 7.86 19.63
N ALA A 37 11.60 8.58 19.27
CA ALA A 37 11.51 10.04 19.24
C ALA A 37 10.57 10.53 18.14
N LYS A 38 10.70 9.94 16.96
CA LYS A 38 9.94 10.35 15.77
C LYS A 38 8.59 9.62 15.68
N LYS A 39 8.39 8.67 16.61
CA LYS A 39 7.19 7.84 16.61
C LYS A 39 6.99 7.16 15.25
N GLU A 40 8.05 6.68 14.63
CA GLU A 40 7.95 6.08 13.29
C GLU A 40 8.61 4.70 13.16
N THR A 41 8.04 3.85 12.31
CA THR A 41 8.58 2.55 12.04
C THR A 41 9.62 2.66 10.95
N VAL A 42 10.81 2.15 11.23
CA VAL A 42 11.88 2.13 10.24
C VAL A 42 12.24 0.73 9.83
N TRP A 43 11.81 0.35 8.63
CA TRP A 43 12.24 -0.90 8.01
C TRP A 43 13.72 -0.87 7.63
N ARG A 44 14.46 -1.91 8.03
CA ARG A 44 15.88 -2.08 7.71
C ARG A 44 16.21 -2.08 6.20
N LEU A 45 15.34 -2.68 5.40
CA LEU A 45 15.42 -2.51 3.95
C LEU A 45 14.17 -1.79 3.51
N GLU A 46 14.31 -0.76 2.68
CA GLU A 46 13.12 -0.03 2.19
C GLU A 46 11.93 -0.92 1.74
N GLU A 47 12.19 -2.10 1.18
CA GLU A 47 11.14 -2.88 0.53
C GLU A 47 10.17 -3.51 1.50
N PHE A 48 10.64 -3.84 2.68
CA PHE A 48 9.84 -4.62 3.60
C PHE A 48 8.54 -3.86 3.82
N GLY A 49 8.62 -2.53 3.85
CA GLY A 49 7.43 -1.74 4.09
C GLY A 49 6.39 -1.81 2.99
N ARG A 50 6.78 -2.32 1.85
CA ARG A 50 5.82 -2.52 0.78
C ARG A 50 4.95 -3.73 1.06
N PHE A 51 5.49 -4.66 1.86
CA PHE A 51 4.91 -5.99 2.05
C PHE A 51 4.22 -6.16 3.41
N ALA A 52 4.41 -5.18 4.28
CA ALA A 52 3.96 -5.30 5.65
C ALA A 52 3.89 -3.92 6.29
N SER A 53 3.01 -3.74 7.27
CA SER A 53 3.00 -2.49 8.02
C SER A 53 3.03 -2.72 9.50
N PHE A 54 3.52 -1.74 10.24
CA PHE A 54 3.49 -1.87 11.67
C PHE A 54 3.17 -0.54 12.31
N GLU A 55 2.12 -0.53 13.12
CA GLU A 55 1.68 0.71 13.73
C GLU A 55 2.58 1.09 14.90
N ALA A 56 3.35 2.15 14.67
CA ALA A 56 4.44 2.66 15.52
C ALA A 56 4.15 2.97 17.01
N GLN A 57 3.01 3.60 17.28
CA GLN A 57 2.72 4.05 18.65
C GLN A 57 2.50 2.90 19.62
N GLY A 58 2.31 1.71 19.08
CA GLY A 58 2.18 0.54 19.92
C GLY A 58 3.45 0.26 20.69
N ALA A 59 4.59 0.51 20.05
CA ALA A 59 5.87 0.22 20.67
C ALA A 59 6.06 1.07 21.91
N LEU A 60 5.72 2.35 21.83
CA LEU A 60 5.83 3.24 22.98
C LEU A 60 5.05 2.71 24.20
N ALA A 61 3.87 2.18 23.95
CA ALA A 61 3.11 1.55 25.01
C ALA A 61 3.94 0.46 25.67
N ASN A 62 4.61 -0.34 24.84
CA ASN A 62 5.46 -1.41 25.33
C ASN A 62 6.60 -0.83 26.20
N ILE A 63 7.39 0.05 25.59
CA ILE A 63 8.44 0.74 26.29
C ILE A 63 7.97 1.23 27.67
N ALA A 64 6.80 1.88 27.70
CA ALA A 64 6.21 2.30 28.99
C ALA A 64 6.15 1.17 30.02
N VAL A 65 5.62 0.00 29.63
CA VAL A 65 5.61 -1.14 30.56
C VAL A 65 7.04 -1.58 30.89
N ASP A 66 7.95 -1.48 29.92
CA ASP A 66 9.33 -1.87 30.17
C ASP A 66 9.93 -1.03 31.29
N LYS A 67 9.79 0.29 31.12
CA LYS A 67 10.13 1.26 32.13
C LYS A 67 9.60 0.85 33.50
N ALA A 68 8.28 0.68 33.59
CA ALA A 68 7.63 0.36 34.85
C ALA A 68 8.14 -0.94 35.48
N ASN A 69 8.54 -1.90 34.66
CA ASN A 69 9.11 -3.11 35.21
C ASN A 69 10.49 -2.86 35.74
N LEU A 70 11.25 -2.05 35.02
CA LEU A 70 12.64 -1.76 35.38
C LEU A 70 12.62 -1.16 36.77
N GLU A 71 11.82 -0.11 36.93
CA GLU A 71 11.65 0.52 38.21
C GLU A 71 11.35 -0.54 39.27
N ILE A 72 10.53 -1.53 38.91
CA ILE A 72 10.12 -2.59 39.84
C ILE A 72 11.27 -3.52 40.20
N MET A 73 12.00 -3.94 39.16
CA MET A 73 13.16 -4.82 39.34
C MET A 73 14.26 -4.13 40.14
N THR A 74 14.63 -2.93 39.71
CA THR A 74 15.64 -2.17 40.41
C THR A 74 15.46 -2.42 41.92
N LYS A 75 14.31 -2.03 42.45
CA LYS A 75 14.09 -2.17 43.89
C LYS A 75 14.27 -3.60 44.37
N ARG A 76 13.64 -4.53 43.66
CA ARG A 76 13.59 -5.92 44.09
C ARG A 76 15.00 -6.49 44.19
N SER A 77 15.94 -5.92 43.44
CA SER A 77 17.32 -6.38 43.48
C SER A 77 18.11 -5.55 44.50
N ASN A 78 17.43 -4.60 45.15
CA ASN A 78 18.10 -3.62 45.99
C ASN A 78 19.04 -2.81 45.12
N TYR A 79 18.50 -2.30 44.03
CA TYR A 79 19.24 -1.35 43.23
C TYR A 79 20.61 -1.91 42.82
N THR A 80 20.70 -3.22 42.62
CA THR A 80 21.91 -3.78 42.03
C THR A 80 22.02 -3.42 40.56
N PRO A 81 23.02 -2.59 40.22
CA PRO A 81 23.16 -2.04 38.86
C PRO A 81 23.86 -3.00 37.91
N ILE A 82 24.08 -2.53 36.70
CA ILE A 82 24.67 -3.34 35.64
C ILE A 82 26.18 -3.21 35.61
N THR A 83 26.88 -4.31 35.35
CA THR A 83 28.33 -4.31 35.23
C THR A 83 28.74 -4.06 33.79
N ASN A 84 29.42 -2.94 33.53
CA ASN A 84 29.87 -2.68 32.18
C ASN A 84 30.50 -3.92 31.59
N VAL A 85 30.41 -4.06 30.27
CA VAL A 85 31.01 -5.16 29.53
C VAL A 85 31.47 -4.65 28.17
N PRO A 86 32.73 -4.21 28.10
CA PRO A 86 33.37 -3.58 26.95
C PRO A 86 33.15 -4.39 25.68
N PRO A 87 33.13 -3.74 24.52
CA PRO A 87 32.91 -4.32 23.19
C PRO A 87 34.14 -4.93 22.51
N GLU A 88 33.90 -5.61 21.40
CA GLU A 88 34.96 -6.16 20.57
C GLU A 88 34.80 -5.63 19.16
N VAL A 89 35.42 -4.49 18.86
CA VAL A 89 35.37 -3.97 17.51
C VAL A 89 36.05 -4.89 16.49
N THR A 90 35.77 -4.63 15.23
CA THR A 90 36.28 -5.42 14.13
C THR A 90 35.98 -4.61 12.89
N VAL A 91 36.93 -4.52 11.98
CA VAL A 91 36.70 -3.73 10.78
C VAL A 91 37.06 -4.54 9.58
N LEU A 92 36.17 -4.50 8.59
CA LEU A 92 36.46 -5.20 7.37
C LEU A 92 35.76 -4.49 6.25
N THR A 93 35.72 -5.16 5.11
CA THR A 93 35.20 -4.57 3.90
C THR A 93 34.03 -5.41 3.41
N ASN A 94 33.00 -4.73 2.88
CA ASN A 94 31.85 -5.43 2.28
C ASN A 94 32.23 -6.42 1.18
N SER A 95 32.80 -5.91 0.08
CA SER A 95 33.38 -6.79 -0.95
C SER A 95 34.91 -6.87 -0.78
N PRO A 96 35.56 -7.79 -1.49
CA PRO A 96 37.02 -7.71 -1.33
C PRO A 96 37.55 -6.45 -2.02
N VAL A 97 38.67 -5.95 -1.53
CA VAL A 97 39.23 -4.67 -1.96
C VAL A 97 39.81 -4.69 -3.39
N GLU A 98 39.74 -3.53 -4.06
CA GLU A 98 40.27 -3.35 -5.41
C GLU A 98 40.62 -1.84 -5.60
N LEU A 99 41.55 -1.49 -6.48
CA LEU A 99 42.01 -0.09 -6.68
C LEU A 99 41.18 0.61 -7.77
N ARG A 100 40.65 1.79 -7.44
CA ARG A 100 39.74 2.53 -8.33
C ARG A 100 38.30 2.04 -8.22
N GLU A 101 38.04 1.00 -7.42
CA GLU A 101 36.69 0.43 -7.28
C GLU A 101 36.04 0.72 -5.92
N PRO A 102 34.78 1.21 -5.93
CA PRO A 102 34.08 1.66 -4.71
C PRO A 102 33.82 0.54 -3.71
N ASN A 103 33.74 0.88 -2.42
CA ASN A 103 33.53 -0.13 -1.39
C ASN A 103 33.10 0.46 -0.04
N VAL A 104 32.60 -0.40 0.84
CA VAL A 104 32.11 0.04 2.14
C VAL A 104 32.86 -0.60 3.29
N LEU A 105 32.98 0.15 4.37
CA LEU A 105 33.78 -0.30 5.51
C LEU A 105 32.88 -0.53 6.71
N ILE A 106 32.74 -1.81 7.05
CA ILE A 106 31.89 -2.25 8.14
C ILE A 106 32.68 -2.24 9.46
N CYS A 107 32.11 -1.62 10.48
CA CYS A 107 32.69 -1.66 11.82
C CYS A 107 31.76 -2.39 12.76
N PHE A 108 32.15 -3.59 13.18
CA PHE A 108 31.25 -4.41 13.98
C PHE A 108 31.56 -4.26 15.47
N ILE A 109 30.55 -3.86 16.26
CA ILE A 109 30.78 -3.65 17.70
C ILE A 109 30.01 -4.66 18.53
N ASP A 110 30.72 -5.66 19.02
CA ASP A 110 30.08 -6.83 19.55
C ASP A 110 30.24 -7.01 21.04
N LYS A 111 29.25 -7.70 21.60
CA LYS A 111 29.34 -8.28 22.92
C LYS A 111 29.48 -7.26 24.03
N PHE A 112 28.73 -6.15 23.94
CA PHE A 112 28.81 -5.11 24.97
C PHE A 112 27.52 -4.83 25.73
N THR A 113 27.61 -3.89 26.67
CA THR A 113 26.51 -3.48 27.53
C THR A 113 26.99 -2.49 28.61
N PRO A 114 26.09 -1.61 29.08
CA PRO A 114 24.72 -1.38 28.59
C PRO A 114 24.77 -0.92 27.16
N PRO A 115 23.63 -0.93 26.48
CA PRO A 115 23.64 -0.56 25.06
C PRO A 115 23.72 0.95 24.94
N VAL A 116 24.92 1.47 25.18
CA VAL A 116 25.20 2.89 25.04
C VAL A 116 26.63 3.02 24.50
N VAL A 117 26.79 3.63 23.33
CA VAL A 117 28.11 3.71 22.71
C VAL A 117 28.26 4.88 21.78
N ASN A 118 29.53 5.22 21.53
CA ASN A 118 29.93 6.39 20.75
C ASN A 118 30.96 6.01 19.70
N VAL A 119 30.53 5.96 18.45
CA VAL A 119 31.37 5.47 17.36
C VAL A 119 31.65 6.63 16.41
N THR A 120 32.93 6.88 16.12
CA THR A 120 33.31 7.90 15.13
C THR A 120 34.14 7.24 14.04
N TRP A 121 34.10 7.81 12.84
CA TRP A 121 34.87 7.31 11.71
C TRP A 121 35.86 8.36 11.22
N LEU A 122 37.14 8.05 11.31
CA LEU A 122 38.19 8.98 10.91
C LEU A 122 39.14 8.36 9.88
N ARG A 123 39.82 9.22 9.14
CA ARG A 123 40.79 8.77 8.13
C ARG A 123 42.09 9.55 8.26
N ASN A 124 43.10 8.92 8.85
CA ASN A 124 44.39 9.56 9.07
C ASN A 124 44.35 10.35 10.36
N GLY A 125 43.57 9.85 11.29
CA GLY A 125 43.38 10.50 12.58
C GLY A 125 42.41 11.68 12.56
N LYS A 126 41.74 11.90 11.43
CA LYS A 126 40.75 12.98 11.35
C LYS A 126 39.33 12.51 11.03
N PRO A 127 38.37 12.91 11.88
CA PRO A 127 36.93 12.64 11.81
C PRO A 127 36.34 12.74 10.39
N VAL A 128 35.75 11.64 9.91
CA VAL A 128 34.99 11.67 8.65
C VAL A 128 33.58 11.11 8.85
N THR A 129 32.62 11.68 8.13
CA THR A 129 31.22 11.37 8.38
C THR A 129 30.38 11.59 7.14
N THR A 130 31.03 11.62 5.98
CA THR A 130 30.28 11.78 4.74
C THR A 130 29.75 10.43 4.28
N GLY A 131 28.44 10.25 4.33
CA GLY A 131 27.83 9.04 3.81
C GLY A 131 27.65 7.95 4.85
N VAL A 132 28.12 8.21 6.07
CA VAL A 132 28.01 7.24 7.15
C VAL A 132 26.57 6.77 7.38
N SER A 133 26.48 5.72 8.21
CA SER A 133 25.21 5.14 8.62
C SER A 133 25.45 4.15 9.77
N GLU A 134 24.40 3.83 10.50
CA GLU A 134 24.50 2.85 11.58
C GLU A 134 23.18 2.11 11.76
N THR A 135 23.20 1.06 12.56
CA THR A 135 21.99 0.32 12.88
C THR A 135 21.75 0.65 14.32
N VAL A 136 20.58 0.26 14.83
CA VAL A 136 20.36 0.43 16.26
C VAL A 136 21.02 -0.72 17.01
N PHE A 137 21.10 -0.61 18.33
CA PHE A 137 21.57 -1.72 19.15
C PHE A 137 20.79 -3.00 18.85
N LEU A 138 21.49 -4.07 18.49
CA LEU A 138 20.89 -5.33 18.11
C LEU A 138 21.07 -6.39 19.19
N PRO A 139 20.21 -7.42 19.21
CA PRO A 139 20.25 -8.45 20.28
C PRO A 139 21.21 -9.65 20.07
N ARG A 140 21.67 -10.17 21.19
CA ARG A 140 22.52 -11.35 21.21
C ARG A 140 21.91 -12.35 22.19
N GLU A 141 22.07 -13.62 21.89
CA GLU A 141 21.54 -14.66 22.74
C GLU A 141 22.10 -14.69 24.15
N ASP A 142 23.26 -14.05 24.35
CA ASP A 142 23.88 -13.92 25.67
C ASP A 142 23.44 -12.61 26.30
N HIS A 143 22.62 -11.88 25.55
CA HIS A 143 21.90 -10.73 26.06
C HIS A 143 22.79 -9.51 26.22
N LEU A 144 23.92 -9.55 25.52
CA LEU A 144 24.64 -8.33 25.21
C LEU A 144 24.06 -7.85 23.89
N PHE A 145 24.75 -6.91 23.25
CA PHE A 145 24.26 -6.30 22.03
C PHE A 145 25.32 -6.35 20.96
N ARG A 146 24.92 -6.05 19.73
CA ARG A 146 25.83 -5.81 18.63
C ARG A 146 25.49 -4.43 18.10
N LYS A 147 26.16 -4.05 17.04
CA LYS A 147 25.90 -2.77 16.39
C LYS A 147 26.85 -2.63 15.19
N PHE A 148 26.34 -2.07 14.10
CA PHE A 148 27.12 -1.97 12.88
C PHE A 148 27.17 -0.50 12.49
N HIS A 149 28.38 0.00 12.23
CA HIS A 149 28.53 1.30 11.57
C HIS A 149 29.13 1.16 10.17
N TYR A 150 28.60 1.91 9.22
CA TYR A 150 28.96 1.77 7.83
C TYR A 150 29.56 3.02 7.23
N LEU A 151 30.62 2.85 6.46
CA LEU A 151 31.26 3.97 5.81
C LEU A 151 31.66 3.63 4.39
N PRO A 152 30.92 4.13 3.40
CA PRO A 152 31.36 3.80 2.04
C PRO A 152 32.69 4.49 1.85
N PHE A 153 33.51 4.04 0.90
CA PHE A 153 34.80 4.67 0.64
C PHE A 153 35.42 4.21 -0.68
N LEU A 154 36.65 4.69 -0.93
CA LEU A 154 37.39 4.40 -2.14
C LEU A 154 38.80 3.91 -1.80
N PRO A 155 39.14 2.72 -2.31
CA PRO A 155 40.47 2.14 -2.18
C PRO A 155 41.55 3.12 -2.62
N SER A 156 42.41 3.48 -1.67
CA SER A 156 43.57 4.31 -1.96
C SER A 156 44.69 3.85 -1.05
N THR A 157 45.91 3.88 -1.56
CA THR A 157 47.08 3.38 -0.86
C THR A 157 47.41 4.25 0.35
N GLU A 158 47.26 5.57 0.14
CA GLU A 158 47.60 6.58 1.13
C GLU A 158 46.67 6.65 2.35
N ASP A 159 45.38 6.44 2.10
CA ASP A 159 44.35 6.57 3.14
C ASP A 159 44.47 5.48 4.23
N VAL A 160 44.37 5.89 5.49
CA VAL A 160 44.32 4.95 6.62
C VAL A 160 43.18 5.20 7.65
N TYR A 161 42.24 4.25 7.72
CA TYR A 161 40.98 4.39 8.47
C TYR A 161 41.01 3.77 9.85
N ASP A 162 40.26 4.36 10.77
CA ASP A 162 40.09 3.84 12.12
C ASP A 162 38.64 4.00 12.57
N CYS A 163 38.13 3.02 13.31
CA CYS A 163 36.79 3.11 13.85
C CYS A 163 36.94 3.44 15.33
N ARG A 164 36.76 4.71 15.65
CA ARG A 164 36.94 5.18 17.02
C ARG A 164 35.70 4.89 17.88
N VAL A 165 35.89 4.05 18.89
CA VAL A 165 34.78 3.49 19.64
C VAL A 165 34.97 3.64 21.14
N GLU A 166 34.02 4.33 21.77
CA GLU A 166 34.08 4.60 23.20
C GLU A 166 32.91 3.95 23.96
N HIS A 167 33.19 3.48 25.16
CA HIS A 167 32.19 2.77 25.95
C HIS A 167 32.66 2.60 27.40
N TRP A 168 31.73 2.78 28.34
CA TRP A 168 32.03 2.77 29.77
C TRP A 168 32.80 1.56 30.28
N GLY A 169 32.66 0.41 29.62
CA GLY A 169 33.40 -0.77 30.02
C GLY A 169 34.87 -0.64 29.64
N LEU A 170 35.11 0.15 28.58
CA LEU A 170 36.47 0.47 28.15
C LEU A 170 37.14 1.41 29.17
N ASP A 171 38.47 1.46 29.16
CA ASP A 171 39.18 2.38 30.05
C ASP A 171 39.75 3.56 29.26
N GLU A 172 39.56 3.52 27.94
CA GLU A 172 39.92 4.62 27.07
C GLU A 172 39.27 4.35 25.74
N PRO A 173 39.23 5.36 24.85
CA PRO A 173 38.72 5.05 23.51
C PRO A 173 39.51 3.92 22.90
N LEU A 174 38.94 3.37 21.82
CA LEU A 174 39.44 2.15 21.21
C LEU A 174 39.50 2.31 19.69
N LEU A 175 40.69 2.12 19.14
CA LEU A 175 40.92 2.24 17.70
C LEU A 175 41.15 0.90 17.02
N LYS A 176 40.45 0.68 15.90
CA LYS A 176 40.76 -0.43 15.01
C LYS A 176 41.27 0.11 13.69
N HIS A 177 42.58 0.05 13.55
CA HIS A 177 43.25 0.48 12.35
C HIS A 177 42.74 -0.36 11.20
N TRP A 178 42.62 0.27 10.04
CA TRP A 178 42.47 -0.49 8.83
C TRP A 178 43.14 0.27 7.72
N GLU A 179 43.76 -0.48 6.80
CA GLU A 179 44.29 0.12 5.59
C GLU A 179 44.34 -0.93 4.49
N PHE A 180 44.46 -0.48 3.25
CA PHE A 180 44.57 -1.38 2.10
C PHE A 180 45.87 -2.18 2.17
N ASP A 181 45.81 -3.45 1.81
CA ASP A 181 47.01 -4.28 1.76
C ASP A 181 47.23 -4.78 0.34
N PHE B 1 -0.49 -8.28 4.96
CA PHE B 1 -0.19 -6.94 5.41
C PHE B 1 -0.37 -6.99 6.92
N SER B 2 0.29 -6.09 7.63
CA SER B 2 0.02 -5.89 9.07
C SER B 2 0.69 -6.78 10.12
N TRP B 3 1.86 -6.34 10.59
CA TRP B 3 2.73 -7.07 11.52
C TRP B 3 2.27 -6.99 12.99
N GLY B 4 2.46 -8.06 13.75
CA GLY B 4 1.90 -8.08 15.08
C GLY B 4 2.90 -7.97 16.20
N ALA B 5 2.51 -7.39 17.31
CA ALA B 5 3.42 -7.28 18.44
C ALA B 5 2.82 -7.97 19.67
N GLU B 6 3.68 -8.58 20.47
CA GLU B 6 3.33 -9.01 21.81
C GLU B 6 3.61 -7.91 22.82
N GLY B 7 2.71 -7.74 23.79
CA GLY B 7 2.88 -6.78 24.87
C GLY B 7 3.39 -7.35 26.20
N GLN B 8 3.36 -6.51 27.24
CA GLN B 8 3.70 -6.92 28.60
C GLN B 8 2.78 -6.28 29.61
N ARG B 9 2.75 -6.86 30.78
CA ARG B 9 2.09 -6.23 31.92
C ARG B 9 3.11 -5.99 33.05
N PRO B 10 2.83 -5.02 33.93
CA PRO B 10 3.72 -4.78 35.06
C PRO B 10 3.85 -5.98 36.01
N GLY B 11 5.08 -6.17 36.48
CA GLY B 11 5.40 -7.19 37.46
C GLY B 11 4.77 -6.84 38.79
N PHE B 12 5.14 -7.57 39.84
CA PHE B 12 4.55 -7.37 41.16
C PHE B 12 5.23 -6.25 41.98
N GLY B 13 4.49 -5.17 42.30
CA GLY B 13 5.07 -4.02 43.00
C GLY B 13 4.70 -2.61 42.53
N SER B 14 5.68 -1.70 42.48
CA SER B 14 5.40 -0.28 42.21
C SER B 14 6.50 0.48 41.41
N GLY B 15 6.21 1.71 40.99
CA GLY B 15 7.19 2.61 40.36
C GLY B 15 8.13 3.22 41.40
N GLY B 16 8.91 4.25 41.07
CA GLY B 16 8.88 4.91 39.78
C GLY B 16 9.94 6.00 39.69
N ASP B 31 29.74 11.34 33.23
CA ASP B 31 28.59 10.44 33.31
C ASP B 31 29.05 9.10 33.81
N THR B 32 29.08 8.94 35.12
CA THR B 32 29.58 7.73 35.76
C THR B 32 28.50 7.04 36.62
N ARG B 33 27.29 7.58 36.62
CA ARG B 33 26.22 7.07 37.48
C ARG B 33 25.82 5.63 37.15
N PRO B 34 25.54 4.82 38.17
CA PRO B 34 25.17 3.42 37.94
C PRO B 34 23.97 3.25 36.99
N ARG B 35 23.98 2.20 36.17
CA ARG B 35 22.92 1.96 35.20
C ARG B 35 21.98 0.84 35.62
N PHE B 36 20.74 0.92 35.16
CA PHE B 36 19.82 -0.19 35.30
C PHE B 36 19.12 -0.46 33.98
N LEU B 37 19.16 -1.72 33.54
CA LEU B 37 18.62 -2.11 32.24
C LEU B 37 17.51 -3.16 32.37
N GLU B 38 16.43 -2.96 31.63
CA GLU B 38 15.37 -3.96 31.56
C GLU B 38 15.28 -4.41 30.11
N GLN B 39 15.18 -5.72 29.92
CA GLN B 39 14.99 -6.28 28.60
C GLN B 39 13.77 -7.20 28.57
N VAL B 40 13.04 -7.17 27.46
CA VAL B 40 12.05 -8.21 27.20
C VAL B 40 12.35 -8.79 25.81
N LYS B 41 12.31 -10.11 25.70
CA LYS B 41 12.47 -10.72 24.40
C LYS B 41 11.30 -11.63 24.15
N HIS B 42 10.50 -11.33 23.15
CA HIS B 42 9.43 -12.22 22.73
C HIS B 42 9.95 -12.93 21.52
N GLU B 43 10.00 -14.26 21.63
CA GLU B 43 10.73 -15.11 20.71
C GLU B 43 9.84 -16.15 20.05
N CYS B 44 9.95 -16.26 18.74
CA CYS B 44 9.24 -17.28 17.98
C CYS B 44 10.23 -18.21 17.32
N HIS B 45 10.16 -19.50 17.64
CA HIS B 45 11.05 -20.46 17.01
C HIS B 45 10.27 -21.34 16.09
N PHE B 46 10.70 -21.38 14.84
CA PHE B 46 10.05 -22.16 13.80
C PHE B 46 10.93 -23.30 13.37
N PHE B 47 10.33 -24.48 13.28
CA PHE B 47 11.04 -25.67 12.83
C PHE B 47 10.27 -26.28 11.67
N ASN B 48 10.91 -26.40 10.52
CA ASN B 48 10.22 -26.95 9.36
C ASN B 48 9.02 -26.07 8.99
N GLY B 49 9.32 -24.83 8.62
CA GLY B 49 8.29 -23.83 8.41
C GLY B 49 7.53 -23.52 9.68
N THR B 50 6.22 -23.45 9.56
CA THR B 50 5.35 -23.23 10.72
C THR B 50 4.75 -24.52 11.27
N GLU B 51 5.44 -25.64 11.10
CA GLU B 51 4.86 -26.91 11.48
C GLU B 51 4.88 -27.10 12.97
N ARG B 52 6.07 -27.12 13.53
CA ARG B 52 6.21 -27.06 14.96
C ARG B 52 6.71 -25.64 15.24
N VAL B 53 6.13 -24.96 16.22
CA VAL B 53 6.51 -23.59 16.56
C VAL B 53 6.58 -23.47 18.07
N ARG B 54 7.57 -22.75 18.56
CA ARG B 54 7.69 -22.59 20.00
C ARG B 54 7.79 -21.13 20.34
N PHE B 55 7.17 -20.71 21.44
CA PHE B 55 7.06 -19.29 21.82
C PHE B 55 7.58 -19.00 23.22
N LEU B 56 8.51 -18.06 23.31
CA LEU B 56 9.05 -17.74 24.62
C LEU B 56 8.87 -16.27 24.98
N ASP B 57 8.13 -16.02 26.04
CA ASP B 57 7.99 -14.67 26.56
C ASP B 57 9.03 -14.42 27.64
N ARG B 58 10.11 -13.71 27.28
CA ARG B 58 11.31 -13.68 28.12
C ARG B 58 11.61 -12.33 28.79
N TYR B 59 11.86 -12.36 30.10
CA TYR B 59 12.06 -11.14 30.87
C TYR B 59 13.47 -11.04 31.46
N PHE B 60 14.11 -9.89 31.26
CA PHE B 60 15.52 -9.69 31.67
C PHE B 60 15.82 -8.45 32.54
N TYR B 61 16.62 -8.68 33.58
CA TYR B 61 17.20 -7.62 34.39
C TYR B 61 18.70 -7.62 34.16
N HIS B 62 19.19 -6.52 33.58
CA HIS B 62 20.58 -6.51 33.21
C HIS B 62 20.59 -7.62 32.17
N GLN B 63 21.39 -8.63 32.42
CA GLN B 63 21.55 -9.73 31.45
C GLN B 63 20.98 -11.06 31.94
N GLU B 64 20.16 -10.99 32.98
CA GLU B 64 19.68 -12.20 33.64
C GLU B 64 18.23 -12.49 33.39
N GLU B 65 17.96 -13.71 32.95
CA GLU B 65 16.60 -14.15 32.71
C GLU B 65 15.95 -14.53 34.04
N TYR B 66 15.06 -13.67 34.52
CA TYR B 66 14.35 -13.91 35.79
C TYR B 66 12.98 -14.60 35.73
N VAL B 67 12.27 -14.43 34.63
CA VAL B 67 10.98 -15.10 34.50
C VAL B 67 10.68 -15.33 33.03
N ARG B 68 9.92 -16.39 32.76
CA ARG B 68 9.74 -16.87 31.40
C ARG B 68 8.36 -17.48 31.15
N PHE B 69 7.74 -17.14 30.00
CA PHE B 69 6.67 -17.99 29.52
C PHE B 69 7.20 -18.81 28.36
N ASP B 70 7.13 -20.12 28.54
CA ASP B 70 7.47 -21.05 27.49
C ASP B 70 6.21 -21.82 27.01
N SER B 71 5.82 -21.57 25.76
CA SER B 71 4.62 -22.18 25.17
C SER B 71 4.57 -23.69 25.42
N ASP B 72 5.74 -24.34 25.39
CA ASP B 72 5.84 -25.76 25.69
C ASP B 72 5.58 -26.11 27.15
N VAL B 73 5.66 -25.13 28.04
CA VAL B 73 5.25 -25.37 29.43
C VAL B 73 3.82 -24.96 29.69
N GLY B 74 3.43 -23.80 29.18
CA GLY B 74 2.05 -23.38 29.32
C GLY B 74 1.78 -22.33 30.39
N GLU B 75 2.82 -21.96 31.12
CA GLU B 75 2.64 -20.93 32.11
C GLU B 75 3.96 -20.28 32.42
N TYR B 76 3.91 -19.18 33.15
CA TYR B 76 5.12 -18.51 33.54
C TYR B 76 5.83 -19.32 34.65
N ARG B 77 7.15 -19.33 34.57
CA ARG B 77 7.98 -20.03 35.55
C ARG B 77 9.18 -19.13 35.86
N ALA B 78 9.47 -19.01 37.16
CA ALA B 78 10.67 -18.31 37.61
C ALA B 78 11.89 -18.96 36.99
N VAL B 79 12.86 -18.13 36.58
CA VAL B 79 14.14 -18.65 36.10
C VAL B 79 15.22 -18.47 37.17
N THR B 80 15.18 -17.31 37.84
CA THR B 80 15.96 -17.09 39.06
C THR B 80 15.00 -16.71 40.17
N GLU B 81 15.52 -16.59 41.39
CA GLU B 81 14.68 -16.23 42.52
C GLU B 81 14.07 -14.82 42.35
N LEU B 82 14.63 -14.04 41.43
CA LEU B 82 14.16 -12.67 41.20
C LEU B 82 12.73 -12.66 40.64
N GLY B 83 12.44 -13.60 39.74
CA GLY B 83 11.19 -13.65 39.02
C GLY B 83 10.13 -14.42 39.77
N ARG B 84 10.48 -15.01 40.89
CA ARG B 84 9.53 -15.83 41.62
C ARG B 84 8.19 -15.09 41.78
N PRO B 85 8.22 -13.85 42.32
CA PRO B 85 6.95 -13.13 42.52
C PRO B 85 6.24 -12.77 41.21
N ASP B 86 6.97 -12.61 40.10
CA ASP B 86 6.29 -12.38 38.83
C ASP B 86 5.61 -13.65 38.29
N ALA B 87 6.20 -14.81 38.47
CA ALA B 87 5.48 -16.00 38.04
C ALA B 87 4.10 -16.09 38.70
N GLU B 88 4.05 -16.01 40.01
CA GLU B 88 2.76 -16.14 40.71
C GLU B 88 1.81 -15.09 40.20
N TYR B 89 2.31 -13.86 40.10
CA TYR B 89 1.45 -12.72 39.79
C TYR B 89 0.78 -12.87 38.44
N TRP B 90 1.58 -13.13 37.42
CA TRP B 90 1.08 -13.23 36.06
C TRP B 90 0.20 -14.45 35.86
N ASN B 91 0.59 -15.57 36.47
CA ASN B 91 -0.11 -16.82 36.26
C ASN B 91 -1.54 -16.79 36.86
N SER B 92 -1.88 -15.68 37.50
CA SER B 92 -3.17 -15.51 38.17
C SER B 92 -4.09 -14.67 37.30
N GLN B 93 -3.49 -13.96 36.36
CA GLN B 93 -4.23 -13.28 35.31
C GLN B 93 -4.59 -14.28 34.21
N LYS B 94 -5.69 -14.99 34.41
CA LYS B 94 -6.07 -16.08 33.51
C LYS B 94 -6.19 -15.62 32.04
N ASP B 95 -6.54 -14.35 31.83
CA ASP B 95 -6.61 -13.80 30.46
C ASP B 95 -5.21 -13.68 29.82
N LEU B 96 -4.23 -13.24 30.60
CA LEU B 96 -2.85 -13.12 30.16
C LEU B 96 -2.31 -14.46 29.67
N LEU B 97 -2.59 -15.52 30.41
CA LEU B 97 -2.18 -16.88 30.06
C LEU B 97 -2.89 -17.40 28.81
N GLU B 98 -4.19 -17.15 28.73
CA GLU B 98 -4.91 -17.55 27.56
C GLU B 98 -4.26 -16.95 26.33
N GLN B 99 -4.01 -15.65 26.36
CA GLN B 99 -3.32 -14.94 25.28
C GLN B 99 -1.94 -15.45 24.90
N LYS B 100 -1.09 -15.64 25.91
CA LYS B 100 0.27 -16.13 25.66
C LYS B 100 0.27 -17.52 25.06
N ARG B 101 -0.77 -18.27 25.36
CA ARG B 101 -0.89 -19.63 24.88
C ARG B 101 -1.36 -19.67 23.45
N ALA B 102 -1.84 -18.53 22.96
CA ALA B 102 -2.32 -18.46 21.58
C ALA B 102 -1.22 -17.93 20.72
N ALA B 103 -0.25 -17.30 21.35
CA ALA B 103 0.80 -16.60 20.60
C ALA B 103 1.43 -17.45 19.50
N VAL B 104 1.50 -18.76 19.69
CA VAL B 104 2.17 -19.58 18.71
C VAL B 104 1.47 -19.33 17.39
N ASP B 105 0.16 -19.12 17.45
CA ASP B 105 -0.65 -18.92 16.22
C ASP B 105 -0.98 -17.48 15.87
N THR B 106 -1.39 -16.71 16.87
CA THR B 106 -1.82 -15.33 16.65
C THR B 106 -0.66 -14.33 16.44
N TYR B 107 0.54 -14.73 16.85
CA TYR B 107 1.71 -13.84 16.77
C TYR B 107 2.78 -14.50 15.90
N CYS B 108 3.37 -15.60 16.37
CA CYS B 108 4.40 -16.30 15.60
C CYS B 108 3.94 -16.71 14.19
N ARG B 109 2.99 -17.63 14.11
CA ARG B 109 2.53 -18.06 12.79
C ARG B 109 2.01 -16.89 11.97
N HIS B 110 1.38 -15.94 12.63
CA HIS B 110 0.98 -14.71 12.00
C HIS B 110 2.11 -14.01 11.27
N ASN B 111 3.14 -13.64 12.03
CA ASN B 111 4.21 -12.85 11.47
C ASN B 111 5.03 -13.63 10.44
N TYR B 112 5.08 -14.96 10.60
CA TYR B 112 5.88 -15.76 9.69
C TYR B 112 5.22 -15.64 8.35
N GLY B 113 3.90 -15.70 8.37
CA GLY B 113 3.12 -15.54 7.16
C GLY B 113 3.26 -14.17 6.52
N VAL B 114 3.24 -13.11 7.32
CA VAL B 114 3.38 -11.77 6.77
C VAL B 114 4.81 -11.53 6.28
N GLY B 115 5.79 -12.20 6.91
CA GLY B 115 7.18 -11.90 6.62
C GLY B 115 7.78 -12.87 5.62
N GLU B 116 7.09 -13.99 5.44
CA GLU B 116 7.60 -15.11 4.68
C GLU B 116 8.30 -14.79 3.36
N SER B 117 7.61 -14.07 2.49
CA SER B 117 8.11 -13.72 1.16
C SER B 117 9.40 -12.87 1.12
N PHE B 118 9.69 -12.12 2.16
CA PHE B 118 10.88 -11.30 2.10
C PHE B 118 11.90 -11.54 3.22
N THR B 119 11.68 -12.58 4.03
CA THR B 119 12.70 -13.02 4.96
C THR B 119 13.10 -14.46 4.63
N VAL B 120 12.20 -15.40 4.91
CA VAL B 120 12.40 -16.84 4.70
C VAL B 120 12.72 -17.18 3.24
N GLN B 121 12.09 -16.45 2.33
CA GLN B 121 12.20 -16.70 0.90
C GLN B 121 13.16 -15.73 0.17
N ARG B 122 13.68 -14.73 0.89
CA ARG B 122 14.74 -13.90 0.36
C ARG B 122 15.93 -14.74 -0.16
N ARG B 123 16.38 -14.42 -1.35
CA ARG B 123 17.53 -15.11 -1.92
C ARG B 123 18.42 -14.09 -2.58
N VAL B 124 19.69 -14.06 -2.20
CA VAL B 124 20.65 -13.30 -3.00
C VAL B 124 21.86 -14.12 -3.40
N TYR B 125 22.20 -14.05 -4.69
CA TYR B 125 23.36 -14.75 -5.27
C TYR B 125 24.63 -14.36 -4.56
N PRO B 126 25.45 -15.37 -4.26
CA PRO B 126 26.81 -15.15 -3.79
C PRO B 126 27.63 -14.87 -5.04
N GLU B 127 28.51 -13.90 -4.94
CA GLU B 127 29.69 -13.80 -5.80
C GLU B 127 30.92 -14.34 -5.08
N VAL B 128 31.51 -15.39 -5.65
CA VAL B 128 32.66 -16.03 -5.03
C VAL B 128 33.96 -15.73 -5.76
N THR B 129 34.69 -14.73 -5.28
CA THR B 129 35.99 -14.40 -5.85
C THR B 129 37.09 -15.32 -5.25
N VAL B 130 38.22 -15.46 -5.95
CA VAL B 130 39.35 -16.28 -5.49
C VAL B 130 40.73 -15.64 -5.78
N TYR B 131 41.51 -15.45 -4.72
CA TYR B 131 42.82 -14.76 -4.78
C TYR B 131 43.66 -15.00 -3.52
N PRO B 132 44.96 -14.66 -3.55
CA PRO B 132 45.81 -14.81 -2.36
C PRO B 132 46.41 -13.47 -1.92
N ALA B 133 46.94 -13.37 -0.71
CA ALA B 133 47.62 -12.12 -0.27
C ALA B 133 48.23 -12.15 1.13
N LEU B 143 48.85 -20.20 -0.23
CA LEU B 143 47.59 -20.10 0.53
C LEU B 143 46.49 -19.26 -0.17
N LEU B 144 45.54 -19.92 -0.81
CA LEU B 144 44.52 -19.23 -1.60
C LEU B 144 43.26 -18.81 -0.83
N VAL B 145 42.96 -17.52 -0.88
CA VAL B 145 41.69 -17.01 -0.38
C VAL B 145 40.59 -17.16 -1.43
N CYS B 146 39.58 -17.96 -1.10
CA CYS B 146 38.35 -17.97 -1.89
C CYS B 146 37.25 -17.27 -1.12
N SER B 147 36.99 -16.02 -1.49
CA SER B 147 36.14 -15.12 -0.70
C SER B 147 34.75 -14.91 -1.27
N VAL B 148 33.73 -15.29 -0.50
CA VAL B 148 32.35 -15.24 -0.98
C VAL B 148 31.53 -14.14 -0.32
N ASN B 149 30.94 -13.27 -1.12
CA ASN B 149 30.33 -12.06 -0.59
C ASN B 149 28.89 -11.77 -0.96
N GLY B 150 28.22 -11.02 -0.10
CA GLY B 150 26.86 -10.55 -0.33
C GLY B 150 25.80 -11.56 -0.75
N PHE B 151 25.68 -12.67 -0.03
CA PHE B 151 24.64 -13.66 -0.33
C PHE B 151 23.59 -13.70 0.80
N TYR B 152 22.37 -14.13 0.45
CA TYR B 152 21.34 -14.41 1.43
C TYR B 152 20.54 -15.65 1.02
N PRO B 153 20.28 -16.55 1.96
CA PRO B 153 20.54 -16.59 3.40
C PRO B 153 21.92 -17.19 3.74
N GLY B 154 22.28 -17.14 5.01
CA GLY B 154 23.56 -17.62 5.52
C GLY B 154 23.97 -19.04 5.16
N SER B 155 23.02 -19.97 5.11
CA SER B 155 23.34 -21.36 4.76
C SER B 155 24.18 -21.42 3.46
N ILE B 156 25.37 -22.00 3.50
CA ILE B 156 26.22 -22.05 2.32
C ILE B 156 27.25 -23.13 2.51
N GLU B 157 27.72 -23.75 1.43
CA GLU B 157 28.85 -24.66 1.52
C GLU B 157 30.02 -24.20 0.68
N VAL B 158 31.22 -24.16 1.24
CA VAL B 158 32.37 -23.77 0.42
C VAL B 158 33.43 -24.87 0.40
N ARG B 159 33.50 -25.59 -0.71
CA ARG B 159 34.43 -26.71 -0.92
C ARG B 159 35.68 -26.35 -1.73
N TRP B 160 36.85 -26.70 -1.23
CA TRP B 160 38.05 -26.48 -2.01
C TRP B 160 38.39 -27.73 -2.81
N PHE B 161 38.84 -27.54 -4.04
CA PHE B 161 39.16 -28.66 -4.91
C PHE B 161 40.56 -28.61 -5.52
N ARG B 162 41.17 -29.78 -5.56
CA ARG B 162 42.50 -29.96 -6.12
C ARG B 162 42.37 -31.01 -7.21
N ASN B 163 42.53 -30.59 -8.46
CA ASN B 163 42.33 -31.48 -9.59
C ASN B 163 41.18 -32.44 -9.33
N GLY B 164 39.97 -31.88 -9.22
CA GLY B 164 38.76 -32.67 -9.09
C GLY B 164 38.67 -33.51 -7.83
N GLN B 165 39.55 -33.25 -6.87
CA GLN B 165 39.55 -33.99 -5.62
C GLN B 165 39.40 -33.01 -4.48
N GLU B 166 38.46 -33.27 -3.57
CA GLU B 166 38.16 -32.29 -2.52
C GLU B 166 39.23 -32.24 -1.44
N GLU B 167 39.86 -31.07 -1.31
CA GLU B 167 40.85 -30.90 -0.26
C GLU B 167 40.18 -30.54 1.06
N LYS B 168 40.00 -31.53 1.91
CA LYS B 168 39.49 -31.26 3.26
C LYS B 168 40.55 -30.79 4.28
N THR B 169 41.82 -31.14 4.07
CA THR B 169 42.89 -30.77 5.05
C THR B 169 43.69 -29.55 4.63
N GLY B 170 44.03 -28.71 5.59
CA GLY B 170 44.77 -27.51 5.26
C GLY B 170 43.84 -26.46 4.74
N VAL B 171 42.58 -26.62 5.10
CA VAL B 171 41.57 -25.60 4.88
C VAL B 171 41.25 -25.02 6.22
N VAL B 172 41.23 -23.70 6.27
CA VAL B 172 40.93 -22.93 7.47
C VAL B 172 39.99 -21.79 7.04
N SER B 173 39.05 -21.39 7.90
CA SER B 173 38.06 -20.39 7.44
C SER B 173 37.64 -19.26 8.38
N THR B 174 36.90 -18.32 7.81
CA THR B 174 36.52 -17.13 8.55
C THR B 174 35.28 -17.37 9.39
N GLY B 175 34.54 -18.41 9.05
CA GLY B 175 33.20 -18.57 9.58
C GLY B 175 32.21 -17.79 8.74
N LEU B 176 30.95 -17.78 9.16
CA LEU B 176 29.92 -17.07 8.43
C LEU B 176 29.93 -15.67 8.98
N ILE B 177 30.00 -14.67 8.12
CA ILE B 177 30.02 -13.29 8.60
C ILE B 177 28.78 -12.52 8.24
N GLN B 178 28.12 -12.03 9.28
CA GLN B 178 26.85 -11.36 9.13
C GLN B 178 27.12 -9.87 8.95
N ASN B 179 26.82 -9.35 7.77
CA ASN B 179 27.11 -7.94 7.46
C ASN B 179 26.21 -6.94 8.19
N GLY B 180 25.01 -7.36 8.58
CA GLY B 180 24.11 -6.48 9.32
C GLY B 180 23.08 -5.82 8.42
N ASP B 181 23.24 -6.02 7.12
CA ASP B 181 22.38 -5.37 6.14
C ASP B 181 21.71 -6.43 5.28
N TRP B 182 21.49 -7.60 5.86
CA TRP B 182 20.80 -8.71 5.21
C TRP B 182 21.63 -9.37 4.09
N THR B 183 22.97 -9.36 4.26
CA THR B 183 23.91 -10.11 3.42
C THR B 183 24.98 -10.76 4.26
N PHE B 184 25.53 -11.85 3.75
CA PHE B 184 26.61 -12.53 4.44
C PHE B 184 27.90 -12.46 3.62
N GLN B 185 29.03 -12.68 4.26
CA GLN B 185 30.25 -12.95 3.51
C GLN B 185 31.08 -13.95 4.26
N THR B 186 31.80 -14.81 3.52
CA THR B 186 32.70 -15.79 4.15
C THR B 186 33.98 -16.06 3.33
N LEU B 187 35.11 -16.13 4.03
CA LEU B 187 36.44 -16.36 3.42
C LEU B 187 36.99 -17.73 3.80
N VAL B 188 37.16 -18.61 2.82
CA VAL B 188 37.70 -19.93 3.08
C VAL B 188 39.05 -20.14 2.39
N MET B 189 40.11 -20.15 3.20
CA MET B 189 41.47 -20.22 2.69
C MET B 189 42.04 -21.65 2.63
N LEU B 190 42.62 -22.00 1.48
CA LEU B 190 43.26 -23.31 1.29
C LEU B 190 44.76 -23.19 1.23
N GLU B 191 45.44 -24.07 1.96
CA GLU B 191 46.90 -24.14 1.94
C GLU B 191 47.38 -24.92 0.73
N THR B 192 48.18 -24.26 -0.12
CA THR B 192 48.69 -24.85 -1.35
C THR B 192 50.22 -24.97 -1.38
N VAL B 193 50.72 -26.07 -1.94
CA VAL B 193 52.16 -26.24 -2.19
C VAL B 193 52.61 -25.28 -3.29
N PRO B 194 53.38 -24.24 -2.93
CA PRO B 194 53.63 -23.06 -3.78
C PRO B 194 54.41 -23.32 -5.07
N ARG B 195 53.86 -24.18 -5.92
CA ARG B 195 54.37 -24.42 -7.26
C ARG B 195 53.14 -24.60 -8.14
N SER B 196 53.20 -24.10 -9.37
CA SER B 196 52.04 -24.18 -10.25
C SER B 196 51.80 -25.62 -10.71
N GLY B 197 51.68 -26.53 -9.76
CA GLY B 197 51.45 -27.94 -10.05
C GLY B 197 50.15 -28.23 -10.78
N GLU B 198 49.05 -27.63 -10.34
CA GLU B 198 47.73 -28.04 -10.84
C GLU B 198 46.61 -27.04 -10.55
N VAL B 199 45.44 -27.28 -11.13
CA VAL B 199 44.28 -26.38 -10.99
C VAL B 199 43.59 -26.47 -9.63
N TYR B 200 43.23 -25.30 -9.10
CA TYR B 200 42.49 -25.24 -7.84
C TYR B 200 41.08 -24.66 -8.05
N THR B 201 40.09 -25.48 -7.74
CA THR B 201 38.69 -25.16 -7.96
C THR B 201 38.03 -24.87 -6.61
N CYS B 202 37.57 -23.63 -6.42
CA CYS B 202 36.76 -23.31 -5.25
C CYS B 202 35.30 -23.31 -5.64
N GLN B 203 34.54 -24.27 -5.11
CA GLN B 203 33.14 -24.44 -5.48
C GLN B 203 32.13 -24.12 -4.38
N VAL B 204 31.25 -23.16 -4.69
CA VAL B 204 30.24 -22.69 -3.76
C VAL B 204 28.85 -23.25 -4.07
N GLU B 205 28.13 -23.66 -3.04
CA GLU B 205 26.75 -24.09 -3.17
C GLU B 205 25.83 -23.30 -2.24
N HIS B 206 24.68 -22.88 -2.76
CA HIS B 206 23.82 -21.95 -2.05
C HIS B 206 22.39 -21.99 -2.56
N PRO B 207 21.43 -21.75 -1.67
CA PRO B 207 20.03 -21.90 -2.09
C PRO B 207 19.65 -20.91 -3.20
N SER B 208 20.44 -19.87 -3.40
CA SER B 208 20.23 -18.99 -4.53
C SER B 208 20.66 -19.59 -5.87
N LEU B 209 21.40 -20.68 -5.83
CA LEU B 209 21.92 -21.29 -7.08
C LEU B 209 21.33 -22.69 -7.33
N THR B 210 21.17 -23.06 -8.61
CA THR B 210 20.61 -24.37 -8.96
C THR B 210 21.72 -25.34 -9.30
N SER B 211 22.88 -24.77 -9.62
CA SER B 211 24.07 -25.55 -9.90
C SER B 211 25.26 -24.91 -9.23
N PRO B 212 26.07 -25.75 -8.57
CA PRO B 212 27.33 -25.35 -7.96
C PRO B 212 27.98 -24.27 -8.79
N LEU B 213 28.45 -23.22 -8.16
CA LEU B 213 29.16 -22.19 -8.84
C LEU B 213 30.63 -22.44 -8.55
N THR B 214 31.40 -22.82 -9.58
CA THR B 214 32.82 -23.13 -9.42
C THR B 214 33.70 -21.97 -9.90
N VAL B 215 34.95 -21.96 -9.46
CA VAL B 215 35.86 -20.89 -9.83
C VAL B 215 37.32 -21.33 -9.81
N GLU B 216 37.91 -21.47 -10.99
CA GLU B 216 39.23 -22.06 -11.12
C GLU B 216 40.38 -21.08 -10.95
N TRP B 217 41.56 -21.67 -10.73
CA TRP B 217 42.83 -20.98 -10.66
C TRP B 217 43.90 -22.02 -10.97
N ARG B 218 44.81 -21.70 -11.89
CA ARG B 218 45.93 -22.60 -12.18
C ARG B 218 47.19 -21.78 -12.49
N ALA C 3 -13.70 2.04 14.05
CA ALA C 3 -12.79 2.56 13.03
C ALA C 3 -12.70 1.62 11.84
N LYS C 4 -12.50 0.33 12.12
CA LYS C 4 -12.39 -0.67 11.07
C LYS C 4 -13.59 -1.62 11.09
N THR C 5 -14.69 -1.16 11.68
CA THR C 5 -15.90 -1.97 11.76
C THR C 5 -17.10 -1.22 11.19
N THR C 6 -18.16 -1.98 10.92
CA THR C 6 -19.37 -1.41 10.36
C THR C 6 -20.64 -2.06 10.93
N GLN C 7 -21.51 -1.21 11.48
CA GLN C 7 -22.73 -1.67 12.09
C GLN C 7 -23.95 -0.95 11.56
N PRO C 8 -25.10 -1.61 11.72
CA PRO C 8 -26.41 -0.96 11.55
C PRO C 8 -26.53 0.09 12.65
N ASN C 9 -26.87 1.33 12.30
CA ASN C 9 -27.04 2.40 13.31
C ASN C 9 -28.02 2.08 14.43
N SER C 10 -29.09 1.37 14.11
CA SER C 10 -30.03 1.00 15.14
C SER C 10 -30.79 -0.28 14.85
N MET C 11 -31.31 -0.89 15.91
CA MET C 11 -32.08 -2.10 15.78
C MET C 11 -33.26 -2.02 16.72
N GLU C 12 -34.38 -2.61 16.31
CA GLU C 12 -35.54 -2.72 17.17
C GLU C 12 -35.72 -4.18 17.55
N SER C 13 -36.30 -4.44 18.72
CA SER C 13 -36.48 -5.80 19.19
C SER C 13 -37.49 -5.91 20.35
N ASN C 14 -38.09 -7.08 20.53
CA ASN C 14 -39.03 -7.28 21.63
C ASN C 14 -38.36 -7.94 22.81
N GLU C 15 -38.84 -7.69 24.03
CA GLU C 15 -38.25 -8.35 25.17
C GLU C 15 -38.55 -9.84 25.09
N GLU C 16 -37.85 -10.63 25.90
CA GLU C 16 -38.06 -12.07 25.91
C GLU C 16 -37.65 -12.76 24.59
N GLU C 17 -37.21 -11.99 23.61
CA GLU C 17 -36.70 -12.57 22.35
C GLU C 17 -35.19 -12.37 22.27
N PRO C 18 -34.50 -13.24 21.53
CA PRO C 18 -33.05 -13.13 21.36
C PRO C 18 -32.75 -12.14 20.27
N VAL C 19 -31.66 -11.42 20.41
CA VAL C 19 -31.32 -10.42 19.42
C VAL C 19 -29.92 -10.66 18.87
N HIS C 20 -29.78 -10.47 17.57
CA HIS C 20 -28.55 -10.75 16.85
C HIS C 20 -27.98 -9.48 16.26
N LEU C 21 -26.96 -8.95 16.90
CA LEU C 21 -26.34 -7.72 16.44
C LEU C 21 -25.15 -8.00 15.51
N PRO C 22 -25.27 -7.56 14.25
CA PRO C 22 -24.35 -7.79 13.14
C PRO C 22 -23.27 -6.72 13.04
N CYS C 23 -22.07 -7.13 12.63
CA CYS C 23 -20.94 -6.24 12.51
C CYS C 23 -20.16 -6.75 11.35
N ASN C 24 -19.71 -5.84 10.50
CA ASN C 24 -18.73 -6.17 9.45
C ASN C 24 -17.36 -5.63 9.80
N HIS C 25 -16.33 -6.42 9.53
CA HIS C 25 -14.93 -6.06 9.76
C HIS C 25 -14.06 -6.90 8.82
N SER C 26 -14.09 -6.53 7.55
CA SER C 26 -13.54 -7.35 6.47
C SER C 26 -12.01 -7.28 6.24
N THR C 27 -11.31 -6.42 6.96
CA THR C 27 -9.88 -6.19 6.77
C THR C 27 -9.13 -6.53 8.05
N ILE C 28 -9.83 -7.16 8.98
CA ILE C 28 -9.27 -7.45 10.27
C ILE C 28 -8.13 -8.45 10.14
N SER C 29 -7.05 -8.13 10.82
CA SER C 29 -5.83 -8.89 10.88
C SER C 29 -6.02 -10.12 11.76
N GLY C 30 -5.24 -11.17 11.51
CA GLY C 30 -5.41 -12.42 12.22
C GLY C 30 -4.71 -12.37 13.55
N THR C 31 -4.23 -11.18 13.88
CA THR C 31 -3.57 -10.97 15.15
C THR C 31 -4.44 -10.09 16.06
N ASP C 32 -5.50 -9.49 15.49
CA ASP C 32 -6.44 -8.68 16.25
C ASP C 32 -7.68 -9.47 16.67
N TYR C 33 -8.33 -9.04 17.73
CA TYR C 33 -9.51 -9.71 18.24
C TYR C 33 -10.75 -8.87 17.97
N ILE C 34 -11.92 -9.49 17.88
CA ILE C 34 -13.18 -8.73 17.83
C ILE C 34 -13.71 -8.49 19.25
N HIS C 35 -13.91 -7.21 19.59
CA HIS C 35 -14.36 -6.82 20.93
C HIS C 35 -15.73 -6.16 20.84
N TRP C 36 -16.58 -6.40 21.84
CA TRP C 36 -17.86 -5.68 21.95
C TRP C 36 -18.05 -4.97 23.29
N TYR C 37 -18.50 -3.72 23.23
CA TYR C 37 -18.71 -2.90 24.42
C TYR C 37 -20.14 -2.44 24.39
N ARG C 38 -20.73 -2.18 25.54
CA ARG C 38 -22.00 -1.48 25.48
C ARG C 38 -21.97 -0.30 26.40
N GLN C 39 -22.75 0.71 26.04
CA GLN C 39 -22.87 1.92 26.82
C GLN C 39 -24.32 2.19 27.15
N LEU C 40 -24.64 2.29 28.45
CA LEU C 40 -25.94 2.79 28.88
C LEU C 40 -26.01 4.29 28.69
N PRO C 41 -27.15 4.89 28.81
CA PRO C 41 -27.39 6.25 28.37
C PRO C 41 -26.43 7.30 28.93
N SER C 42 -26.06 7.29 30.20
CA SER C 42 -24.99 8.21 30.60
C SER C 42 -23.89 7.58 31.43
N GLN C 43 -23.22 6.58 30.85
CA GLN C 43 -22.15 5.94 31.58
C GLN C 43 -20.97 5.70 30.69
N GLY C 44 -19.86 5.28 31.30
CA GLY C 44 -18.72 4.86 30.52
C GLY C 44 -19.14 3.61 29.78
N PRO C 45 -18.34 3.21 28.78
CA PRO C 45 -18.65 1.97 28.07
C PRO C 45 -18.19 0.76 28.91
N GLU C 46 -18.76 -0.41 28.68
CA GLU C 46 -18.31 -1.59 29.41
C GLU C 46 -18.16 -2.80 28.52
N TYR C 47 -17.21 -3.64 28.87
CA TYR C 47 -16.91 -4.80 28.09
C TYR C 47 -18.05 -5.76 28.11
N VAL C 48 -18.40 -6.31 26.96
CA VAL C 48 -19.38 -7.38 26.93
C VAL C 48 -18.78 -8.73 26.62
N ILE C 49 -17.85 -8.76 25.67
CA ILE C 49 -17.29 -10.01 25.22
C ILE C 49 -16.29 -9.75 24.10
N HIS C 50 -15.41 -10.71 23.83
CA HIS C 50 -14.52 -10.62 22.69
C HIS C 50 -14.05 -12.00 22.31
N GLY C 51 -13.66 -12.18 21.07
CA GLY C 51 -13.09 -13.44 20.67
C GLY C 51 -12.18 -13.30 19.47
N LEU C 52 -11.61 -14.44 19.09
CA LEU C 52 -10.71 -14.54 17.94
C LEU C 52 -11.39 -15.19 16.72
N THR C 53 -11.90 -16.40 16.94
CA THR C 53 -12.52 -17.21 15.88
C THR C 53 -13.65 -18.05 16.43
N SER C 54 -14.57 -18.40 15.55
CA SER C 54 -15.59 -19.35 15.92
C SER C 54 -16.51 -18.78 17.00
N ASN C 55 -16.83 -19.55 18.03
CA ASN C 55 -17.74 -19.08 19.09
C ASN C 55 -17.13 -18.77 20.44
N VAL C 56 -17.72 -17.79 21.10
CA VAL C 56 -17.39 -17.44 22.47
C VAL C 56 -18.69 -17.18 23.20
N ASN C 57 -18.77 -17.58 24.45
CA ASN C 57 -19.96 -17.22 25.24
C ASN C 57 -19.67 -16.95 26.70
N ASN C 58 -20.53 -16.15 27.29
CA ASN C 58 -20.44 -15.93 28.71
C ASN C 58 -21.86 -15.77 29.25
N ARG C 59 -22.01 -15.33 30.47
CA ARG C 59 -23.33 -15.30 31.07
C ARG C 59 -24.22 -14.32 30.29
N MET C 60 -25.28 -14.87 29.71
CA MET C 60 -26.32 -14.08 29.02
C MET C 60 -26.02 -13.63 27.58
N ALA C 61 -24.73 -13.65 27.19
CA ALA C 61 -24.27 -13.10 25.89
C ALA C 61 -23.26 -14.00 25.16
N SER C 62 -23.42 -14.14 23.85
CA SER C 62 -22.51 -14.94 23.03
C SER C 62 -21.95 -14.15 21.84
N LEU C 63 -20.88 -14.63 21.27
CA LEU C 63 -20.26 -13.98 20.11
C LEU C 63 -20.00 -14.99 19.01
N ALA C 64 -20.61 -14.79 17.84
CA ALA C 64 -20.41 -15.71 16.72
C ALA C 64 -19.58 -15.12 15.60
N ILE C 65 -18.34 -15.56 15.47
CA ILE C 65 -17.46 -15.01 14.45
C ILE C 65 -17.48 -15.84 13.19
N ALA C 66 -17.72 -15.21 12.04
CA ALA C 66 -17.78 -15.95 10.78
C ALA C 66 -16.47 -16.68 10.51
N GLU C 67 -16.53 -17.75 9.73
CA GLU C 67 -15.36 -18.58 9.46
C GLU C 67 -14.19 -17.78 8.88
N ASP C 68 -14.47 -16.85 7.98
CA ASP C 68 -13.41 -15.99 7.44
C ASP C 68 -13.09 -14.76 8.29
N ARG C 69 -13.67 -14.66 9.47
CA ARG C 69 -13.45 -13.51 10.35
C ARG C 69 -13.85 -12.13 9.81
N LYS C 70 -14.54 -12.10 8.67
CA LYS C 70 -14.93 -10.83 8.04
C LYS C 70 -16.25 -10.24 8.56
N SER C 71 -16.92 -10.95 9.45
CA SER C 71 -18.04 -10.39 10.15
C SER C 71 -18.20 -11.19 11.42
N SER C 72 -19.08 -10.71 12.30
CA SER C 72 -19.35 -11.40 13.54
C SER C 72 -20.70 -10.96 14.07
N THR C 73 -21.19 -11.67 15.09
CA THR C 73 -22.47 -11.33 15.66
C THR C 73 -22.43 -11.39 17.14
N LEU C 74 -22.99 -10.39 17.78
CA LEU C 74 -23.19 -10.41 19.22
C LEU C 74 -24.56 -10.98 19.47
N ILE C 75 -24.66 -12.06 20.21
CA ILE C 75 -25.99 -12.62 20.47
C ILE C 75 -26.42 -12.45 21.92
N LEU C 76 -27.53 -11.72 22.08
CA LEU C 76 -28.25 -11.64 23.36
C LEU C 76 -29.33 -12.72 23.44
N HIS C 77 -29.12 -13.72 24.28
CA HIS C 77 -30.00 -14.89 24.34
C HIS C 77 -31.46 -14.50 24.62
N ARG C 78 -31.71 -13.81 25.75
CA ARG C 78 -33.06 -13.27 26.01
C ARG C 78 -32.99 -11.80 26.44
N ALA C 79 -33.52 -10.93 25.61
CA ALA C 79 -33.45 -9.49 25.83
C ALA C 79 -34.31 -8.99 26.97
N THR C 80 -33.69 -8.31 27.93
CA THR C 80 -34.43 -7.56 28.93
C THR C 80 -34.67 -6.12 28.46
N LEU C 81 -35.37 -5.33 29.25
CA LEU C 81 -35.67 -3.97 28.83
C LEU C 81 -34.42 -3.13 29.13
N ARG C 82 -33.56 -3.66 30.00
CA ARG C 82 -32.38 -2.96 30.46
C ARG C 82 -31.18 -3.27 29.58
N ASP C 83 -31.43 -4.03 28.53
CA ASP C 83 -30.39 -4.48 27.62
C ASP C 83 -30.29 -3.46 26.52
N ALA C 84 -31.14 -2.44 26.61
CA ALA C 84 -31.21 -1.42 25.59
C ALA C 84 -30.07 -0.44 25.79
N ALA C 85 -29.19 -0.35 24.80
CA ALA C 85 -27.97 0.40 24.96
C ALA C 85 -27.42 0.79 23.60
N VAL C 86 -26.20 1.28 23.60
CA VAL C 86 -25.42 1.38 22.38
C VAL C 86 -24.48 0.20 22.43
N TYR C 87 -24.45 -0.55 21.35
CA TYR C 87 -23.54 -1.69 21.26
C TYR C 87 -22.44 -1.40 20.24
N TYR C 88 -21.19 -1.53 20.65
CA TYR C 88 -20.05 -1.10 19.82
C TYR C 88 -19.24 -2.29 19.39
N CYS C 89 -19.05 -2.46 18.09
CA CYS C 89 -18.17 -3.53 17.62
C CYS C 89 -16.80 -2.95 17.28
N THR C 90 -15.75 -3.42 17.94
CA THR C 90 -14.42 -2.82 17.81
C THR C 90 -13.35 -3.84 17.53
N VAL C 91 -12.20 -3.41 17.00
CA VAL C 91 -11.08 -4.36 16.88
C VAL C 91 -9.96 -3.92 17.76
N TYR C 92 -9.25 -4.90 18.32
CA TYR C 92 -8.20 -4.63 19.28
C TYR C 92 -7.31 -5.83 19.38
N GLY C 93 -6.00 -5.65 19.32
CA GLY C 93 -5.12 -6.80 19.40
C GLY C 93 -3.66 -6.52 19.14
N GLY C 94 -3.01 -7.40 18.38
CA GLY C 94 -1.57 -7.34 18.19
C GLY C 94 -1.13 -6.37 17.11
N ALA C 95 -2.07 -6.01 16.25
CA ALA C 95 -1.87 -4.96 15.26
C ALA C 95 -2.50 -3.63 15.71
N THR C 96 -3.26 -3.67 16.81
CA THR C 96 -4.04 -2.50 17.17
C THR C 96 -4.04 -2.26 18.65
N ASN C 97 -3.33 -1.21 19.02
CA ASN C 97 -3.04 -0.96 20.41
C ASN C 97 -3.97 0.05 21.04
N LYS C 98 -4.65 0.84 20.22
CA LYS C 98 -5.70 1.72 20.68
C LYS C 98 -7.05 1.07 20.41
N LEU C 99 -8.02 1.38 21.26
CA LEU C 99 -9.39 0.90 21.11
C LEU C 99 -10.27 2.01 20.55
N ILE C 100 -10.59 1.99 19.26
CA ILE C 100 -11.45 2.98 18.66
C ILE C 100 -12.92 2.56 18.55
N PHE C 101 -13.84 3.34 19.11
CA PHE C 101 -15.28 3.07 19.01
C PHE C 101 -15.91 3.70 17.79
N GLY C 102 -16.65 2.94 17.01
CA GLY C 102 -17.25 3.54 15.83
C GLY C 102 -18.57 4.09 16.26
N THR C 103 -19.44 4.28 15.30
CA THR C 103 -20.69 4.90 15.63
C THR C 103 -21.63 3.95 16.41
N GLY C 104 -21.40 2.65 16.33
CA GLY C 104 -22.17 1.69 17.10
C GLY C 104 -23.59 1.42 16.62
N THR C 105 -24.29 0.56 17.35
CA THR C 105 -25.69 0.25 17.08
C THR C 105 -26.54 0.59 18.29
N LEU C 106 -27.60 1.35 18.05
CA LEU C 106 -28.51 1.78 19.11
C LEU C 106 -29.73 0.85 19.17
N LEU C 107 -29.72 0.00 20.18
CA LEU C 107 -30.69 -1.04 20.34
C LEU C 107 -31.86 -0.64 21.25
N ALA C 108 -33.08 -0.76 20.73
CA ALA C 108 -34.32 -0.55 21.51
C ALA C 108 -35.02 -1.88 21.82
N VAL C 109 -35.37 -2.09 23.07
CA VAL C 109 -36.09 -3.29 23.48
C VAL C 109 -37.53 -2.98 23.82
N GLN C 110 -38.41 -3.18 22.84
CA GLN C 110 -39.84 -2.95 23.00
C GLN C 110 -40.45 -3.79 24.12
N PRO C 111 -41.08 -3.10 25.07
CA PRO C 111 -41.75 -3.83 26.15
C PRO C 111 -42.92 -4.57 25.50
N ASN C 112 -43.07 -5.87 25.72
CA ASN C 112 -44.29 -6.47 25.17
C ASN C 112 -45.55 -6.27 25.99
N ILE C 113 -46.31 -5.24 25.63
CA ILE C 113 -47.43 -4.77 26.44
C ILE C 113 -48.68 -5.66 26.35
N GLN C 114 -48.73 -6.68 27.20
CA GLN C 114 -49.75 -7.74 27.20
C GLN C 114 -51.20 -7.30 26.85
N ASN C 115 -51.83 -6.47 27.68
CA ASN C 115 -53.16 -5.92 27.39
C ASN C 115 -53.21 -4.41 27.47
N PRO C 116 -53.35 -3.73 26.33
CA PRO C 116 -53.40 -2.27 26.32
C PRO C 116 -54.51 -1.76 27.22
N ASP C 117 -54.28 -0.69 27.95
CA ASP C 117 -55.29 -0.20 28.90
C ASP C 117 -55.34 1.33 28.84
N PRO C 118 -55.46 1.88 27.62
CA PRO C 118 -55.31 3.30 27.26
C PRO C 118 -56.16 4.22 28.09
N ALA C 119 -55.63 5.41 28.38
CA ALA C 119 -56.28 6.34 29.30
C ALA C 119 -55.43 7.59 29.56
N VAL C 120 -56.10 8.74 29.64
CA VAL C 120 -55.43 10.00 29.96
C VAL C 120 -55.93 10.55 31.29
N TYR C 121 -55.24 10.22 32.38
CA TYR C 121 -55.67 10.62 33.71
C TYR C 121 -55.26 12.04 34.10
N GLN C 122 -55.88 12.56 35.15
CA GLN C 122 -55.53 13.88 35.67
C GLN C 122 -55.16 13.75 37.14
N LEU C 123 -53.89 13.97 37.46
CA LEU C 123 -53.46 13.90 38.85
C LEU C 123 -53.46 15.28 39.47
N ARG C 124 -53.94 15.37 40.71
CA ARG C 124 -54.01 16.64 41.42
C ARG C 124 -52.71 16.94 42.12
N ASP C 125 -52.46 18.21 42.42
CA ASP C 125 -51.22 18.58 43.08
C ASP C 125 -51.24 18.29 44.58
N SER C 126 -50.17 17.68 45.08
CA SER C 126 -50.00 17.44 46.52
C SER C 126 -50.09 18.68 47.40
N LYS C 127 -49.77 19.85 46.84
CA LYS C 127 -49.82 21.13 47.55
C LYS C 127 -50.41 22.27 46.70
N SER C 128 -51.01 21.90 45.56
CA SER C 128 -51.62 22.83 44.60
C SER C 128 -50.62 23.82 44.02
N SER C 129 -49.34 23.55 44.32
CA SER C 129 -48.20 24.37 43.89
C SER C 129 -48.20 24.75 42.39
N ASP C 130 -48.19 23.74 41.50
CA ASP C 130 -47.97 23.93 40.06
C ASP C 130 -49.10 23.42 39.12
N LYS C 131 -49.13 23.91 37.88
CA LYS C 131 -50.29 23.78 37.00
C LYS C 131 -50.41 22.43 36.27
N VAL C 133 -51.51 18.70 35.55
CA VAL C 133 -50.57 17.65 35.17
C VAL C 133 -51.22 16.29 34.81
N CYS C 134 -51.36 16.03 33.51
CA CYS C 134 -52.08 14.85 33.03
C CYS C 134 -51.17 13.64 32.77
N LEU C 135 -51.51 12.49 33.34
CA LEU C 135 -50.75 11.27 33.09
C LEU C 135 -51.37 10.56 31.91
N PHE C 136 -50.65 9.63 31.30
CA PHE C 136 -51.14 8.97 30.10
C PHE C 136 -50.52 7.60 29.96
N THR C 137 -51.23 6.59 30.41
CA THR C 137 -50.60 5.32 30.69
C THR C 137 -51.24 4.14 29.95
N ASP C 138 -50.60 2.97 30.08
CA ASP C 138 -51.10 1.68 29.54
C ASP C 138 -51.47 1.53 28.05
N PHE C 139 -50.57 1.86 27.11
CA PHE C 139 -50.97 1.89 25.71
C PHE C 139 -50.03 1.10 24.78
N ASP C 140 -50.45 0.93 23.52
CA ASP C 140 -49.73 0.10 22.55
C ASP C 140 -48.29 0.55 22.31
N SER C 141 -47.37 -0.42 22.23
CA SER C 141 -45.96 -0.11 22.04
C SER C 141 -45.74 0.79 20.84
N GLN C 142 -46.47 0.50 19.76
CA GLN C 142 -46.31 1.25 18.52
C GLN C 142 -47.10 2.55 18.56
N THR C 143 -47.77 2.81 19.69
CA THR C 143 -48.44 4.09 19.86
C THR C 143 -47.37 5.16 19.88
N ASN C 144 -47.40 6.01 18.86
CA ASN C 144 -46.46 7.10 18.82
C ASN C 144 -47.09 8.29 19.49
N VAL C 145 -46.54 8.72 20.63
CA VAL C 145 -47.10 9.87 21.33
C VAL C 145 -46.27 11.12 21.04
N SER C 146 -46.85 12.05 20.29
CA SER C 146 -46.17 13.25 19.87
C SER C 146 -46.83 14.37 20.68
N SER C 148 -46.47 18.67 23.60
CA SER C 148 -45.39 19.51 23.10
C SER C 148 -45.89 20.49 22.05
N LYS C 149 -44.96 21.26 21.48
CA LYS C 149 -45.31 22.24 20.45
C LYS C 149 -45.86 23.52 21.07
N ASP C 150 -45.80 23.61 22.41
CA ASP C 150 -46.29 24.78 23.11
C ASP C 150 -45.14 25.48 23.86
N SER C 151 -45.28 26.79 24.03
CA SER C 151 -44.26 27.57 24.72
C SER C 151 -44.37 27.32 26.21
N ASP C 152 -45.58 27.47 26.74
CA ASP C 152 -45.84 27.28 28.17
C ASP C 152 -46.12 25.83 28.53
N VAL C 153 -46.59 25.04 27.56
CA VAL C 153 -46.92 23.64 27.84
C VAL C 153 -45.76 22.70 27.52
N TYR C 154 -45.52 21.71 28.37
CA TYR C 154 -44.37 20.82 28.20
C TYR C 154 -44.85 19.40 28.09
N ILE C 155 -44.14 18.58 27.35
CA ILE C 155 -44.71 17.28 27.11
C ILE C 155 -43.63 16.27 26.72
N THR C 156 -43.41 15.34 27.65
CA THR C 156 -42.32 14.39 27.64
C THR C 156 -42.55 13.36 26.56
N ASP C 157 -41.64 12.41 26.47
CA ASP C 157 -41.79 11.32 25.52
C ASP C 157 -42.18 10.09 26.32
N LYS C 158 -42.41 9.00 25.60
CA LYS C 158 -42.85 7.78 26.23
C LYS C 158 -41.68 7.14 26.92
N THR C 159 -41.97 6.46 28.02
CA THR C 159 -41.01 5.64 28.72
C THR C 159 -41.77 4.48 29.33
N VAL C 160 -41.04 3.51 29.82
CA VAL C 160 -41.64 2.28 30.24
C VAL C 160 -41.24 1.89 31.66
N LEU C 161 -42.23 1.66 32.50
CA LEU C 161 -41.95 1.16 33.83
C LEU C 161 -42.24 -0.33 33.92
N ASP C 162 -41.67 -0.98 34.93
CA ASP C 162 -41.68 -2.42 35.00
C ASP C 162 -42.01 -2.86 36.41
N MET C 163 -43.29 -3.09 36.66
CA MET C 163 -43.70 -3.65 37.93
C MET C 163 -43.24 -5.10 37.95
N ARG C 164 -42.01 -5.30 38.40
CA ARG C 164 -41.40 -6.63 38.45
C ARG C 164 -42.03 -7.42 39.59
N SER C 165 -42.03 -8.75 39.46
CA SER C 165 -42.72 -9.60 40.42
C SER C 165 -44.24 -9.50 40.25
N MET C 166 -44.67 -8.60 39.38
CA MET C 166 -46.08 -8.48 38.99
C MET C 166 -46.18 -8.80 37.51
N ASP C 167 -45.02 -9.00 36.89
CA ASP C 167 -44.88 -9.25 35.46
C ASP C 167 -45.64 -8.22 34.63
N PHE C 168 -46.03 -7.13 35.27
CA PHE C 168 -46.71 -6.07 34.57
C PHE C 168 -45.74 -5.04 33.97
N LYS C 169 -46.17 -4.40 32.88
CA LYS C 169 -45.35 -3.35 32.26
C LYS C 169 -46.18 -2.26 31.60
N SER C 170 -45.85 -1.01 31.93
CA SER C 170 -46.69 0.13 31.60
C SER C 170 -45.95 1.11 30.71
N ASN C 171 -46.72 2.00 30.09
CA ASN C 171 -46.20 2.89 29.08
C ASN C 171 -46.51 4.32 29.41
N SER C 172 -46.13 4.75 30.61
CA SER C 172 -46.40 6.10 31.04
C SER C 172 -45.92 7.14 30.04
N ALA C 173 -46.70 8.19 29.86
CA ALA C 173 -46.24 9.40 29.17
C ALA C 173 -46.94 10.63 29.79
N VAL C 174 -46.18 11.70 30.01
CA VAL C 174 -46.66 12.80 30.86
C VAL C 174 -46.73 14.17 30.16
N ALA C 175 -47.76 14.95 30.52
CA ALA C 175 -47.97 16.27 29.96
C ALA C 175 -48.43 17.27 31.02
N TRP C 176 -47.84 18.47 31.01
CA TRP C 176 -48.22 19.52 31.95
C TRP C 176 -47.93 20.91 31.37
N SER C 177 -48.64 21.93 31.84
CA SER C 177 -48.40 23.29 31.37
C SER C 177 -48.47 24.34 32.48
N ASN C 178 -48.57 25.60 32.08
CA ASN C 178 -48.66 26.69 33.02
C ASN C 178 -50.00 27.39 32.91
N LYS C 179 -50.46 27.54 31.66
CA LYS C 179 -51.68 28.29 31.34
C LYS C 179 -52.94 27.66 31.93
N SER C 180 -54.06 28.38 31.83
CA SER C 180 -55.33 27.97 32.45
C SER C 180 -56.34 27.46 31.43
N ASP C 181 -55.92 27.33 30.18
CA ASP C 181 -56.77 26.78 29.13
C ASP C 181 -56.30 25.38 28.72
N PHE C 182 -55.63 24.70 29.63
CA PHE C 182 -55.05 23.38 29.37
C PHE C 182 -55.76 22.31 30.18
N ALA C 183 -56.35 21.35 29.48
CA ALA C 183 -56.95 20.19 30.14
C ALA C 183 -56.29 18.93 29.61
N CYS C 184 -56.79 17.79 30.07
CA CYS C 184 -56.23 16.52 29.63
C CYS C 184 -57.02 15.92 28.47
N ALA C 185 -56.30 15.20 27.61
CA ALA C 185 -56.83 14.63 26.37
C ALA C 185 -56.89 15.67 25.25
N ASN C 186 -56.48 16.90 25.57
CA ASN C 186 -56.43 17.97 24.59
C ASN C 186 -55.15 18.77 24.76
N ASN C 190 -51.58 15.64 22.23
CA ASN C 190 -52.83 15.51 21.49
C ASN C 190 -52.60 15.50 20.00
N SER C 191 -51.34 15.44 19.59
CA SER C 191 -51.00 15.41 18.17
C SER C 191 -51.52 14.13 17.46
N ILE C 192 -51.43 12.99 18.14
CA ILE C 192 -51.85 11.69 17.59
C ILE C 192 -52.20 10.70 18.71
N ILE C 193 -53.29 9.93 18.54
CA ILE C 193 -53.85 9.16 19.65
C ILE C 193 -54.77 8.01 19.17
N PRO C 194 -54.97 6.98 20.01
CA PRO C 194 -55.97 5.90 19.88
C PRO C 194 -57.44 6.28 20.09
N GLU C 195 -58.28 5.25 20.17
CA GLU C 195 -59.76 5.34 20.25
C GLU C 195 -60.40 5.17 21.63
N ASP C 196 -60.13 4.04 22.30
CA ASP C 196 -60.72 3.75 23.62
C ASP C 196 -60.04 4.46 24.81
N THR C 197 -59.85 5.76 24.70
CA THR C 197 -58.97 6.47 25.62
C THR C 197 -59.68 7.39 26.65
N PHE C 198 -59.39 7.13 27.93
CA PHE C 198 -60.02 7.78 29.10
C PHE C 198 -61.10 6.89 29.69
N VAL D 1 -10.50 -1.70 39.11
CA VAL D 1 -11.28 -0.46 39.11
C VAL D 1 -10.52 0.86 38.86
N VAL D 2 -11.22 1.79 38.21
CA VAL D 2 -10.71 3.11 37.88
C VAL D 2 -11.75 4.15 38.25
N SER D 3 -11.34 5.23 38.91
CA SER D 3 -12.28 6.30 39.24
C SER D 3 -11.84 7.66 38.68
N GLN D 4 -12.78 8.35 38.04
CA GLN D 4 -12.58 9.73 37.58
C GLN D 4 -13.01 10.71 38.68
N HIS D 5 -12.39 11.89 38.70
CA HIS D 5 -12.86 12.93 39.60
C HIS D 5 -12.55 14.31 39.08
N PRO D 6 -13.56 15.18 39.08
CA PRO D 6 -14.89 14.90 39.61
C PRO D 6 -15.91 14.29 38.62
N SER D 7 -16.96 13.66 39.14
CA SER D 7 -17.99 13.13 38.25
C SER D 7 -18.73 14.22 37.49
N TRP D 8 -19.11 15.27 38.20
CA TRP D 8 -19.82 16.38 37.61
C TRP D 8 -19.11 17.71 37.81
N VAL D 9 -19.14 18.54 36.80
CA VAL D 9 -18.39 19.79 36.77
C VAL D 9 -19.16 20.89 36.07
N ILE D 10 -19.36 21.99 36.77
CA ILE D 10 -19.88 23.20 36.16
C ILE D 10 -18.78 24.27 36.21
N ALA D 11 -18.43 24.83 35.07
CA ALA D 11 -17.35 25.82 35.03
C ALA D 11 -17.72 27.03 34.20
N LYS D 12 -17.21 28.20 34.60
CA LYS D 12 -17.46 29.44 33.88
C LYS D 12 -16.43 29.61 32.75
N SER D 13 -16.85 30.23 31.65
CA SER D 13 -15.97 30.36 30.49
C SER D 13 -14.58 30.79 30.91
N GLY D 14 -13.59 30.39 30.13
CA GLY D 14 -12.21 30.82 30.31
C GLY D 14 -11.50 30.27 31.52
N THR D 15 -12.22 29.59 32.40
CA THR D 15 -11.54 28.94 33.49
C THR D 15 -10.86 27.69 32.97
N SER D 16 -10.28 26.94 33.89
CA SER D 16 -9.62 25.69 33.58
C SER D 16 -10.16 24.56 34.45
N VAL D 17 -10.59 23.47 33.79
CA VAL D 17 -11.14 22.33 34.52
C VAL D 17 -10.15 21.19 34.62
N LYS D 18 -10.01 20.65 35.82
CA LYS D 18 -9.11 19.55 36.04
C LYS D 18 -9.86 18.29 36.37
N ILE D 19 -9.66 17.27 35.56
CA ILE D 19 -10.21 15.95 35.79
C ILE D 19 -9.09 14.96 36.15
N GLU D 20 -9.30 14.17 37.18
CA GLU D 20 -8.32 13.16 37.57
C GLU D 20 -8.82 11.76 37.23
N CYS D 21 -7.94 10.95 36.65
CA CYS D 21 -8.25 9.57 36.35
C CYS D 21 -7.28 8.71 37.13
N ARG D 22 -7.79 7.91 38.06
CA ARG D 22 -6.92 7.11 38.90
C ARG D 22 -7.28 5.62 38.89
N SER D 23 -6.27 4.79 38.69
CA SER D 23 -6.44 3.35 38.80
C SER D 23 -6.17 3.00 40.24
N LEU D 24 -7.23 2.61 40.94
CA LEU D 24 -7.08 2.31 42.36
C LEU D 24 -6.25 1.05 42.58
N ASP D 25 -6.60 -0.03 41.89
CA ASP D 25 -6.05 -1.34 42.24
C ASP D 25 -5.05 -1.92 41.24
N PHE D 26 -4.29 -1.05 40.57
CA PHE D 26 -3.26 -1.50 39.61
C PHE D 26 -2.45 -0.35 39.02
N GLN D 27 -1.22 -0.67 38.62
CA GLN D 27 -0.34 0.24 37.92
C GLN D 27 -0.75 0.46 36.46
N ALA D 28 -1.11 1.68 36.12
CA ALA D 28 -1.47 1.97 34.75
C ALA D 28 -0.26 2.43 33.92
N THR D 29 -0.03 1.67 32.87
CA THR D 29 1.04 1.90 31.93
C THR D 29 0.58 2.88 30.88
N THR D 30 -0.70 2.79 30.51
CA THR D 30 -1.25 3.68 29.50
C THR D 30 -2.59 4.20 30.02
N MET D 31 -2.85 5.49 29.86
CA MET D 31 -4.19 6.03 30.11
C MET D 31 -4.69 6.59 28.80
N PHE D 32 -5.97 6.35 28.50
CA PHE D 32 -6.58 6.97 27.33
C PHE D 32 -7.63 8.00 27.75
N TRP D 33 -7.75 9.06 26.96
CA TRP D 33 -8.79 10.06 27.19
C TRP D 33 -9.76 10.19 26.01
N TYR D 34 -11.03 9.91 26.29
CA TYR D 34 -12.09 9.99 25.30
C TYR D 34 -13.01 11.11 25.69
N ARG D 35 -13.73 11.68 24.73
CA ARG D 35 -14.85 12.52 25.10
C ARG D 35 -16.00 12.20 24.17
N GLN D 36 -17.23 12.52 24.60
CA GLN D 36 -18.45 12.17 23.88
C GLN D 36 -19.53 13.24 23.99
N PHE D 37 -19.89 13.81 22.84
CA PHE D 37 -21.00 14.75 22.77
C PHE D 37 -22.33 14.04 22.55
N PRO D 38 -23.44 14.68 22.96
CA PRO D 38 -24.82 14.22 22.82
C PRO D 38 -25.16 13.57 21.48
N LYS D 39 -25.74 12.38 21.55
CA LYS D 39 -26.17 11.64 20.35
C LYS D 39 -25.00 11.02 19.62
N GLN D 40 -23.79 11.40 20.00
CA GLN D 40 -22.62 10.95 19.28
C GLN D 40 -21.80 9.93 20.04
N SER D 41 -20.79 9.41 19.35
CA SER D 41 -20.01 8.29 19.84
C SER D 41 -18.79 8.69 20.66
N LEU D 42 -18.19 7.71 21.33
CA LEU D 42 -16.92 7.93 22.00
C LEU D 42 -15.84 8.25 20.96
N MET D 43 -15.04 9.27 21.27
CA MET D 43 -13.95 9.71 20.41
C MET D 43 -12.67 9.88 21.20
N LEU D 44 -11.60 9.31 20.69
CA LEU D 44 -10.35 9.35 21.40
C LEU D 44 -9.72 10.72 21.20
N MET D 45 -9.21 11.26 22.30
CA MET D 45 -8.56 12.54 22.28
C MET D 45 -7.07 12.31 22.32
N ALA D 46 -6.62 11.62 23.37
CA ALA D 46 -5.20 11.47 23.62
C ALA D 46 -4.85 10.09 24.18
N THR D 47 -3.57 9.74 24.05
CA THR D 47 -3.01 8.51 24.57
C THR D 47 -1.81 8.88 25.43
N SER D 48 -1.83 8.46 26.68
CA SER D 48 -0.71 8.75 27.57
C SER D 48 -0.02 7.47 27.98
N ASN D 49 1.28 7.41 27.70
CA ASN D 49 2.13 6.34 28.23
C ASN D 49 2.97 6.85 29.39
N GLU D 50 2.98 6.11 30.49
CA GLU D 50 3.56 6.62 31.73
C GLU D 50 4.96 7.22 31.57
N GLY D 51 5.14 8.40 32.18
CA GLY D 51 6.39 9.13 32.06
C GLY D 51 6.68 9.51 30.62
N SER D 52 5.71 10.14 29.97
CA SER D 52 5.90 10.66 28.62
C SER D 52 4.86 11.70 28.26
N LYS D 53 5.22 12.47 27.26
CA LYS D 53 4.37 13.46 26.64
C LYS D 53 3.24 12.74 25.91
N ALA D 54 1.99 13.10 26.24
CA ALA D 54 0.82 12.44 25.63
C ALA D 54 0.81 12.67 24.13
N THR D 55 0.17 11.76 23.40
CA THR D 55 -0.01 11.93 21.96
C THR D 55 -1.46 12.27 21.69
N TYR D 56 -1.72 13.29 20.88
CA TYR D 56 -3.11 13.66 20.58
C TYR D 56 -3.56 13.13 19.22
N GLU D 57 -4.84 12.85 19.13
CA GLU D 57 -5.42 12.39 17.89
C GLU D 57 -5.61 13.59 16.98
N GLN D 58 -5.63 13.34 15.68
CA GLN D 58 -5.73 14.41 14.70
C GLN D 58 -7.10 15.01 14.80
N GLY D 59 -7.23 16.30 14.47
CA GLY D 59 -8.50 16.99 14.62
C GLY D 59 -8.66 17.50 16.03
N VAL D 60 -7.90 16.93 16.96
CA VAL D 60 -7.86 17.37 18.35
C VAL D 60 -7.05 18.65 18.52
N GLU D 61 -7.66 19.65 19.14
CA GLU D 61 -7.03 20.94 19.42
C GLU D 61 -5.84 20.78 20.36
N LYS D 62 -4.67 21.17 19.88
CA LYS D 62 -3.45 20.76 20.55
C LYS D 62 -3.31 21.38 21.93
N ASP D 63 -3.49 22.69 21.98
CA ASP D 63 -3.18 23.47 23.17
C ASP D 63 -4.30 23.46 24.21
N LYS D 64 -5.50 23.05 23.78
CA LYS D 64 -6.69 23.14 24.63
C LYS D 64 -6.68 22.20 25.83
N PHE D 65 -6.15 21.01 25.63
CA PHE D 65 -6.18 20.02 26.69
C PHE D 65 -4.76 19.68 27.13
N LEU D 66 -4.60 19.35 28.40
CA LEU D 66 -3.28 19.01 28.86
C LEU D 66 -3.27 17.77 29.75
N ILE D 67 -2.50 16.77 29.34
CA ILE D 67 -2.33 15.59 30.17
C ILE D 67 -1.08 15.75 31.04
N ASN D 68 -1.16 15.30 32.27
CA ASN D 68 -0.02 15.25 33.18
C ASN D 68 0.05 13.83 33.76
N HIS D 69 0.93 13.01 33.20
CA HIS D 69 1.02 11.61 33.60
C HIS D 69 2.35 11.38 34.29
N ALA D 70 2.28 11.26 35.60
CA ALA D 70 3.47 11.27 36.44
C ALA D 70 3.45 10.16 37.46
N SER D 71 2.30 9.52 37.61
CA SER D 71 2.16 8.58 38.70
C SER D 71 2.18 7.09 38.34
N LEU D 72 1.53 6.68 37.24
CA LEU D 72 1.40 5.25 36.97
C LEU D 72 0.24 4.75 37.82
N THR D 73 -0.47 5.71 38.42
CA THR D 73 -1.67 5.47 39.20
C THR D 73 -2.61 6.63 38.93
N LEU D 74 -2.01 7.75 38.56
CA LEU D 74 -2.77 8.95 38.29
C LEU D 74 -2.40 9.59 36.97
N SER D 75 -3.40 10.11 36.29
CA SER D 75 -3.25 10.86 35.06
C SER D 75 -4.20 12.01 35.26
N THR D 76 -3.92 13.16 34.67
CA THR D 76 -4.74 14.34 34.92
C THR D 76 -4.99 15.05 33.63
N LEU D 77 -6.26 15.21 33.26
CA LEU D 77 -6.58 16.00 32.10
C LEU D 77 -6.97 17.38 32.61
N THR D 78 -6.54 18.42 31.91
CA THR D 78 -6.90 19.79 32.23
C THR D 78 -7.43 20.49 31.01
N VAL D 79 -8.66 20.95 31.08
CA VAL D 79 -9.22 21.72 29.98
C VAL D 79 -8.90 23.17 30.25
N THR D 80 -8.42 23.86 29.24
CA THR D 80 -8.01 25.23 29.41
C THR D 80 -8.97 26.12 28.66
N SER D 81 -9.10 27.35 29.14
CA SER D 81 -10.00 28.32 28.52
C SER D 81 -11.37 27.72 28.25
N ALA D 82 -12.02 27.27 29.33
CA ALA D 82 -13.31 26.59 29.21
C ALA D 82 -14.24 27.36 28.28
N HIS D 83 -14.73 26.68 27.26
CA HIS D 83 -15.63 27.29 26.32
C HIS D 83 -16.91 26.47 26.43
N PRO D 84 -18.06 27.11 26.25
CA PRO D 84 -19.30 26.33 26.22
C PRO D 84 -19.21 25.12 25.28
N GLU D 85 -18.55 25.26 24.13
CA GLU D 85 -18.42 24.15 23.19
C GLU D 85 -17.66 22.96 23.74
N ASP D 86 -17.14 23.08 24.95
CA ASP D 86 -16.43 21.98 25.58
C ASP D 86 -17.31 21.26 26.58
N SER D 87 -18.56 21.71 26.68
CA SER D 87 -19.54 20.99 27.47
C SER D 87 -19.72 19.65 26.79
N SER D 88 -19.31 18.59 27.47
CA SER D 88 -19.29 17.26 26.88
C SER D 88 -19.07 16.21 27.95
N PHE D 89 -19.17 14.94 27.57
CA PHE D 89 -18.94 13.85 28.49
C PHE D 89 -17.50 13.44 28.28
N TYR D 90 -16.74 13.32 29.35
CA TYR D 90 -15.31 13.01 29.27
C TYR D 90 -15.00 11.74 30.01
N ILE D 91 -14.31 10.83 29.33
CA ILE D 91 -14.07 9.50 29.88
C ILE D 91 -12.61 9.10 29.77
N CYS D 92 -12.05 8.61 30.86
CA CYS D 92 -10.72 8.07 30.78
C CYS D 92 -10.71 6.57 31.05
N SER D 93 -9.63 5.93 30.64
CA SER D 93 -9.45 4.51 30.90
C SER D 93 -7.99 4.23 31.17
N ALA D 94 -7.76 3.29 32.07
CA ALA D 94 -6.43 2.88 32.44
C ALA D 94 -6.20 1.46 31.93
N ARG D 95 -5.02 1.20 31.41
CA ARG D 95 -4.62 -0.10 30.92
C ARG D 95 -3.39 -0.56 31.67
N GLY D 96 -3.45 -1.75 32.26
CA GLY D 96 -2.33 -2.27 33.02
C GLY D 96 -1.40 -3.10 32.15
N GLY D 97 -0.84 -2.48 31.12
CA GLY D 97 -0.06 -3.19 30.13
C GLY D 97 -0.29 -2.66 28.73
N SER D 98 0.15 -3.39 27.73
CA SER D 98 0.08 -2.87 26.36
C SER D 98 -0.88 -3.72 25.48
N TYR D 99 -0.42 -4.13 24.30
CA TYR D 99 -1.19 -4.98 23.37
C TYR D 99 -2.06 -6.03 24.09
N ASN D 100 -3.38 -5.95 23.91
CA ASN D 100 -4.32 -6.94 24.46
C ASN D 100 -4.52 -6.89 25.95
N SER D 101 -3.96 -5.90 26.62
CA SER D 101 -4.35 -5.72 27.99
C SER D 101 -5.65 -4.91 27.97
N PRO D 102 -6.58 -5.28 28.84
CA PRO D 102 -7.94 -4.71 28.96
C PRO D 102 -7.90 -3.24 29.36
N LEU D 103 -8.80 -2.46 28.75
CA LEU D 103 -9.00 -1.11 29.17
C LEU D 103 -10.01 -1.11 30.32
N HIS D 104 -9.76 -0.31 31.35
CA HIS D 104 -10.72 -0.11 32.43
C HIS D 104 -11.17 1.35 32.48
N PHE D 105 -12.47 1.57 32.33
CA PHE D 105 -12.94 2.94 32.15
C PHE D 105 -13.32 3.62 33.47
N GLY D 106 -13.16 4.93 33.52
CA GLY D 106 -13.70 5.72 34.63
C GLY D 106 -15.18 5.72 34.33
N ASN D 107 -16.01 6.24 35.23
CA ASN D 107 -17.42 6.24 34.87
C ASN D 107 -17.85 7.57 34.27
N GLY D 108 -16.85 8.37 33.89
CA GLY D 108 -17.08 9.63 33.20
C GLY D 108 -17.10 10.87 34.08
N THR D 109 -16.90 12.02 33.46
CA THR D 109 -17.11 13.32 34.10
C THR D 109 -17.98 14.19 33.21
N ARG D 110 -19.14 14.58 33.70
CA ARG D 110 -20.03 15.41 32.91
C ARG D 110 -19.76 16.92 33.07
N LEU D 111 -19.19 17.54 32.04
CA LEU D 111 -18.79 18.95 32.12
C LEU D 111 -19.75 19.92 31.42
N THR D 112 -20.27 20.91 32.15
CA THR D 112 -21.00 22.00 31.49
C THR D 112 -20.35 23.36 31.75
N VAL D 113 -20.15 24.11 30.67
CA VAL D 113 -19.53 25.43 30.75
C VAL D 113 -20.50 26.49 30.31
N THR D 114 -20.70 27.48 31.18
CA THR D 114 -21.65 28.55 30.96
C THR D 114 -20.89 29.83 31.27
N GLU D 115 -21.11 30.88 30.48
CA GLU D 115 -20.29 32.08 30.62
C GLU D 115 -20.50 32.79 31.97
N ASP D 116 -21.65 32.54 32.59
CA ASP D 116 -21.97 33.15 33.88
C ASP D 116 -22.58 32.11 34.83
N LEU D 117 -22.01 32.00 36.04
CA LEU D 117 -22.53 31.07 37.05
C LEU D 117 -23.88 31.52 37.57
N LYS D 118 -24.34 32.66 37.05
CA LYS D 118 -25.59 33.27 37.48
C LYS D 118 -26.70 32.50 36.80
N ASN D 119 -26.31 31.70 35.81
CA ASN D 119 -27.23 30.76 35.13
C ASN D 119 -27.63 29.51 35.93
N VAL D 120 -26.87 29.18 36.97
CA VAL D 120 -27.06 27.94 37.72
C VAL D 120 -28.20 27.98 38.77
N PHE D 121 -29.25 27.20 38.55
CA PHE D 121 -30.33 27.06 39.52
C PHE D 121 -30.49 25.62 39.96
N PRO D 122 -30.87 25.40 41.23
CA PRO D 122 -31.14 24.04 41.70
C PRO D 122 -32.56 23.69 41.29
N PRO D 123 -32.94 22.41 41.40
CA PRO D 123 -34.27 21.99 40.96
C PRO D 123 -35.36 22.28 41.98
N GLU D 124 -36.57 22.54 41.50
CA GLU D 124 -37.76 22.48 42.35
C GLU D 124 -38.50 21.18 42.11
N VAL D 125 -38.81 20.47 43.19
CA VAL D 125 -39.37 19.14 43.08
C VAL D 125 -40.82 19.06 43.55
N ALA D 126 -41.68 18.44 42.76
CA ALA D 126 -43.07 18.30 43.16
C ALA D 126 -43.57 16.89 42.89
N VAL D 127 -44.15 16.29 43.91
CA VAL D 127 -44.81 15.02 43.79
C VAL D 127 -46.29 15.23 43.49
N PHE D 128 -46.79 14.56 42.46
CA PHE D 128 -48.21 14.52 42.24
C PHE D 128 -48.73 13.12 42.57
N GLU D 129 -49.95 13.08 43.06
CA GLU D 129 -50.47 11.85 43.64
C GLU D 129 -51.35 11.13 42.65
N PRO D 130 -51.41 9.80 42.77
CA PRO D 130 -52.20 8.96 41.87
C PRO D 130 -53.58 9.53 41.58
N SER D 131 -54.02 9.47 40.33
CA SER D 131 -55.42 9.73 40.01
C SER D 131 -56.26 8.58 40.55
N GLU D 132 -57.57 8.68 40.36
CA GLU D 132 -58.47 7.69 40.89
C GLU D 132 -59.30 7.12 39.76
N ALA D 133 -59.55 7.93 38.73
CA ALA D 133 -60.02 7.36 37.48
C ALA D 133 -59.01 6.26 37.20
N GLU D 134 -57.73 6.57 37.33
CA GLU D 134 -56.68 5.57 37.14
C GLU D 134 -56.92 4.36 38.02
N ILE D 135 -57.26 4.60 39.27
CA ILE D 135 -57.43 3.48 40.20
C ILE D 135 -58.68 2.69 39.88
N SER D 136 -59.74 3.39 39.49
CA SER D 136 -61.03 2.78 39.25
C SER D 136 -60.99 2.03 37.93
N HIS D 137 -60.48 2.72 36.91
CA HIS D 137 -60.46 2.20 35.55
C HIS D 137 -59.44 1.07 35.37
N THR D 138 -58.40 1.04 36.21
CA THR D 138 -57.25 0.16 35.94
C THR D 138 -56.66 -0.64 37.10
N GLN D 139 -56.96 -0.25 38.34
CA GLN D 139 -56.48 -0.93 39.58
C GLN D 139 -55.05 -0.65 40.01
N LYS D 140 -54.42 0.38 39.44
CA LYS D 140 -53.05 0.69 39.82
C LYS D 140 -52.85 2.15 40.22
N ALA D 141 -51.82 2.39 41.02
CA ALA D 141 -51.52 3.73 41.55
C ALA D 141 -50.17 4.24 41.04
N THR D 142 -50.22 5.35 40.30
CA THR D 142 -49.04 5.92 39.67
C THR D 142 -48.69 7.33 40.16
N LEU D 143 -47.64 7.43 40.97
CA LEU D 143 -47.14 8.73 41.41
C LEU D 143 -46.29 9.39 40.34
N VAL D 144 -46.39 10.71 40.24
CA VAL D 144 -45.58 11.46 39.28
C VAL D 144 -44.69 12.53 39.91
N CYS D 145 -43.40 12.46 39.63
CA CYS D 145 -42.47 13.46 40.15
C CYS D 145 -42.15 14.49 39.10
N LEU D 146 -41.72 15.67 39.54
CA LEU D 146 -41.46 16.74 38.61
C LEU D 146 -40.41 17.68 39.17
N ALA D 147 -39.24 17.66 38.54
CA ALA D 147 -38.15 18.55 38.86
C ALA D 147 -38.11 19.64 37.77
N THR D 148 -38.29 20.90 38.17
CA THR D 148 -38.44 22.00 37.22
C THR D 148 -37.46 23.13 37.49
N GLY D 149 -37.14 23.88 36.43
CA GLY D 149 -36.33 25.08 36.51
C GLY D 149 -34.94 24.94 37.08
N PHE D 150 -34.16 24.02 36.54
CA PHE D 150 -32.81 23.80 37.02
C PHE D 150 -31.75 23.94 35.93
N TYR D 151 -30.51 24.23 36.33
CA TYR D 151 -29.44 24.38 35.35
C TYR D 151 -28.08 24.24 36.01
N PRO D 152 -27.17 23.48 35.37
CA PRO D 152 -27.43 22.75 34.14
C PRO D 152 -28.22 21.49 34.46
N ASP D 153 -28.32 20.58 33.50
CA ASP D 153 -29.09 19.36 33.70
C ASP D 153 -28.29 18.24 34.35
N HIS D 154 -27.73 18.55 35.51
CA HIS D 154 -26.94 17.62 36.29
C HIS D 154 -27.78 17.16 37.46
N VAL D 155 -28.71 16.25 37.22
CA VAL D 155 -29.51 15.71 38.31
C VAL D 155 -29.53 14.17 38.36
N GLU D 156 -30.09 13.65 39.44
CA GLU D 156 -30.27 12.21 39.62
C GLU D 156 -31.52 11.95 40.45
N LEU D 157 -32.62 11.76 39.74
CA LEU D 157 -33.90 11.50 40.36
C LEU D 157 -34.00 10.05 40.82
N SER D 158 -34.52 9.86 42.03
CA SER D 158 -34.65 8.55 42.63
C SER D 158 -35.95 8.46 43.44
N TRP D 159 -36.45 7.25 43.64
CA TRP D 159 -37.64 7.05 44.47
C TRP D 159 -37.31 6.30 45.74
N TRP D 160 -37.89 6.76 46.85
CA TRP D 160 -37.56 6.19 48.14
C TRP D 160 -38.85 5.88 48.88
N VAL D 161 -39.29 4.63 48.77
CA VAL D 161 -40.44 4.19 49.52
C VAL D 161 -40.03 3.75 50.92
N ASN D 162 -40.70 4.32 51.91
CA ASN D 162 -40.41 4.02 53.29
C ASN D 162 -38.93 3.88 53.58
N GLY D 163 -38.14 4.86 53.13
CA GLY D 163 -36.77 4.97 53.60
C GLY D 163 -35.70 4.25 52.79
N LYS D 164 -36.12 3.42 51.84
CA LYS D 164 -35.17 2.75 50.96
C LYS D 164 -35.50 3.04 49.50
N GLU D 165 -34.46 3.13 48.67
CA GLU D 165 -34.63 3.40 47.24
C GLU D 165 -35.33 2.22 46.55
N VAL D 166 -36.22 2.52 45.63
CA VAL D 166 -36.85 1.46 44.89
C VAL D 166 -36.62 1.65 43.41
N HIS D 167 -36.66 0.55 42.67
CA HIS D 167 -36.43 0.58 41.24
C HIS D 167 -37.59 -0.01 40.47
N SER D 168 -38.25 -0.99 41.08
CA SER D 168 -39.43 -1.56 40.46
C SER D 168 -40.49 -0.48 40.37
N GLY D 169 -41.08 -0.31 39.20
CA GLY D 169 -42.19 0.61 39.05
C GLY D 169 -41.76 1.95 38.49
N VAL D 170 -40.47 2.21 38.56
CA VAL D 170 -39.96 3.52 38.16
C VAL D 170 -39.70 3.61 36.66
N SER D 171 -40.05 4.75 36.07
CA SER D 171 -39.63 5.10 34.73
C SER D 171 -39.39 6.61 34.63
N THR D 172 -38.11 7.00 34.70
CA THR D 172 -37.73 8.40 34.58
C THR D 172 -37.53 8.77 33.12
N ASP D 173 -37.92 9.97 32.71
CA ASP D 173 -37.63 10.44 31.36
C ASP D 173 -36.15 10.22 31.08
N PRO D 174 -35.80 9.80 29.86
CA PRO D 174 -34.39 9.50 29.72
C PRO D 174 -33.62 10.78 29.52
N GLN D 175 -34.35 11.87 29.32
CA GLN D 175 -33.70 13.14 29.03
C GLN D 175 -34.45 14.36 29.51
N PRO D 176 -33.76 15.21 30.28
CA PRO D 176 -34.31 16.49 30.74
C PRO D 176 -34.85 17.20 29.51
N LEU D 177 -35.98 17.86 29.62
CA LEU D 177 -36.43 18.69 28.52
C LEU D 177 -36.23 20.15 28.92
N LYS D 178 -36.02 21.04 27.94
CA LYS D 178 -35.74 22.44 28.24
C LYS D 178 -36.99 23.32 28.19
N GLU D 179 -37.08 24.24 29.14
CA GLU D 179 -38.25 25.09 29.26
C GLU D 179 -38.33 26.15 28.19
N GLN D 180 -37.19 26.72 27.82
CA GLN D 180 -37.16 27.77 26.80
C GLN D 180 -36.33 27.37 25.62
N PRO D 181 -36.95 26.71 24.62
CA PRO D 181 -36.25 26.19 23.44
C PRO D 181 -35.35 27.20 22.73
N ALA D 182 -35.85 28.42 22.54
CA ALA D 182 -35.10 29.44 21.82
C ALA D 182 -33.87 29.88 22.61
N LEU D 183 -33.82 29.51 23.88
CA LEU D 183 -32.88 30.14 24.81
C LEU D 183 -31.60 29.35 25.04
N ASN D 184 -30.49 30.08 25.14
CA ASN D 184 -29.17 29.49 25.32
C ASN D 184 -29.06 28.69 26.60
N ASP D 185 -29.21 29.38 27.73
CA ASP D 185 -29.07 28.74 29.02
C ASP D 185 -30.46 28.47 29.59
N SER D 186 -31.31 27.90 28.75
CA SER D 186 -32.64 27.48 29.18
C SER D 186 -32.55 26.53 30.37
N ARG D 187 -33.37 26.81 31.39
CA ARG D 187 -33.51 25.89 32.48
C ARG D 187 -34.15 24.60 31.98
N TYR D 188 -33.92 23.50 32.68
CA TYR D 188 -34.43 22.20 32.29
C TYR D 188 -35.53 21.71 33.23
N SER D 189 -36.10 20.56 32.92
CA SER D 189 -37.28 20.07 33.60
C SER D 189 -37.44 18.59 33.27
N LEU D 190 -37.65 17.78 34.29
CA LEU D 190 -37.63 16.33 34.14
C LEU D 190 -38.85 15.74 34.83
N SER D 191 -39.36 14.62 34.33
CA SER D 191 -40.38 13.87 35.08
C SER D 191 -39.95 12.43 35.37
N SER D 192 -40.66 11.81 36.29
CA SER D 192 -40.48 10.39 36.59
C SER D 192 -41.80 9.79 37.07
N ARG D 193 -41.95 8.48 36.93
CA ARG D 193 -43.21 7.83 37.29
C ARG D 193 -42.87 6.68 38.23
N LEU D 194 -43.67 6.54 39.30
CA LEU D 194 -43.53 5.46 40.27
C LEU D 194 -44.89 4.81 40.39
N ARG D 195 -44.96 3.49 40.18
CA ARG D 195 -46.26 2.85 40.14
C ARG D 195 -46.36 1.59 41.00
N VAL D 196 -47.38 1.56 41.85
CA VAL D 196 -47.64 0.40 42.66
C VAL D 196 -49.10 0.01 42.55
N SER D 197 -49.49 -1.02 43.29
CA SER D 197 -50.87 -1.48 43.29
C SER D 197 -51.76 -0.57 44.10
N ALA D 198 -52.97 -0.32 43.60
CA ALA D 198 -53.98 0.41 44.36
C ALA D 198 -53.84 0.02 45.83
N THR D 199 -53.73 -1.28 46.06
CA THR D 199 -53.80 -1.90 47.38
C THR D 199 -52.82 -1.33 48.39
N PHE D 200 -51.72 -0.79 47.86
CA PHE D 200 -50.55 -0.45 48.63
C PHE D 200 -50.38 1.07 48.76
N TRP D 201 -50.98 1.81 47.82
CA TRP D 201 -50.92 3.27 47.82
C TRP D 201 -52.02 3.90 48.64
N GLN D 202 -53.18 3.22 48.73
CA GLN D 202 -54.32 3.68 49.55
C GLN D 202 -54.09 3.59 51.08
N ASN D 203 -53.20 2.70 51.51
CA ASN D 203 -52.80 2.61 52.91
C ASN D 203 -51.85 3.77 53.30
N PRO D 204 -52.30 4.68 54.18
CA PRO D 204 -51.51 5.85 54.57
C PRO D 204 -50.45 5.45 55.57
N ARG D 205 -50.37 4.17 55.87
CA ARG D 205 -49.30 3.66 56.73
C ARG D 205 -47.96 3.56 56.00
N ASN D 206 -47.95 3.84 54.71
CA ASN D 206 -46.65 3.92 54.03
C ASN D 206 -46.40 5.12 53.13
N HIS D 207 -45.11 5.35 52.90
CA HIS D 207 -44.56 6.65 52.57
C HIS D 207 -43.77 6.70 51.27
N PHE D 208 -44.08 7.70 50.44
CA PHE D 208 -43.42 7.86 49.15
C PHE D 208 -42.62 9.17 49.08
N ARG D 209 -41.34 9.08 48.73
CA ARG D 209 -40.54 10.28 48.52
C ARG D 209 -39.78 10.30 47.20
N CYS D 210 -40.00 11.37 46.44
CA CYS D 210 -39.22 11.62 45.24
C CYS D 210 -37.97 12.44 45.57
N GLN D 211 -36.80 11.86 45.34
CA GLN D 211 -35.56 12.56 45.61
C GLN D 211 -34.82 12.96 44.34
N VAL D 212 -34.38 14.22 44.28
CA VAL D 212 -33.57 14.71 43.16
C VAL D 212 -32.27 15.27 43.66
N GLN D 213 -31.18 14.64 43.26
CA GLN D 213 -29.87 15.11 43.64
C GLN D 213 -29.36 16.04 42.56
N PHE D 214 -29.16 17.30 42.92
CA PHE D 214 -28.59 18.30 42.01
C PHE D 214 -27.07 18.39 42.19
N TYR D 215 -26.32 18.53 41.10
CA TYR D 215 -24.89 18.79 41.18
C TYR D 215 -24.60 20.17 40.67
N GLY D 216 -24.36 21.08 41.61
CA GLY D 216 -24.14 22.47 41.28
C GLY D 216 -22.76 23.00 41.61
N LEU D 217 -22.71 24.07 42.38
CA LEU D 217 -21.45 24.73 42.70
C LEU D 217 -20.81 24.23 43.99
N SER D 218 -19.49 24.21 43.98
CA SER D 218 -18.70 23.83 45.13
C SER D 218 -18.49 25.08 45.96
N GLU D 219 -18.10 24.92 47.22
CA GLU D 219 -17.86 26.08 48.06
C GLU D 219 -16.52 26.75 47.77
N ASN D 220 -15.75 26.13 46.87
CA ASN D 220 -14.66 26.84 46.23
C ASN D 220 -15.19 27.87 45.24
N ASP D 221 -16.44 27.73 44.84
CA ASP D 221 -16.99 28.62 43.81
C ASP D 221 -17.42 29.98 44.38
N GLU D 222 -17.56 30.96 43.49
CA GLU D 222 -17.78 32.34 43.89
C GLU D 222 -19.21 32.82 43.60
N TRP D 223 -19.92 33.21 44.64
CA TRP D 223 -21.32 33.60 44.50
C TRP D 223 -21.54 35.08 44.83
N THR D 224 -22.06 35.85 43.87
CA THR D 224 -22.34 37.27 44.05
C THR D 224 -23.81 37.59 44.24
N GLN D 225 -24.67 36.86 43.54
CA GLN D 225 -26.11 37.09 43.59
C GLN D 225 -26.67 36.96 45.01
N ASP D 226 -27.85 37.51 45.22
CA ASP D 226 -28.44 37.52 46.56
C ASP D 226 -28.98 36.16 46.90
N ARG D 227 -29.60 35.54 45.91
CA ARG D 227 -30.29 34.27 46.11
C ARG D 227 -29.35 33.23 46.65
N ALA D 228 -29.88 32.22 47.33
CA ALA D 228 -29.00 31.20 47.87
C ALA D 228 -28.11 30.60 46.78
N LYS D 229 -26.87 30.31 47.16
CA LYS D 229 -25.88 29.78 46.23
C LYS D 229 -26.26 28.39 45.75
N PRO D 230 -26.36 28.22 44.43
CA PRO D 230 -26.82 26.95 43.88
C PRO D 230 -25.76 25.87 44.00
N VAL D 231 -25.50 25.40 45.21
CA VAL D 231 -24.55 24.33 45.42
C VAL D 231 -25.19 22.95 45.23
N THR D 232 -24.35 21.93 45.13
CA THR D 232 -24.78 20.54 45.15
C THR D 232 -25.66 20.30 46.37
N GLN D 233 -26.82 19.71 46.16
CA GLN D 233 -27.77 19.48 47.24
C GLN D 233 -28.83 18.47 46.83
N ILE D 234 -29.81 18.30 47.69
CA ILE D 234 -30.97 17.45 47.38
C ILE D 234 -32.26 18.22 47.55
N VAL D 235 -33.26 17.84 46.79
CA VAL D 235 -34.56 18.47 46.86
C VAL D 235 -35.62 17.41 46.69
N SER D 236 -36.29 17.06 47.78
CA SER D 236 -37.24 15.97 47.74
C SER D 236 -38.67 16.49 47.68
N ALA D 237 -39.61 15.55 47.58
CA ALA D 237 -41.02 15.83 47.75
C ALA D 237 -41.71 14.58 48.31
N GLU D 238 -42.83 14.76 49.00
CA GLU D 238 -43.44 13.68 49.78
C GLU D 238 -44.94 13.57 49.64
N ALA D 239 -45.47 12.43 50.08
CA ALA D 239 -46.90 12.17 50.17
C ALA D 239 -47.10 10.81 50.83
N TRP D 240 -48.24 10.61 51.50
CA TRP D 240 -48.53 9.31 52.09
C TRP D 240 -49.62 8.61 51.33
N GLY D 241 -49.74 7.30 51.55
CA GLY D 241 -50.93 6.57 51.18
C GLY D 241 -52.20 7.36 51.47
N ARG D 242 -53.19 7.28 50.57
CA ARG D 242 -54.39 8.10 50.65
C ARG D 242 -55.65 7.26 50.49
N ALA D 243 -56.26 6.82 51.59
CA ALA D 243 -57.50 6.05 51.54
C ALA D 243 -58.68 6.84 50.94
N ASP D 244 -59.79 6.14 50.66
CA ASP D 244 -60.82 6.62 49.70
C ASP D 244 -61.66 7.89 50.04
N CYS D 245 -62.05 8.66 49.03
CA CYS D 245 -62.83 9.88 49.23
C CYS D 245 -63.38 10.41 47.92
N LYS E 2 -28.17 -17.05 -12.39
CA LYS E 2 -26.79 -16.96 -11.92
C LYS E 2 -25.87 -16.06 -12.79
N GLU E 3 -26.45 -14.99 -13.33
CA GLU E 3 -25.71 -13.87 -13.96
C GLU E 3 -25.31 -12.88 -12.85
N GLU E 4 -24.01 -12.63 -12.67
CA GLU E 4 -23.58 -12.03 -11.42
C GLU E 4 -22.75 -10.74 -11.51
N HIS E 5 -21.65 -10.73 -12.24
CA HIS E 5 -20.84 -9.50 -12.29
C HIS E 5 -20.30 -9.13 -13.66
N VAL E 6 -20.06 -7.83 -13.87
CA VAL E 6 -19.42 -7.30 -15.09
C VAL E 6 -18.42 -6.22 -14.73
N ILE E 7 -17.15 -6.44 -15.09
CA ILE E 7 -16.11 -5.41 -15.01
C ILE E 7 -15.81 -4.92 -16.43
N ILE E 8 -15.86 -3.61 -16.65
CA ILE E 8 -15.59 -3.03 -17.97
C ILE E 8 -14.50 -1.96 -17.90
N GLN E 9 -13.49 -2.10 -18.74
CA GLN E 9 -12.49 -1.07 -18.95
C GLN E 9 -13.01 -0.28 -20.16
N ALA E 10 -13.71 0.82 -19.88
CA ALA E 10 -14.22 1.66 -20.97
C ALA E 10 -13.27 2.82 -21.28
N GLU E 11 -12.95 3.00 -22.55
CA GLU E 11 -12.20 4.17 -22.94
C GLU E 11 -12.75 4.89 -24.17
N PHE E 12 -12.33 6.12 -24.40
CA PHE E 12 -12.70 6.81 -25.63
C PHE E 12 -11.73 7.91 -25.99
N TYR E 13 -11.81 8.35 -27.24
CA TYR E 13 -11.06 9.50 -27.72
C TYR E 13 -12.01 10.31 -28.61
N LEU E 14 -12.10 11.61 -28.34
CA LEU E 14 -13.02 12.50 -29.07
C LEU E 14 -12.29 13.58 -29.85
N ASN E 15 -12.52 13.59 -31.16
CA ASN E 15 -12.09 14.68 -32.02
C ASN E 15 -13.26 15.65 -32.28
N PRO E 16 -12.93 16.92 -32.59
CA PRO E 16 -11.54 17.37 -32.66
C PRO E 16 -11.05 17.91 -31.33
N ASP E 17 -11.86 17.73 -30.28
CA ASP E 17 -11.56 18.19 -28.93
C ASP E 17 -10.28 17.64 -28.38
N GLN E 18 -9.80 16.56 -28.99
CA GLN E 18 -8.68 15.80 -28.45
C GLN E 18 -8.85 15.51 -26.97
N SER E 19 -10.02 15.01 -26.58
CA SER E 19 -10.15 14.47 -25.22
C SER E 19 -10.28 12.94 -25.19
N GLY E 20 -9.66 12.33 -24.19
CA GLY E 20 -9.59 10.90 -24.05
C GLY E 20 -9.77 10.53 -22.60
N GLU E 21 -10.34 9.36 -22.34
CA GLU E 21 -10.65 8.94 -21.00
C GLU E 21 -10.46 7.45 -20.86
N PHE E 22 -10.11 7.02 -19.64
CA PHE E 22 -9.84 5.63 -19.33
C PHE E 22 -10.41 5.36 -17.94
N MET E 23 -11.34 4.42 -17.84
CA MET E 23 -11.93 4.11 -16.55
C MET E 23 -12.42 2.66 -16.49
N PHE E 24 -12.73 2.22 -15.27
CA PHE E 24 -13.14 0.85 -15.01
C PHE E 24 -14.47 0.92 -14.28
N ASP E 25 -15.42 0.09 -14.72
CA ASP E 25 -16.76 0.12 -14.21
C ASP E 25 -17.01 -1.22 -13.58
N PHE E 26 -17.66 -1.24 -12.43
CA PHE E 26 -18.04 -2.50 -11.82
C PHE E 26 -19.55 -2.52 -11.55
N ASP E 27 -20.30 -3.26 -12.35
CA ASP E 27 -21.75 -3.31 -12.14
C ASP E 27 -22.37 -1.93 -12.12
N GLY E 28 -21.85 -1.01 -12.92
CA GLY E 28 -22.42 0.31 -12.98
C GLY E 28 -21.63 1.39 -12.27
N ASP E 29 -20.86 1.00 -11.27
CA ASP E 29 -20.07 1.95 -10.50
C ASP E 29 -18.62 2.09 -11.03
N GLU E 30 -18.09 3.32 -11.01
CA GLU E 30 -16.67 3.55 -11.29
C GLU E 30 -15.78 2.98 -10.20
N ILE E 31 -14.78 2.20 -10.59
CA ILE E 31 -13.76 1.74 -9.65
C ILE E 31 -12.66 2.80 -9.55
N PHE E 32 -12.28 3.34 -10.70
CA PHE E 32 -11.29 4.39 -10.78
C PHE E 32 -11.23 4.93 -12.19
N HIS E 33 -10.47 6.02 -12.38
CA HIS E 33 -10.15 6.49 -13.71
C HIS E 33 -8.77 7.09 -13.68
N VAL E 34 -8.16 7.21 -14.84
CA VAL E 34 -6.88 7.85 -14.93
C VAL E 34 -7.10 9.29 -15.35
N ASP E 35 -6.54 10.20 -14.57
CA ASP E 35 -6.48 11.63 -14.90
C ASP E 35 -5.48 11.82 -16.02
N MET E 36 -5.94 12.12 -17.22
CA MET E 36 -5.02 12.15 -18.35
C MET E 36 -3.99 13.30 -18.25
N ALA E 37 -4.41 14.39 -17.62
CA ALA E 37 -3.58 15.57 -17.48
C ALA E 37 -2.51 15.40 -16.39
N LYS E 38 -2.97 14.90 -15.25
CA LYS E 38 -2.15 14.73 -14.07
C LYS E 38 -1.34 13.43 -14.13
N LYS E 39 -1.69 12.57 -15.11
CA LYS E 39 -1.14 11.22 -15.21
C LYS E 39 -1.22 10.50 -13.85
N GLU E 40 -2.40 10.51 -13.23
CA GLU E 40 -2.53 9.70 -12.02
C GLU E 40 -3.86 8.96 -11.86
N THR E 41 -3.79 7.83 -11.17
CA THR E 41 -4.94 6.98 -10.90
C THR E 41 -5.81 7.57 -9.78
N VAL E 42 -7.06 7.81 -10.07
CA VAL E 42 -7.98 8.31 -9.09
C VAL E 42 -9.00 7.25 -8.72
N TRP E 43 -8.78 6.56 -7.62
CA TRP E 43 -9.80 5.64 -7.09
C TRP E 43 -11.10 6.35 -6.70
N ARG E 44 -12.25 5.73 -6.97
CA ARG E 44 -13.56 6.36 -6.77
C ARG E 44 -13.94 6.45 -5.30
N LEU E 45 -13.47 5.50 -4.51
CA LEU E 45 -13.50 5.63 -3.06
C LEU E 45 -12.05 5.54 -2.65
N GLU E 46 -11.65 6.33 -1.66
CA GLU E 46 -10.26 6.42 -1.27
C GLU E 46 -9.71 5.04 -0.91
N GLU E 47 -10.52 4.22 -0.25
CA GLU E 47 -10.10 2.88 0.19
C GLU E 47 -9.57 1.98 -0.90
N PHE E 48 -10.23 2.00 -2.06
CA PHE E 48 -9.86 1.12 -3.17
C PHE E 48 -8.33 1.11 -3.38
N GLY E 49 -7.69 2.27 -3.23
CA GLY E 49 -6.25 2.40 -3.40
C GLY E 49 -5.37 1.70 -2.35
N ARG E 50 -5.96 1.28 -1.25
CA ARG E 50 -5.24 0.51 -0.24
C ARG E 50 -5.20 -0.97 -0.61
N PHE E 51 -6.08 -1.38 -1.51
CA PHE E 51 -6.32 -2.79 -1.79
C PHE E 51 -5.81 -3.18 -3.16
N ALA E 52 -5.46 -2.19 -3.98
CA ALA E 52 -4.95 -2.45 -5.31
C ALA E 52 -4.19 -1.26 -5.81
N SER E 53 -3.40 -1.47 -6.86
CA SER E 53 -2.65 -0.37 -7.41
C SER E 53 -2.76 -0.47 -8.91
N PHE E 54 -2.82 0.66 -9.58
CA PHE E 54 -2.80 0.68 -11.04
C PHE E 54 -1.80 1.71 -11.51
N GLU E 55 -0.94 1.32 -12.44
CA GLU E 55 0.05 2.23 -12.98
C GLU E 55 -0.59 3.08 -14.06
N ALA E 56 -0.68 4.37 -13.79
CA ALA E 56 -1.46 5.29 -14.62
C ALA E 56 -0.94 5.51 -16.05
N GLN E 57 0.37 5.57 -16.23
CA GLN E 57 0.89 5.87 -17.57
C GLN E 57 0.51 4.85 -18.65
N GLY E 58 0.10 3.65 -18.26
CA GLY E 58 -0.28 2.65 -19.24
C GLY E 58 -1.56 3.04 -19.96
N ALA E 59 -2.37 3.86 -19.30
CA ALA E 59 -3.60 4.41 -19.89
C ALA E 59 -3.31 5.40 -21.02
N LEU E 60 -2.21 6.12 -20.91
CA LEU E 60 -1.88 7.09 -21.94
C LEU E 60 -1.43 6.37 -23.20
N ALA E 61 -0.76 5.24 -23.01
CA ALA E 61 -0.40 4.38 -24.13
C ALA E 61 -1.64 3.84 -24.82
N ASN E 62 -2.70 3.58 -24.05
CA ASN E 62 -3.99 3.14 -24.57
C ASN E 62 -4.73 4.23 -25.35
N ILE E 63 -4.82 5.41 -24.75
CA ILE E 63 -5.50 6.49 -25.42
C ILE E 63 -4.86 6.74 -26.77
N ALA E 64 -3.55 6.64 -26.82
CA ALA E 64 -2.84 6.87 -28.06
C ALA E 64 -3.32 5.94 -29.16
N VAL E 65 -3.46 4.65 -28.85
CA VAL E 65 -3.95 3.70 -29.83
C VAL E 65 -5.36 4.11 -30.24
N ASP E 66 -6.21 4.40 -29.25
CA ASP E 66 -7.55 4.95 -29.50
C ASP E 66 -7.54 6.09 -30.51
N LYS E 67 -6.70 7.09 -30.26
CA LYS E 67 -6.53 8.19 -31.20
C LYS E 67 -6.21 7.67 -32.61
N ALA E 68 -5.23 6.79 -32.75
CA ALA E 68 -4.93 6.21 -34.06
C ALA E 68 -6.15 5.59 -34.72
N ASN E 69 -6.84 4.75 -33.96
CA ASN E 69 -7.98 4.04 -34.51
C ASN E 69 -9.05 5.03 -34.90
N LEU E 70 -9.26 6.04 -34.06
CA LEU E 70 -10.26 7.04 -34.38
C LEU E 70 -10.00 7.62 -35.76
N GLU E 71 -8.75 7.91 -36.07
CA GLU E 71 -8.40 8.51 -37.35
C GLU E 71 -8.70 7.54 -38.48
N ILE E 72 -8.28 6.30 -38.32
CA ILE E 72 -8.53 5.23 -39.30
C ILE E 72 -10.02 5.02 -39.56
N MET E 73 -10.81 5.06 -38.50
CA MET E 73 -12.25 4.92 -38.63
C MET E 73 -12.89 6.12 -39.27
N THR E 74 -12.51 7.31 -38.84
CA THR E 74 -13.09 8.53 -39.39
C THR E 74 -12.96 8.48 -40.92
N LYS E 75 -11.77 8.11 -41.38
CA LYS E 75 -11.51 7.99 -42.82
C LYS E 75 -12.29 6.84 -43.45
N ARG E 76 -12.29 5.70 -42.78
CA ARG E 76 -12.93 4.55 -43.36
C ARG E 76 -14.41 4.85 -43.65
N SER E 77 -15.02 5.71 -42.82
CA SER E 77 -16.45 5.97 -42.93
C SER E 77 -16.75 7.18 -43.80
N ASN E 78 -15.73 7.71 -44.47
CA ASN E 78 -15.88 8.99 -45.19
C ASN E 78 -16.32 10.14 -44.27
N TYR E 79 -15.56 10.32 -43.19
CA TYR E 79 -15.78 11.36 -42.22
C TYR E 79 -17.26 11.51 -41.81
N THR E 80 -17.87 10.38 -41.48
CA THR E 80 -19.25 10.36 -41.03
C THR E 80 -19.31 10.69 -39.56
N PRO E 81 -19.80 11.87 -39.22
CA PRO E 81 -19.71 12.38 -37.86
C PRO E 81 -20.81 11.86 -36.96
N ILE E 82 -20.59 11.97 -35.66
CA ILE E 82 -21.55 11.54 -34.67
C ILE E 82 -22.79 12.42 -34.75
N THR E 83 -23.87 11.96 -34.15
CA THR E 83 -25.10 12.72 -34.08
C THR E 83 -25.41 13.09 -32.62
N ASN E 84 -25.46 14.37 -32.33
CA ASN E 84 -25.66 14.78 -30.94
C ASN E 84 -26.80 14.00 -30.36
N VAL E 85 -26.71 13.71 -29.08
CA VAL E 85 -27.83 13.09 -28.39
C VAL E 85 -27.96 13.77 -27.05
N PRO E 86 -28.97 14.63 -26.92
CA PRO E 86 -29.27 15.41 -25.72
C PRO E 86 -29.53 14.53 -24.53
N PRO E 87 -29.21 15.01 -23.32
CA PRO E 87 -29.32 14.29 -22.05
C PRO E 87 -30.70 14.29 -21.38
N GLU E 88 -30.84 13.50 -20.32
CA GLU E 88 -32.05 13.48 -19.50
C GLU E 88 -31.64 13.76 -18.07
N VAL E 89 -31.76 15.02 -17.65
CA VAL E 89 -31.39 15.34 -16.30
C VAL E 89 -32.49 14.93 -15.34
N THR E 90 -32.13 14.80 -14.07
CA THR E 90 -33.01 14.30 -13.04
C THR E 90 -32.32 14.72 -11.78
N VAL E 91 -33.02 15.45 -10.91
CA VAL E 91 -32.41 15.81 -9.63
C VAL E 91 -33.08 15.12 -8.45
N LEU E 92 -32.28 14.58 -7.55
CA LEU E 92 -32.85 13.91 -6.39
C LEU E 92 -31.97 14.02 -5.15
N THR E 93 -32.47 13.50 -4.04
CA THR E 93 -31.85 13.72 -2.73
C THR E 93 -31.24 12.41 -2.27
N ASN E 94 -30.02 12.47 -1.75
CA ASN E 94 -29.35 11.25 -1.34
C ASN E 94 -30.21 10.51 -0.34
N SER E 95 -30.46 11.14 0.80
CA SER E 95 -31.32 10.55 1.83
C SER E 95 -32.71 11.21 1.86
N PRO E 96 -33.65 10.60 2.59
CA PRO E 96 -34.94 11.29 2.62
C PRO E 96 -34.81 12.53 3.49
N VAL E 97 -35.37 13.67 3.05
CA VAL E 97 -35.21 14.97 3.72
C VAL E 97 -35.90 15.15 5.10
N GLU E 98 -35.22 15.93 5.95
CA GLU E 98 -35.68 16.27 7.29
C GLU E 98 -35.02 17.62 7.55
N LEU E 99 -35.74 18.55 8.17
CA LEU E 99 -35.23 19.93 8.23
C LEU E 99 -34.13 20.18 9.28
N ARG E 100 -33.22 21.10 8.97
CA ARG E 100 -32.01 21.32 9.76
C ARG E 100 -31.06 20.10 9.76
N GLU E 101 -31.56 18.94 9.31
CA GLU E 101 -30.72 17.74 9.12
C GLU E 101 -30.04 17.78 7.74
N PRO E 102 -28.72 17.53 7.69
CA PRO E 102 -28.02 17.74 6.42
C PRO E 102 -28.17 16.58 5.42
N ASN E 103 -27.94 16.91 4.14
CA ASN E 103 -28.15 15.95 3.07
C ASN E 103 -27.29 16.29 1.84
N VAL E 104 -27.51 15.57 0.76
CA VAL E 104 -26.83 15.85 -0.52
C VAL E 104 -27.75 15.76 -1.73
N LEU E 105 -27.42 16.53 -2.77
CA LEU E 105 -28.30 16.67 -3.94
C LEU E 105 -27.67 16.10 -5.21
N ILE E 106 -28.16 14.95 -5.63
CA ILE E 106 -27.62 14.29 -6.80
C ILE E 106 -28.30 14.81 -8.06
N CYS E 107 -27.50 15.08 -9.06
CA CYS E 107 -28.02 15.47 -10.35
C CYS E 107 -27.48 14.49 -11.40
N PHE E 108 -28.36 13.66 -11.93
CA PHE E 108 -27.99 12.58 -12.86
C PHE E 108 -28.20 13.04 -14.30
N ILE E 109 -27.15 13.01 -15.11
CA ILE E 109 -27.19 13.47 -16.50
C ILE E 109 -27.02 12.27 -17.44
N ASP E 110 -28.12 11.79 -18.02
CA ASP E 110 -28.15 10.44 -18.62
C ASP E 110 -28.31 10.38 -20.16
N LYS E 111 -27.86 9.28 -20.75
CA LYS E 111 -28.12 8.98 -22.15
C LYS E 111 -27.70 10.05 -23.16
N PHE E 112 -26.52 10.62 -23.00
CA PHE E 112 -26.02 11.61 -23.96
C PHE E 112 -24.77 11.25 -24.75
N THR E 113 -24.39 12.12 -25.67
CA THR E 113 -23.20 11.94 -26.49
C THR E 113 -23.12 13.09 -27.50
N PRO E 114 -21.90 13.53 -27.84
CA PRO E 114 -20.63 13.07 -27.28
C PRO E 114 -20.49 13.36 -25.80
N PRO E 115 -19.43 12.82 -25.19
CA PRO E 115 -19.27 13.02 -23.75
C PRO E 115 -18.63 14.39 -23.50
N VAL E 116 -19.45 15.44 -23.63
CA VAL E 116 -19.02 16.82 -23.44
C VAL E 116 -20.16 17.67 -22.89
N VAL E 117 -20.10 17.99 -21.60
CA VAL E 117 -21.18 18.72 -20.97
C VAL E 117 -20.71 19.78 -19.99
N ASN E 118 -21.65 20.61 -19.60
CA ASN E 118 -21.41 21.71 -18.71
C ASN E 118 -22.50 21.68 -17.68
N VAL E 119 -22.15 21.36 -16.45
CA VAL E 119 -23.14 21.32 -15.40
C VAL E 119 -22.84 22.42 -14.40
N THR E 120 -23.87 23.19 -14.05
CA THR E 120 -23.78 24.26 -13.07
C THR E 120 -24.80 24.00 -11.99
N TRP E 121 -24.45 24.34 -10.76
CA TRP E 121 -25.43 24.39 -9.70
C TRP E 121 -25.98 25.81 -9.50
N LEU E 122 -27.31 25.93 -9.37
CA LEU E 122 -28.00 27.19 -9.10
C LEU E 122 -28.81 27.15 -7.79
N ARG E 123 -28.86 28.27 -7.08
CA ARG E 123 -29.78 28.43 -5.95
C ARG E 123 -30.53 29.75 -6.02
N ASN E 124 -31.85 29.69 -6.05
CA ASN E 124 -32.63 30.88 -6.33
C ASN E 124 -31.99 31.67 -7.46
N GLY E 125 -31.61 30.94 -8.50
CA GLY E 125 -31.13 31.54 -9.73
C GLY E 125 -29.69 31.99 -9.68
N LYS E 126 -29.00 31.67 -8.59
CA LYS E 126 -27.60 32.08 -8.47
C LYS E 126 -26.60 30.94 -8.21
N PRO E 127 -25.56 30.87 -9.07
CA PRO E 127 -24.45 29.91 -9.08
C PRO E 127 -23.91 29.59 -7.69
N VAL E 128 -23.96 28.32 -7.32
CA VAL E 128 -23.42 27.86 -6.04
C VAL E 128 -22.41 26.74 -6.29
N THR E 129 -21.23 26.81 -5.66
CA THR E 129 -20.16 25.87 -5.95
C THR E 129 -19.36 25.40 -4.73
N THR E 130 -19.86 25.68 -3.54
CA THR E 130 -19.12 25.29 -2.34
C THR E 130 -19.30 23.81 -2.01
N GLY E 131 -18.22 23.04 -2.13
CA GLY E 131 -18.26 21.63 -1.75
C GLY E 131 -18.80 20.70 -2.83
N VAL E 132 -19.13 21.27 -3.99
CA VAL E 132 -19.65 20.49 -5.10
C VAL E 132 -18.62 19.45 -5.48
N SER E 133 -19.05 18.46 -6.26
CA SER E 133 -18.15 17.48 -6.81
C SER E 133 -18.76 16.87 -8.06
N GLU E 134 -18.02 16.01 -8.74
CA GLU E 134 -18.59 15.34 -9.89
C GLU E 134 -17.86 14.06 -10.22
N THR E 135 -18.45 13.26 -11.11
CA THR E 135 -17.79 12.07 -11.61
C THR E 135 -17.30 12.37 -13.01
N VAL E 136 -16.52 11.46 -13.59
CA VAL E 136 -16.16 11.58 -15.00
C VAL E 136 -17.32 11.03 -15.82
N PHE E 137 -17.14 11.02 -17.14
CA PHE E 137 -18.10 10.39 -18.03
C PHE E 137 -18.18 8.86 -17.86
N LEU E 138 -19.34 8.36 -17.48
CA LEU E 138 -19.53 6.93 -17.29
C LEU E 138 -20.18 6.23 -18.50
N PRO E 139 -19.83 4.95 -18.73
CA PRO E 139 -20.29 4.24 -19.94
C PRO E 139 -21.67 3.67 -19.77
N ARG E 140 -22.42 3.66 -20.86
CA ARG E 140 -23.72 3.00 -20.85
C ARG E 140 -23.69 1.85 -21.82
N GLU E 141 -24.62 0.91 -21.67
CA GLU E 141 -24.62 -0.25 -22.54
C GLU E 141 -25.14 0.06 -23.92
N ASP E 142 -25.94 1.12 -24.05
CA ASP E 142 -26.28 1.64 -25.38
C ASP E 142 -25.19 2.52 -25.96
N HIS E 143 -24.14 2.77 -25.18
CA HIS E 143 -22.92 3.42 -25.63
C HIS E 143 -23.03 4.95 -25.71
N LEU E 144 -24.02 5.44 -24.97
CA LEU E 144 -24.08 6.83 -24.56
C LEU E 144 -23.45 6.88 -23.18
N PHE E 145 -23.62 7.99 -22.48
CA PHE E 145 -22.94 8.20 -21.21
C PHE E 145 -23.86 8.61 -20.09
N ARG E 146 -23.40 8.45 -18.86
CA ARG E 146 -24.07 9.05 -17.70
C ARG E 146 -23.09 10.05 -17.06
N LYS E 147 -23.52 10.69 -15.97
CA LYS E 147 -22.66 11.57 -15.20
C LYS E 147 -23.39 12.05 -13.96
N PHE E 148 -22.69 12.09 -12.84
CA PHE E 148 -23.27 12.54 -11.58
C PHE E 148 -22.54 13.76 -11.03
N HIS E 149 -23.28 14.84 -10.76
CA HIS E 149 -22.78 15.96 -9.99
C HIS E 149 -23.39 15.98 -8.63
N TYR E 150 -22.68 16.55 -7.69
CA TYR E 150 -23.14 16.48 -6.31
C TYR E 150 -23.10 17.84 -5.65
N LEU E 151 -23.92 18.00 -4.63
CA LEU E 151 -24.02 19.25 -3.92
C LEU E 151 -24.62 19.05 -2.55
N PRO E 152 -23.77 19.10 -1.51
CA PRO E 152 -24.32 18.94 -0.17
C PRO E 152 -25.05 20.23 0.20
N PHE E 153 -26.03 20.14 1.09
CA PHE E 153 -26.85 21.30 1.40
C PHE E 153 -27.63 21.07 2.68
N LEU E 154 -28.50 22.02 2.98
CA LEU E 154 -29.24 22.01 4.23
C LEU E 154 -30.69 22.29 3.93
N PRO E 155 -31.58 21.36 4.30
CA PRO E 155 -33.03 21.50 4.12
C PRO E 155 -33.59 22.81 4.68
N SER E 156 -34.25 23.56 3.80
CA SER E 156 -34.81 24.88 4.11
C SER E 156 -35.93 25.16 3.14
N THR E 157 -36.94 25.86 3.61
CA THR E 157 -38.20 25.96 2.88
C THR E 157 -38.16 26.95 1.71
N GLU E 158 -37.60 28.13 1.97
CA GLU E 158 -37.58 29.17 0.96
C GLU E 158 -36.74 28.79 -0.25
N ASP E 159 -35.63 28.09 -0.01
CA ASP E 159 -34.64 27.82 -1.04
C ASP E 159 -35.12 26.97 -2.20
N VAL E 160 -34.81 27.43 -3.41
CA VAL E 160 -35.15 26.71 -4.63
C VAL E 160 -33.90 26.42 -5.49
N TYR E 161 -33.62 25.14 -5.71
CA TYR E 161 -32.38 24.72 -6.36
C TYR E 161 -32.61 24.30 -7.79
N ASP E 162 -31.58 24.47 -8.61
CA ASP E 162 -31.64 24.05 -10.01
C ASP E 162 -30.33 23.46 -10.50
N CYS E 163 -30.41 22.36 -11.23
CA CYS E 163 -29.24 21.79 -11.89
C CYS E 163 -29.18 22.35 -13.31
N ARG E 164 -28.29 23.29 -13.57
CA ARG E 164 -28.24 23.88 -14.90
C ARG E 164 -27.28 23.11 -15.79
N VAL E 165 -27.81 22.48 -16.84
CA VAL E 165 -27.06 21.58 -17.69
C VAL E 165 -27.07 22.03 -19.15
N GLU E 166 -25.90 22.14 -19.78
CA GLU E 166 -25.85 22.52 -21.21
C GLU E 166 -25.13 21.47 -22.05
N HIS E 167 -25.62 21.23 -23.27
CA HIS E 167 -25.09 20.15 -24.10
C HIS E 167 -25.52 20.31 -25.54
N TRP E 168 -24.59 20.14 -26.48
CA TRP E 168 -24.87 20.34 -27.89
C TRP E 168 -26.18 19.75 -28.43
N GLY E 169 -26.66 18.67 -27.82
CA GLY E 169 -27.91 18.06 -28.23
C GLY E 169 -29.11 18.87 -27.81
N LEU E 170 -28.96 19.60 -26.71
CA LEU E 170 -29.98 20.56 -26.27
C LEU E 170 -29.99 21.78 -27.18
N ASP E 171 -31.11 22.50 -27.18
CA ASP E 171 -31.23 23.70 -28.00
C ASP E 171 -31.20 24.95 -27.10
N GLU E 172 -30.93 24.71 -25.84
CA GLU E 172 -30.79 25.78 -24.87
C GLU E 172 -30.28 25.05 -23.64
N PRO E 173 -29.86 25.81 -22.63
CA PRO E 173 -29.53 25.21 -21.34
C PRO E 173 -30.79 24.67 -20.69
N LEU E 174 -30.72 23.52 -20.04
CA LEU E 174 -31.90 22.92 -19.43
C LEU E 174 -31.86 23.06 -17.91
N LEU E 175 -33.01 23.33 -17.30
CA LEU E 175 -33.06 23.49 -15.85
C LEU E 175 -33.94 22.45 -15.16
N LYS E 176 -33.45 21.89 -14.07
CA LYS E 176 -34.26 20.94 -13.27
C LYS E 176 -34.46 21.45 -11.86
N HIS E 177 -35.56 22.19 -11.71
CA HIS E 177 -35.97 22.74 -10.43
C HIS E 177 -35.98 21.67 -9.36
N TRP E 178 -35.67 22.08 -8.13
CA TRP E 178 -35.87 21.22 -6.97
C TRP E 178 -36.05 22.06 -5.74
N GLU E 179 -37.07 21.75 -4.96
CA GLU E 179 -37.28 22.44 -3.71
C GLU E 179 -37.88 21.49 -2.68
N PHE E 180 -37.71 21.82 -1.41
CA PHE E 180 -38.28 20.99 -0.35
C PHE E 180 -39.82 20.89 -0.47
N PHE F 1 -2.71 -7.08 -4.74
CA PHE F 1 -2.27 -5.78 -5.27
C PHE F 1 -2.10 -5.83 -6.78
N SER F 2 -2.36 -4.72 -7.47
CA SER F 2 -1.89 -4.57 -8.86
C SER F 2 -2.87 -4.92 -9.99
N TRP F 3 -3.64 -3.93 -10.40
CA TRP F 3 -4.73 -4.10 -11.34
C TRP F 3 -4.22 -4.15 -12.79
N GLY F 4 -4.77 -5.07 -13.59
CA GLY F 4 -4.31 -5.28 -14.94
C GLY F 4 -5.14 -4.61 -15.99
N ALA F 5 -4.54 -4.30 -17.13
CA ALA F 5 -5.25 -3.60 -18.19
C ALA F 5 -5.13 -4.35 -19.49
N GLU F 6 -6.19 -4.38 -20.26
CA GLU F 6 -6.15 -4.89 -21.62
C GLU F 6 -5.77 -3.78 -22.60
N GLY F 7 -4.91 -4.10 -23.58
CA GLY F 7 -4.54 -3.12 -24.58
C GLY F 7 -5.33 -3.19 -25.88
N GLN F 8 -4.85 -2.44 -26.88
CA GLN F 8 -5.41 -2.49 -28.24
C GLN F 8 -4.28 -2.26 -29.24
N ARG F 9 -4.51 -2.58 -30.50
CA ARG F 9 -3.55 -2.20 -31.54
C ARG F 9 -4.27 -1.34 -32.60
N PRO F 10 -3.50 -0.62 -33.42
CA PRO F 10 -4.18 0.06 -34.53
C PRO F 10 -4.80 -0.94 -35.50
N GLY F 11 -5.95 -0.56 -36.06
CA GLY F 11 -6.58 -1.35 -37.09
C GLY F 11 -5.88 -1.24 -38.44
N PHE F 12 -6.61 -1.54 -39.49
CA PHE F 12 -6.03 -1.57 -40.82
C PHE F 12 -6.13 -0.22 -41.48
N GLY F 13 -5.04 0.19 -42.12
CA GLY F 13 -4.94 1.48 -42.75
C GLY F 13 -4.03 2.43 -42.02
N SER F 14 -4.24 3.73 -42.20
CA SER F 14 -3.45 4.73 -41.50
C SER F 14 -4.26 5.67 -40.61
N GLY F 15 -3.69 6.05 -39.46
CA GLY F 15 -4.37 6.89 -38.49
C GLY F 15 -3.59 8.17 -38.26
N GLY F 16 -2.84 8.56 -39.28
CA GLY F 16 -2.07 9.78 -39.23
C GLY F 16 -2.85 10.94 -38.64
N GLY F 17 -4.03 11.21 -39.19
CA GLY F 17 -4.76 12.42 -38.88
C GLY F 17 -4.66 13.40 -40.02
N SER F 18 -5.57 13.28 -40.98
CA SER F 18 -5.61 14.17 -42.12
C SER F 18 -6.06 15.56 -41.68
N LEU F 19 -5.30 16.55 -42.07
CA LEU F 19 -5.69 17.94 -41.87
C LEU F 19 -6.56 18.34 -43.05
N VAL F 20 -7.86 18.51 -42.78
CA VAL F 20 -8.82 18.76 -43.85
C VAL F 20 -9.82 19.84 -43.44
N PRO F 21 -10.34 20.59 -44.43
CA PRO F 21 -11.15 21.80 -44.24
C PRO F 21 -12.02 21.76 -43.01
N ARG F 22 -12.11 22.90 -42.34
CA ARG F 22 -12.96 22.99 -41.19
C ARG F 22 -14.36 22.45 -41.49
N GLY F 23 -14.98 21.83 -40.50
CA GLY F 23 -16.30 21.25 -40.69
C GLY F 23 -17.39 22.27 -40.49
N SER F 24 -18.63 21.83 -40.62
CA SER F 24 -19.79 22.70 -40.42
C SER F 24 -20.95 21.96 -39.74
N GLY F 25 -21.94 22.72 -39.28
CA GLY F 25 -23.08 22.16 -38.58
C GLY F 25 -22.92 20.96 -37.65
N GLY F 26 -22.06 21.07 -36.63
CA GLY F 26 -22.01 20.12 -35.54
C GLY F 26 -21.86 20.81 -34.19
N GLY F 27 -21.26 20.16 -33.22
CA GLY F 27 -21.04 20.74 -31.91
C GLY F 27 -22.29 21.48 -31.49
N GLY F 28 -22.14 22.45 -30.61
CA GLY F 28 -23.33 23.08 -30.04
C GLY F 28 -23.35 24.59 -30.07
N SER F 29 -22.41 25.19 -29.35
CA SER F 29 -22.35 26.64 -29.28
C SER F 29 -21.07 27.16 -29.90
N GLY F 30 -21.24 28.02 -30.89
CA GLY F 30 -20.16 28.82 -31.45
C GLY F 30 -19.21 27.86 -32.09
N ASP F 31 -19.19 26.65 -31.53
CA ASP F 31 -18.36 25.54 -31.99
C ASP F 31 -19.26 24.59 -32.74
N THR F 32 -19.16 24.57 -34.06
CA THR F 32 -19.99 23.66 -34.81
C THR F 32 -19.12 22.74 -35.63
N ARG F 33 -17.87 22.61 -35.23
CA ARG F 33 -17.06 21.57 -35.84
C ARG F 33 -17.76 20.26 -35.58
N PRO F 34 -17.83 19.40 -36.60
CA PRO F 34 -18.43 18.08 -36.44
C PRO F 34 -17.55 17.17 -35.58
N ARG F 35 -18.16 16.27 -34.81
CA ARG F 35 -17.42 15.37 -33.91
C ARG F 35 -17.17 13.94 -34.45
N PHE F 36 -16.10 13.30 -33.98
CA PHE F 36 -15.80 11.90 -34.28
C PHE F 36 -15.32 11.13 -33.05
N LEU F 37 -16.08 10.12 -32.63
CA LEU F 37 -15.85 9.40 -31.38
C LEU F 37 -15.36 7.98 -31.56
N GLU F 38 -14.29 7.61 -30.86
CA GLU F 38 -13.83 6.21 -30.81
C GLU F 38 -14.06 5.66 -29.40
N GLN F 39 -14.70 4.49 -29.32
CA GLN F 39 -14.82 3.78 -28.05
C GLN F 39 -14.15 2.40 -28.07
N VAL F 40 -13.62 2.02 -26.92
CA VAL F 40 -13.19 0.67 -26.69
C VAL F 40 -13.75 0.22 -25.34
N LYS F 41 -14.39 -0.94 -25.34
CA LYS F 41 -14.79 -1.54 -24.09
C LYS F 41 -14.23 -2.96 -23.98
N HIS F 42 -13.39 -3.18 -22.97
CA HIS F 42 -12.89 -4.53 -22.69
C HIS F 42 -13.71 -5.01 -21.52
N GLU F 43 -14.55 -6.01 -21.75
CA GLU F 43 -15.55 -6.40 -20.76
C GLU F 43 -15.32 -7.77 -20.19
N CYS F 44 -15.48 -7.87 -18.88
CA CYS F 44 -15.38 -9.14 -18.19
C CYS F 44 -16.71 -9.51 -17.55
N HIS F 45 -17.28 -10.64 -17.97
CA HIS F 45 -18.55 -11.10 -17.43
C HIS F 45 -18.38 -12.35 -16.60
N PHE F 46 -18.80 -12.28 -15.35
CA PHE F 46 -18.65 -13.37 -14.41
C PHE F 46 -19.99 -14.03 -14.10
N PHE F 47 -20.01 -15.37 -14.07
CA PHE F 47 -21.22 -16.10 -13.65
C PHE F 47 -20.91 -17.13 -12.59
N ASN F 48 -21.60 -17.01 -11.46
CA ASN F 48 -21.30 -17.81 -10.30
C ASN F 48 -19.84 -17.63 -9.89
N GLY F 49 -19.44 -16.38 -9.64
CA GLY F 49 -18.09 -16.06 -9.22
C GLY F 49 -17.19 -16.12 -10.42
N THR F 50 -16.00 -16.71 -10.32
CA THR F 50 -15.15 -16.82 -11.49
C THR F 50 -15.17 -18.19 -12.11
N GLU F 51 -16.28 -18.92 -12.00
CA GLU F 51 -16.32 -20.29 -12.52
C GLU F 51 -16.56 -20.31 -14.00
N ARG F 52 -17.42 -19.42 -14.48
CA ARG F 52 -17.54 -19.23 -15.90
C ARG F 52 -17.41 -17.74 -16.21
N VAL F 53 -16.71 -17.45 -17.29
CA VAL F 53 -16.31 -16.09 -17.55
C VAL F 53 -16.16 -15.83 -19.04
N ARG F 54 -16.75 -14.74 -19.49
CA ARG F 54 -16.76 -14.39 -20.89
C ARG F 54 -16.00 -13.08 -21.06
N PHE F 55 -15.04 -13.03 -21.99
CA PHE F 55 -14.31 -11.80 -22.28
C PHE F 55 -14.72 -11.20 -23.61
N LEU F 56 -15.02 -9.90 -23.61
CA LEU F 56 -15.36 -9.21 -24.85
C LEU F 56 -14.42 -8.05 -25.09
N ASP F 57 -13.77 -8.02 -26.25
CA ASP F 57 -12.92 -6.90 -26.64
C ASP F 57 -13.71 -6.08 -27.64
N ARG F 58 -14.54 -5.15 -27.18
CA ARG F 58 -15.45 -4.46 -28.12
C ARG F 58 -14.95 -3.10 -28.65
N TYR F 59 -15.13 -2.85 -29.94
CA TYR F 59 -14.73 -1.57 -30.54
C TYR F 59 -15.89 -0.79 -31.16
N PHE F 60 -15.96 0.51 -30.88
CA PHE F 60 -17.05 1.34 -31.37
C PHE F 60 -16.62 2.59 -32.15
N TYR F 61 -17.41 2.91 -33.17
CA TYR F 61 -17.29 4.17 -33.88
C TYR F 61 -18.60 4.88 -33.60
N HIS F 62 -18.49 6.02 -32.92
CA HIS F 62 -19.60 6.71 -32.28
C HIS F 62 -20.08 5.59 -31.36
N GLN F 63 -21.32 5.13 -31.60
CA GLN F 63 -21.88 4.04 -30.82
C GLN F 63 -22.28 2.86 -31.72
N GLU F 64 -21.38 2.48 -32.63
CA GLU F 64 -21.63 1.38 -33.52
C GLU F 64 -20.49 0.43 -33.30
N GLU F 65 -20.78 -0.69 -32.65
CA GLU F 65 -19.78 -1.72 -32.49
C GLU F 65 -19.44 -2.22 -33.87
N TYR F 66 -18.19 -2.06 -34.27
CA TYR F 66 -17.84 -2.47 -35.61
C TYR F 66 -17.00 -3.77 -35.67
N VAL F 67 -16.37 -4.12 -34.56
CA VAL F 67 -15.62 -5.35 -34.53
C VAL F 67 -15.45 -5.77 -33.08
N ARG F 68 -15.48 -7.07 -32.84
CA ARG F 68 -15.29 -7.56 -31.48
C ARG F 68 -14.57 -8.88 -31.40
N PHE F 69 -13.94 -9.11 -30.25
CA PHE F 69 -13.41 -10.41 -29.92
C PHE F 69 -14.23 -11.01 -28.82
N ASP F 70 -14.78 -12.19 -29.08
CA ASP F 70 -15.55 -12.90 -28.07
C ASP F 70 -14.76 -14.13 -27.61
N SER F 71 -14.41 -14.17 -26.34
CA SER F 71 -13.69 -15.31 -25.77
C SER F 71 -14.42 -16.61 -26.12
N ASP F 72 -15.74 -16.55 -26.21
CA ASP F 72 -16.56 -17.64 -26.68
C ASP F 72 -16.51 -17.88 -28.18
N VAL F 73 -15.79 -17.07 -28.93
CA VAL F 73 -15.67 -17.36 -30.35
C VAL F 73 -14.22 -17.64 -30.68
N GLY F 74 -13.33 -16.86 -30.09
CA GLY F 74 -11.94 -17.22 -30.10
C GLY F 74 -11.14 -16.50 -31.14
N GLU F 75 -11.79 -15.60 -31.89
CA GLU F 75 -11.11 -14.72 -32.84
C GLU F 75 -11.93 -13.44 -33.00
N TYR F 76 -11.44 -12.48 -33.80
CA TYR F 76 -12.16 -11.24 -34.04
C TYR F 76 -13.23 -11.48 -35.08
N ARG F 77 -14.37 -10.82 -34.96
CA ARG F 77 -15.39 -10.91 -36.00
C ARG F 77 -15.97 -9.54 -36.25
N ALA F 78 -16.20 -9.19 -37.52
CA ALA F 78 -16.86 -7.92 -37.83
C ALA F 78 -18.23 -7.92 -37.22
N VAL F 79 -18.68 -6.78 -36.76
CA VAL F 79 -20.05 -6.66 -36.32
C VAL F 79 -20.83 -5.98 -37.42
N THR F 80 -20.17 -5.06 -38.11
CA THR F 80 -20.73 -4.44 -39.29
C THR F 80 -19.63 -4.44 -40.32
N GLU F 81 -19.99 -4.11 -41.55
CA GLU F 81 -19.01 -4.18 -42.62
C GLU F 81 -17.87 -3.22 -42.30
N LEU F 82 -18.15 -2.21 -41.50
CA LEU F 82 -17.15 -1.24 -41.12
C LEU F 82 -15.89 -1.91 -40.54
N GLY F 83 -16.08 -2.94 -39.72
CA GLY F 83 -14.97 -3.59 -39.07
C GLY F 83 -14.37 -4.79 -39.80
N ARG F 84 -14.88 -5.13 -40.97
CA ARG F 84 -14.36 -6.31 -41.65
C ARG F 84 -12.84 -6.23 -41.84
N PRO F 85 -12.32 -5.06 -42.23
CA PRO F 85 -10.87 -5.06 -42.46
C PRO F 85 -10.10 -5.23 -41.18
N ASP F 86 -10.70 -4.86 -40.05
CA ASP F 86 -10.05 -5.01 -38.76
C ASP F 86 -10.06 -6.48 -38.31
N ALA F 87 -11.24 -7.08 -38.29
CA ALA F 87 -11.34 -8.53 -38.12
C ALA F 87 -10.26 -9.27 -38.92
N GLU F 88 -10.26 -9.09 -40.24
CA GLU F 88 -9.27 -9.76 -41.08
C GLU F 88 -7.83 -9.42 -40.65
N TYR F 89 -7.56 -8.15 -40.43
CA TYR F 89 -6.20 -7.71 -40.10
C TYR F 89 -5.71 -8.23 -38.73
N TRP F 90 -6.57 -8.13 -37.72
CA TRP F 90 -6.19 -8.55 -36.37
C TRP F 90 -6.04 -10.07 -36.16
N ASN F 91 -6.88 -10.85 -36.87
CA ASN F 91 -6.78 -12.30 -36.80
C ASN F 91 -5.55 -12.86 -37.50
N SER F 92 -4.72 -12.01 -38.08
CA SER F 92 -3.47 -12.51 -38.67
C SER F 92 -2.32 -12.30 -37.72
N GLN F 93 -2.57 -11.54 -36.65
CA GLN F 93 -1.58 -11.40 -35.59
C GLN F 93 -1.85 -12.49 -34.57
N LYS F 94 -1.17 -13.59 -34.75
CA LYS F 94 -1.32 -14.76 -33.89
C LYS F 94 -0.99 -14.45 -32.45
N ASP F 95 -0.02 -13.59 -32.22
CA ASP F 95 0.32 -13.24 -30.85
C ASP F 95 -0.90 -12.59 -30.19
N LEU F 96 -1.52 -11.67 -30.91
CA LEU F 96 -2.66 -10.96 -30.44
C LEU F 96 -3.73 -11.96 -30.03
N LEU F 97 -4.10 -12.86 -30.95
CA LEU F 97 -5.15 -13.83 -30.70
C LEU F 97 -4.83 -14.69 -29.49
N GLU F 98 -3.55 -14.98 -29.31
CA GLU F 98 -3.15 -15.77 -28.18
C GLU F 98 -3.46 -15.04 -26.87
N GLN F 99 -3.08 -13.77 -26.82
CA GLN F 99 -3.29 -12.93 -25.63
C GLN F 99 -4.76 -12.70 -25.34
N LYS F 100 -5.54 -12.52 -26.40
CA LYS F 100 -6.95 -12.23 -26.25
C LYS F 100 -7.68 -13.47 -25.81
N ARG F 101 -7.07 -14.62 -26.06
CA ARG F 101 -7.69 -15.85 -25.63
C ARG F 101 -7.35 -16.15 -24.19
N ALA F 102 -6.37 -15.45 -23.66
CA ALA F 102 -5.88 -15.74 -22.31
C ALA F 102 -6.49 -14.77 -21.34
N ALA F 103 -7.21 -13.79 -21.87
CA ALA F 103 -7.67 -12.66 -21.04
C ALA F 103 -8.63 -13.10 -19.94
N VAL F 104 -9.48 -14.06 -20.24
CA VAL F 104 -10.43 -14.52 -19.25
C VAL F 104 -9.74 -14.95 -17.98
N ASP F 105 -8.49 -15.43 -18.10
CA ASP F 105 -7.67 -15.80 -16.93
C ASP F 105 -6.65 -14.70 -16.54
N THR F 106 -5.92 -14.17 -17.51
CA THR F 106 -4.87 -13.23 -17.16
C THR F 106 -5.37 -11.80 -16.83
N TYR F 107 -6.65 -11.55 -17.09
CA TYR F 107 -7.20 -10.19 -17.03
C TYR F 107 -8.48 -10.23 -16.21
N CYS F 108 -9.50 -10.89 -16.74
CA CYS F 108 -10.78 -11.05 -16.05
C CYS F 108 -10.66 -11.65 -14.66
N ARG F 109 -10.18 -12.89 -14.60
CA ARG F 109 -10.07 -13.62 -13.35
C ARG F 109 -9.03 -13.00 -12.45
N HIS F 110 -7.99 -12.43 -13.05
CA HIS F 110 -6.97 -11.77 -12.29
C HIS F 110 -7.57 -10.57 -11.54
N ASN F 111 -8.15 -9.64 -12.29
CA ASN F 111 -8.79 -8.46 -11.69
C ASN F 111 -9.97 -8.77 -10.73
N TYR F 112 -10.70 -9.83 -11.03
CA TYR F 112 -11.75 -10.23 -10.13
C TYR F 112 -11.15 -10.44 -8.77
N GLY F 113 -10.06 -11.21 -8.73
CA GLY F 113 -9.39 -11.55 -7.48
C GLY F 113 -8.83 -10.36 -6.70
N VAL F 114 -8.24 -9.41 -7.42
CA VAL F 114 -7.68 -8.23 -6.80
C VAL F 114 -8.80 -7.38 -6.16
N GLY F 115 -9.93 -7.30 -6.87
CA GLY F 115 -10.98 -6.36 -6.51
C GLY F 115 -12.12 -6.95 -5.72
N GLU F 116 -12.04 -8.26 -5.53
CA GLU F 116 -13.11 -9.06 -4.97
C GLU F 116 -13.53 -8.63 -3.59
N SER F 117 -12.56 -8.29 -2.75
CA SER F 117 -12.82 -7.98 -1.35
C SER F 117 -13.44 -6.61 -1.14
N PHE F 118 -13.45 -5.78 -2.17
CA PHE F 118 -14.05 -4.46 -2.01
C PHE F 118 -15.02 -4.08 -3.11
N THR F 119 -15.37 -5.02 -3.96
CA THR F 119 -16.45 -4.78 -4.93
C THR F 119 -17.51 -5.86 -4.74
N VAL F 120 -17.20 -7.06 -5.20
CA VAL F 120 -18.07 -8.20 -5.02
C VAL F 120 -18.55 -8.28 -3.58
N GLN F 121 -17.61 -8.36 -2.65
CA GLN F 121 -18.00 -8.59 -1.27
C GLN F 121 -18.42 -7.32 -0.51
N ARG F 122 -18.36 -6.16 -1.17
CA ARG F 122 -18.84 -4.94 -0.54
C ARG F 122 -20.31 -4.98 -0.10
N ARG F 123 -20.53 -4.58 1.15
CA ARG F 123 -21.85 -4.60 1.76
C ARG F 123 -22.11 -3.34 2.58
N VAL F 124 -23.13 -2.58 2.21
CA VAL F 124 -23.61 -1.49 3.04
C VAL F 124 -25.08 -1.66 3.47
N TYR F 125 -25.32 -1.60 4.79
CA TYR F 125 -26.68 -1.68 5.37
C TYR F 125 -27.60 -0.62 4.79
N PRO F 126 -28.84 -1.02 4.45
CA PRO F 126 -29.84 -0.09 3.89
C PRO F 126 -30.61 0.61 5.00
N GLU F 127 -30.85 1.91 4.85
CA GLU F 127 -31.61 2.67 5.83
C GLU F 127 -33.07 2.90 5.40
N VAL F 128 -33.97 2.11 5.99
CA VAL F 128 -35.41 2.13 5.70
C VAL F 128 -36.23 3.27 6.32
N THR F 129 -36.84 4.09 5.48
CA THR F 129 -37.66 5.22 5.95
C THR F 129 -39.08 5.21 5.35
N VAL F 130 -40.03 4.64 6.09
CA VAL F 130 -41.44 4.59 5.67
C VAL F 130 -42.22 5.85 6.05
N TYR F 131 -42.48 6.72 5.07
CA TYR F 131 -43.10 8.01 5.35
C TYR F 131 -44.13 8.38 4.28
N PRO F 132 -45.39 8.62 4.70
CA PRO F 132 -46.47 9.12 3.83
C PRO F 132 -46.19 10.47 3.16
N ALA F 133 -46.66 10.63 1.92
CA ALA F 133 -46.71 11.92 1.24
C ALA F 133 -46.73 11.76 -0.28
N ASN F 142 -53.47 8.30 1.46
CA ASN F 142 -53.74 7.15 0.60
C ASN F 142 -52.49 6.60 -0.13
N LEU F 143 -51.35 7.28 0.02
CA LEU F 143 -50.13 6.87 -0.69
C LEU F 143 -48.87 6.74 0.19
N LEU F 144 -48.53 5.52 0.57
CA LEU F 144 -47.44 5.26 1.52
C LEU F 144 -46.06 4.92 0.88
N VAL F 145 -45.14 5.89 0.93
CA VAL F 145 -43.75 5.71 0.47
C VAL F 145 -42.88 4.93 1.47
N CYS F 146 -42.42 3.73 1.09
CA CYS F 146 -41.36 3.06 1.84
C CYS F 146 -40.03 3.36 1.17
N SER F 147 -39.17 4.14 1.83
CA SER F 147 -37.93 4.64 1.19
C SER F 147 -36.69 3.90 1.72
N VAL F 148 -35.92 3.31 0.82
CA VAL F 148 -34.75 2.55 1.26
C VAL F 148 -33.49 3.22 0.71
N ASN F 149 -32.54 3.52 1.58
CA ASN F 149 -31.42 4.38 1.20
C ASN F 149 -29.98 3.89 1.49
N GLY F 150 -29.06 4.27 0.61
CA GLY F 150 -27.64 4.01 0.77
C GLY F 150 -27.19 2.58 1.06
N PHE F 151 -27.68 1.61 0.30
CA PHE F 151 -27.23 0.23 0.49
C PHE F 151 -26.29 -0.18 -0.64
N TYR F 152 -25.61 -1.30 -0.46
CA TYR F 152 -24.86 -1.92 -1.54
C TYR F 152 -24.68 -3.38 -1.21
N PRO F 153 -24.84 -4.26 -2.21
CA PRO F 153 -25.08 -3.99 -3.62
C PRO F 153 -26.55 -3.76 -3.94
N GLY F 154 -26.89 -3.65 -5.22
CA GLY F 154 -28.22 -3.29 -5.67
C GLY F 154 -29.31 -4.32 -5.36
N SER F 155 -28.97 -5.59 -5.45
CA SER F 155 -29.93 -6.66 -5.17
C SER F 155 -30.75 -6.42 -3.90
N ILE F 156 -32.02 -6.10 -4.06
CA ILE F 156 -32.88 -5.89 -2.91
C ILE F 156 -34.32 -6.26 -3.23
N GLU F 157 -35.06 -6.70 -2.21
CA GLU F 157 -36.51 -6.89 -2.35
C GLU F 157 -37.27 -6.09 -1.30
N VAL F 158 -38.13 -5.19 -1.79
CA VAL F 158 -39.02 -4.39 -0.95
C VAL F 158 -40.46 -4.87 -1.17
N ARG F 159 -41.02 -5.57 -0.18
CA ARG F 159 -42.39 -6.10 -0.27
C ARG F 159 -43.30 -5.38 0.73
N TRP F 160 -44.46 -4.94 0.28
CA TRP F 160 -45.43 -4.29 1.19
C TRP F 160 -46.41 -5.28 1.83
N PHE F 161 -46.72 -5.04 3.10
CA PHE F 161 -47.62 -5.93 3.82
C PHE F 161 -48.79 -5.23 4.48
N ARG F 162 -49.93 -5.90 4.48
CA ARG F 162 -51.15 -5.40 5.11
C ARG F 162 -51.68 -6.42 6.11
N ASN F 163 -51.44 -6.15 7.39
CA ASN F 163 -51.80 -7.11 8.43
C ASN F 163 -51.29 -8.52 8.06
N GLY F 164 -50.02 -8.59 7.67
CA GLY F 164 -49.37 -9.88 7.45
C GLY F 164 -49.76 -10.57 6.15
N GLN F 165 -50.33 -9.79 5.24
CA GLN F 165 -50.73 -10.32 3.95
C GLN F 165 -50.10 -9.45 2.87
N GLU F 166 -49.22 -10.03 2.06
CA GLU F 166 -48.49 -9.20 1.10
C GLU F 166 -49.41 -8.46 0.12
N GLU F 167 -49.25 -7.15 0.05
CA GLU F 167 -50.05 -6.37 -0.86
C GLU F 167 -49.36 -6.20 -2.22
N LYS F 168 -49.58 -7.14 -3.12
CA LYS F 168 -48.98 -7.07 -4.45
C LYS F 168 -49.61 -6.03 -5.40
N THR F 169 -50.87 -5.69 -5.19
CA THR F 169 -51.56 -4.74 -6.07
C THR F 169 -51.63 -3.30 -5.54
N GLY F 170 -51.63 -2.33 -6.44
CA GLY F 170 -51.62 -0.94 -6.03
C GLY F 170 -50.27 -0.54 -5.48
N VAL F 171 -49.26 -1.36 -5.77
CA VAL F 171 -47.85 -1.02 -5.53
C VAL F 171 -47.26 -0.48 -6.82
N VAL F 172 -46.61 0.69 -6.70
CA VAL F 172 -45.96 1.38 -7.81
C VAL F 172 -44.58 1.81 -7.26
N SER F 173 -43.53 1.82 -8.08
CA SER F 173 -42.19 2.03 -7.52
C SER F 173 -41.20 2.81 -8.39
N THR F 174 -40.10 3.20 -7.76
CA THR F 174 -39.14 4.12 -8.35
C THR F 174 -38.10 3.43 -9.22
N GLY F 175 -37.92 2.13 -8.98
CA GLY F 175 -36.89 1.36 -9.64
C GLY F 175 -35.63 1.37 -8.79
N LEU F 176 -34.59 0.67 -9.24
CA LEU F 176 -33.33 0.72 -8.54
C LEU F 176 -32.58 1.96 -8.97
N ILE F 177 -32.26 2.83 -8.03
CA ILE F 177 -31.52 4.06 -8.34
C ILE F 177 -30.07 3.99 -7.92
N GLN F 178 -29.20 4.26 -8.87
CA GLN F 178 -27.79 4.21 -8.64
C GLN F 178 -27.35 5.63 -8.32
N ASN F 179 -26.86 5.83 -7.10
CA ASN F 179 -26.44 7.18 -6.70
C ASN F 179 -25.17 7.70 -7.37
N GLY F 180 -24.32 6.80 -7.86
CA GLY F 180 -23.08 7.21 -8.52
C GLY F 180 -21.84 7.11 -7.62
N ASP F 181 -22.05 6.63 -6.40
CA ASP F 181 -21.04 6.73 -5.36
C ASP F 181 -21.02 5.44 -4.57
N TRP F 182 -21.41 4.36 -5.24
CA TRP F 182 -21.36 3.04 -4.65
C TRP F 182 -22.40 2.85 -3.55
N THR F 183 -23.56 3.48 -3.72
CA THR F 183 -24.77 3.19 -2.93
C THR F 183 -26.02 3.24 -3.78
N PHE F 184 -27.06 2.53 -3.35
CA PHE F 184 -28.36 2.59 -4.02
C PHE F 184 -29.51 3.04 -3.11
N GLN F 185 -30.52 3.61 -3.74
CA GLN F 185 -31.79 3.89 -3.08
C GLN F 185 -32.94 3.51 -4.01
N THR F 186 -34.11 3.30 -3.42
CA THR F 186 -35.30 2.98 -4.18
C THR F 186 -36.51 3.27 -3.32
N LEU F 187 -37.57 3.76 -3.95
CA LEU F 187 -38.76 4.16 -3.24
C LEU F 187 -39.92 3.31 -3.74
N VAL F 188 -40.53 2.53 -2.85
CA VAL F 188 -41.65 1.68 -3.22
C VAL F 188 -42.96 2.11 -2.55
N MET F 189 -43.91 2.59 -3.37
CA MET F 189 -45.14 3.18 -2.86
C MET F 189 -46.35 2.26 -2.86
N LEU F 190 -47.07 2.27 -1.75
CA LEU F 190 -48.30 1.49 -1.61
C LEU F 190 -49.48 2.42 -1.52
N GLU F 191 -50.53 2.07 -2.26
CA GLU F 191 -51.76 2.84 -2.23
C GLU F 191 -52.68 2.28 -1.16
N THR F 192 -52.92 3.07 -0.12
CA THR F 192 -53.70 2.65 1.05
C THR F 192 -55.16 3.17 1.07
N VAL F 193 -56.08 2.43 1.67
CA VAL F 193 -57.43 2.96 2.00
C VAL F 193 -57.32 3.90 3.21
N PRO F 194 -57.51 5.22 2.98
CA PRO F 194 -57.05 6.42 3.72
C PRO F 194 -57.11 6.59 5.26
N ARG F 195 -57.92 5.85 6.03
CA ARG F 195 -57.92 6.15 7.47
C ARG F 195 -58.34 5.02 8.41
N SER F 196 -58.15 3.77 8.01
CA SER F 196 -58.83 2.69 8.72
C SER F 196 -57.93 1.68 9.48
N GLY F 197 -57.09 2.24 10.36
CA GLY F 197 -56.32 1.50 11.35
C GLY F 197 -55.85 0.08 11.09
N GLU F 198 -55.23 -0.15 9.94
CA GLU F 198 -54.61 -1.44 9.63
C GLU F 198 -53.10 -1.31 9.65
N VAL F 199 -52.41 -2.26 10.26
CA VAL F 199 -50.95 -2.23 10.29
C VAL F 199 -50.35 -2.47 8.90
N TYR F 200 -49.51 -1.54 8.45
CA TYR F 200 -48.82 -1.65 7.18
C TYR F 200 -47.34 -1.92 7.40
N THR F 201 -46.92 -3.14 7.06
CA THR F 201 -45.53 -3.55 7.24
C THR F 201 -44.75 -3.49 5.93
N CYS F 202 -43.78 -2.58 5.84
CA CYS F 202 -42.79 -2.56 4.75
C CYS F 202 -41.61 -3.44 5.13
N GLN F 203 -41.33 -4.45 4.31
CA GLN F 203 -40.31 -5.43 4.65
C GLN F 203 -39.19 -5.43 3.61
N VAL F 204 -37.98 -5.14 4.07
CA VAL F 204 -36.83 -5.12 3.18
C VAL F 204 -35.93 -6.33 3.34
N GLU F 205 -35.45 -6.86 2.22
CA GLU F 205 -34.47 -7.90 2.29
C GLU F 205 -33.28 -7.56 1.39
N HIS F 206 -32.10 -7.97 1.83
CA HIS F 206 -30.87 -7.48 1.23
C HIS F 206 -29.69 -8.29 1.72
N PRO F 207 -28.72 -8.55 0.83
CA PRO F 207 -27.58 -9.41 1.18
C PRO F 207 -26.84 -8.96 2.45
N SER F 208 -26.74 -7.64 2.66
CA SER F 208 -26.17 -7.09 3.89
C SER F 208 -26.85 -7.50 5.21
N LEU F 209 -28.15 -7.84 5.19
CA LEU F 209 -28.85 -8.29 6.40
C LEU F 209 -29.02 -9.81 6.47
N THR F 210 -29.32 -10.33 7.66
CA THR F 210 -29.46 -11.79 7.87
C THR F 210 -30.93 -12.17 8.02
N SER F 211 -31.72 -11.17 8.37
CA SER F 211 -33.13 -11.35 8.57
C SER F 211 -33.81 -10.11 8.04
N PRO F 212 -34.94 -10.33 7.35
CA PRO F 212 -35.82 -9.29 6.81
C PRO F 212 -35.93 -8.12 7.78
N LEU F 213 -35.66 -6.92 7.28
CA LEU F 213 -35.85 -5.71 8.06
C LEU F 213 -37.25 -5.20 7.83
N THR F 214 -38.07 -5.19 8.89
CA THR F 214 -39.47 -4.73 8.83
C THR F 214 -39.65 -3.36 9.49
N VAL F 215 -40.66 -2.61 9.05
CA VAL F 215 -40.93 -1.29 9.59
C VAL F 215 -42.44 -0.96 9.54
N GLU F 216 -43.09 -0.89 10.70
CA GLU F 216 -44.56 -0.72 10.80
C GLU F 216 -45.08 0.67 10.43
N TRP F 217 -46.38 0.75 10.16
CA TRP F 217 -47.09 2.03 10.06
C TRP F 217 -48.59 1.99 10.34
N ARG F 218 -49.09 3.09 10.88
CA ARG F 218 -50.50 3.45 10.83
C ARG F 218 -50.63 4.92 11.28
N ALA G 3 13.83 -4.88 -13.92
CA ALA G 3 13.73 -3.92 -12.81
C ALA G 3 13.10 -4.61 -11.61
N LYS G 4 12.32 -5.64 -11.91
CA LYS G 4 11.69 -6.45 -10.90
C LYS G 4 12.29 -7.87 -10.93
N THR G 5 13.36 -8.07 -11.69
CA THR G 5 13.98 -9.38 -11.76
C THR G 5 15.42 -9.36 -11.25
N THR G 6 15.98 -10.54 -11.03
CA THR G 6 17.35 -10.64 -10.58
C THR G 6 18.10 -11.75 -11.28
N GLN G 7 19.28 -11.43 -11.78
CA GLN G 7 20.14 -12.43 -12.41
C GLN G 7 21.58 -12.38 -11.97
N PRO G 8 22.29 -13.50 -12.16
CA PRO G 8 23.75 -13.55 -12.02
C PRO G 8 24.36 -12.62 -13.06
N ASN G 9 25.29 -11.77 -12.63
CA ASN G 9 25.90 -10.82 -13.56
C ASN G 9 26.50 -11.50 -14.79
N SER G 10 27.11 -12.68 -14.61
CA SER G 10 27.76 -13.39 -15.71
C SER G 10 27.79 -14.90 -15.56
N MET G 11 27.86 -15.59 -16.69
CA MET G 11 27.96 -17.03 -16.73
C MET G 11 29.00 -17.44 -17.76
N GLU G 12 29.78 -18.47 -17.44
CA GLU G 12 30.72 -19.02 -18.41
C GLU G 12 30.14 -20.31 -18.95
N SER G 13 30.44 -20.58 -20.21
CA SER G 13 29.90 -21.75 -20.87
C SER G 13 30.76 -22.16 -22.07
N ASN G 14 30.82 -23.46 -22.32
CA ASN G 14 31.50 -24.04 -23.46
C ASN G 14 30.50 -24.25 -24.58
N GLU G 15 30.92 -23.99 -25.81
CA GLU G 15 30.04 -24.23 -26.95
C GLU G 15 29.71 -25.71 -27.13
N GLU G 16 28.59 -25.95 -27.80
CA GLU G 16 28.00 -27.27 -27.96
C GLU G 16 27.34 -27.73 -26.66
N GLU G 17 27.51 -26.95 -25.60
CA GLU G 17 26.99 -27.29 -24.28
C GLU G 17 25.70 -26.50 -23.98
N PRO G 18 24.66 -27.17 -23.46
CA PRO G 18 23.40 -26.46 -23.19
C PRO G 18 23.62 -25.55 -22.01
N VAL G 19 23.10 -24.34 -22.04
CA VAL G 19 23.33 -23.40 -20.95
C VAL G 19 22.01 -22.91 -20.34
N HIS G 20 21.97 -22.90 -19.01
CA HIS G 20 20.74 -22.63 -18.24
C HIS G 20 20.78 -21.30 -17.54
N LEU G 21 20.10 -20.32 -18.10
CA LEU G 21 20.16 -18.98 -17.52
C LEU G 21 19.02 -18.72 -16.54
N PRO G 22 19.36 -18.51 -15.26
CA PRO G 22 18.45 -18.28 -14.12
C PRO G 22 17.98 -16.83 -13.97
N CYS G 23 16.70 -16.68 -13.67
CA CYS G 23 16.14 -15.36 -13.32
C CYS G 23 15.25 -15.57 -12.13
N ASN G 24 15.30 -14.59 -11.22
CA ASN G 24 14.32 -14.50 -10.15
C ASN G 24 13.36 -13.32 -10.37
N HIS G 25 12.06 -13.54 -10.13
CA HIS G 25 11.07 -12.46 -10.29
C HIS G 25 9.88 -12.69 -9.36
N SER G 26 10.19 -12.67 -8.07
CA SER G 26 9.31 -13.17 -7.05
C SER G 26 8.04 -12.32 -6.84
N THR G 27 8.03 -11.08 -7.28
CA THR G 27 6.86 -10.24 -7.06
C THR G 27 6.00 -10.09 -8.33
N ILE G 28 6.22 -10.96 -9.30
CA ILE G 28 5.52 -10.81 -10.57
C ILE G 28 4.00 -10.93 -10.39
N SER G 29 3.26 -10.05 -11.05
CA SER G 29 1.80 -10.17 -11.08
C SER G 29 1.32 -11.24 -12.09
N GLY G 30 0.19 -11.85 -11.78
CA GLY G 30 -0.36 -12.89 -12.64
C GLY G 30 -0.89 -12.35 -13.96
N THR G 31 -0.83 -11.04 -14.13
CA THR G 31 -1.19 -10.43 -15.40
C THR G 31 0.07 -10.04 -16.21
N ASP G 32 1.25 -10.20 -15.61
CA ASP G 32 2.51 -9.90 -16.31
C ASP G 32 3.25 -11.15 -16.81
N TYR G 33 3.83 -11.03 -18.00
CA TYR G 33 4.62 -12.09 -18.61
C TYR G 33 6.12 -11.97 -18.32
N ILE G 34 6.80 -13.12 -18.33
CA ILE G 34 8.26 -13.15 -18.26
C ILE G 34 8.82 -13.09 -19.68
N HIS G 35 9.74 -12.15 -19.85
CA HIS G 35 10.29 -11.77 -21.15
C HIS G 35 11.83 -11.81 -21.13
N TRP G 36 12.42 -12.42 -22.14
CA TRP G 36 13.88 -12.42 -22.25
C TRP G 36 14.36 -11.80 -23.54
N TYR G 37 15.24 -10.82 -23.40
CA TYR G 37 15.93 -10.23 -24.54
C TYR G 37 17.43 -10.50 -24.47
N ARG G 38 18.12 -10.48 -25.61
CA ARG G 38 19.59 -10.42 -25.62
C ARG G 38 20.13 -9.25 -26.47
N GLN G 39 21.24 -8.69 -26.02
CA GLN G 39 21.91 -7.60 -26.72
C GLN G 39 23.28 -8.06 -27.21
N LEU G 40 23.53 -8.00 -28.51
CA LEU G 40 24.90 -8.22 -29.00
C LEU G 40 25.74 -6.95 -28.81
N PRO G 41 27.07 -7.10 -28.55
CA PRO G 41 28.01 -6.07 -28.09
C PRO G 41 27.72 -4.62 -28.50
N SER G 42 27.44 -4.34 -29.76
CA SER G 42 27.00 -2.98 -30.07
C SER G 42 25.76 -2.93 -30.94
N GLN G 43 24.65 -3.45 -30.41
CA GLN G 43 23.40 -3.42 -31.14
C GLN G 43 22.23 -3.14 -30.24
N GLY G 44 21.06 -3.01 -30.86
CA GLY G 44 19.83 -2.95 -30.11
C GLY G 44 19.48 -4.36 -29.68
N PRO G 45 18.79 -4.50 -28.55
CA PRO G 45 18.41 -5.79 -27.98
C PRO G 45 17.41 -6.54 -28.87
N GLU G 46 17.33 -7.85 -28.73
CA GLU G 46 16.31 -8.58 -29.47
C GLU G 46 15.50 -9.60 -28.66
N TYR G 47 14.22 -9.74 -29.00
CA TYR G 47 13.37 -10.72 -28.36
C TYR G 47 14.05 -12.07 -28.45
N VAL G 48 14.06 -12.82 -27.36
CA VAL G 48 14.43 -14.23 -27.45
C VAL G 48 13.21 -15.10 -27.25
N ILE G 49 12.46 -14.84 -26.18
CA ILE G 49 11.31 -15.67 -25.83
C ILE G 49 10.56 -15.02 -24.67
N HIS G 50 9.28 -15.35 -24.54
CA HIS G 50 8.49 -14.88 -23.42
C HIS G 50 7.48 -15.95 -23.06
N GLY G 51 6.80 -15.77 -21.93
CA GLY G 51 5.84 -16.77 -21.51
C GLY G 51 5.05 -16.36 -20.29
N LEU G 52 4.11 -17.22 -19.91
CA LEU G 52 3.22 -16.89 -18.82
C LEU G 52 3.42 -17.91 -17.73
N THR G 53 3.15 -19.18 -18.02
CA THR G 53 3.45 -20.27 -17.10
C THR G 53 4.04 -21.52 -17.74
N SER G 54 4.57 -22.39 -16.90
CA SER G 54 4.97 -23.72 -17.35
C SER G 54 6.08 -23.63 -18.43
N ASN G 55 6.02 -24.43 -19.49
CA ASN G 55 7.06 -24.35 -20.54
C ASN G 55 6.66 -23.65 -21.85
N VAL G 56 7.65 -22.96 -22.42
CA VAL G 56 7.55 -22.45 -23.77
C VAL G 56 8.87 -22.76 -24.47
N ASN G 57 8.80 -23.28 -25.69
CA ASN G 57 10.03 -23.45 -26.48
C ASN G 57 9.87 -22.89 -27.88
N ASN G 58 11.00 -22.44 -28.44
CA ASN G 58 11.01 -22.03 -29.83
C ASN G 58 12.22 -22.63 -30.55
N ARG G 59 12.62 -22.03 -31.66
CA ARG G 59 13.77 -22.52 -32.41
C ARG G 59 15.02 -22.25 -31.59
N MET G 60 15.69 -23.32 -31.16
CA MET G 60 17.01 -23.25 -30.49
C MET G 60 17.03 -22.71 -29.05
N ALA G 61 15.92 -22.14 -28.57
CA ALA G 61 15.82 -21.75 -27.16
C ALA G 61 14.54 -22.20 -26.47
N SER G 62 14.57 -22.25 -25.14
CA SER G 62 13.41 -22.68 -24.34
C SER G 62 13.24 -21.83 -23.09
N LEU G 63 12.00 -21.70 -22.61
CA LEU G 63 11.72 -20.99 -21.35
C LEU G 63 11.07 -21.91 -20.34
N ALA G 64 11.67 -22.02 -19.16
CA ALA G 64 11.06 -22.81 -18.08
C ALA G 64 10.70 -21.95 -16.88
N ILE G 65 9.40 -21.79 -16.66
CA ILE G 65 8.92 -20.98 -15.56
C ILE G 65 8.53 -21.88 -14.42
N ALA G 66 9.04 -21.60 -13.23
CA ALA G 66 8.65 -22.36 -12.04
C ALA G 66 7.13 -22.38 -11.78
N GLU G 67 6.69 -23.40 -11.06
CA GLU G 67 5.28 -23.60 -10.78
C GLU G 67 4.68 -22.34 -10.18
N ASP G 68 5.46 -21.66 -9.34
CA ASP G 68 4.95 -20.47 -8.68
C ASP G 68 5.31 -19.14 -9.36
N ARG G 69 5.99 -19.20 -10.49
CA ARG G 69 6.29 -18.02 -11.30
C ARG G 69 7.27 -17.08 -10.63
N LYS G 70 7.75 -17.47 -9.47
CA LYS G 70 8.72 -16.65 -8.77
C LYS G 70 10.14 -16.79 -9.36
N SER G 71 10.31 -17.72 -10.29
CA SER G 71 11.58 -17.88 -11.00
C SER G 71 11.40 -18.55 -12.34
N SER G 72 12.37 -18.32 -13.23
CA SER G 72 12.40 -18.94 -14.55
C SER G 72 13.81 -19.21 -15.00
N THR G 73 13.94 -20.00 -16.05
CA THR G 73 15.22 -20.34 -16.63
C THR G 73 15.17 -20.31 -18.16
N LEU G 74 15.99 -19.46 -18.76
CA LEU G 74 16.20 -19.45 -20.20
C LEU G 74 17.21 -20.51 -20.56
N ILE G 75 16.77 -21.45 -21.39
CA ILE G 75 17.58 -22.60 -21.77
C ILE G 75 18.07 -22.55 -23.21
N LEU G 76 19.37 -22.40 -23.39
CA LEU G 76 19.97 -22.53 -24.71
C LEU G 76 20.30 -23.99 -24.94
N HIS G 77 19.63 -24.66 -25.88
CA HIS G 77 19.91 -26.09 -26.08
C HIS G 77 21.41 -26.36 -26.44
N ARG G 78 21.85 -25.88 -27.56
CA ARG G 78 23.22 -26.14 -28.01
C ARG G 78 23.96 -24.84 -28.27
N ALA G 79 24.73 -24.34 -27.28
CA ALA G 79 25.33 -23.02 -27.38
C ALA G 79 26.20 -22.93 -28.61
N THR G 80 26.19 -21.79 -29.29
CA THR G 80 27.17 -21.49 -30.35
C THR G 80 28.00 -20.30 -29.91
N LEU G 81 29.08 -20.03 -30.62
CA LEU G 81 29.90 -18.88 -30.28
C LEU G 81 29.10 -17.59 -30.34
N ARG G 82 28.17 -17.52 -31.29
CA ARG G 82 27.38 -16.30 -31.49
C ARG G 82 26.20 -16.20 -30.52
N ASP G 83 26.18 -17.07 -29.52
CA ASP G 83 25.17 -17.00 -28.48
C ASP G 83 25.78 -16.19 -27.34
N ALA G 84 27.02 -15.74 -27.54
CA ALA G 84 27.70 -14.97 -26.51
C ALA G 84 27.15 -13.54 -26.45
N ALA G 85 26.35 -13.25 -25.43
CA ALA G 85 25.70 -11.94 -25.36
C ALA G 85 25.25 -11.59 -23.96
N VAL G 86 24.85 -10.33 -23.77
CA VAL G 86 24.10 -9.98 -22.55
C VAL G 86 22.67 -10.52 -22.62
N TYR G 87 22.28 -11.32 -21.63
CA TYR G 87 20.91 -11.80 -21.55
C TYR G 87 20.08 -11.11 -20.46
N TYR G 88 18.91 -10.61 -20.86
CA TYR G 88 18.04 -9.82 -19.97
C TYR G 88 16.71 -10.51 -19.65
N CYS G 89 16.49 -10.73 -18.35
CA CYS G 89 15.21 -11.19 -17.85
C CYS G 89 14.37 -10.00 -17.43
N THR G 90 13.21 -9.81 -18.06
CA THR G 90 12.31 -8.69 -17.74
C THR G 90 10.83 -9.08 -17.52
N VAL G 91 10.03 -8.17 -16.95
CA VAL G 91 8.59 -8.40 -16.82
C VAL G 91 7.83 -7.37 -17.65
N TYR G 92 6.73 -7.79 -18.29
CA TYR G 92 6.02 -6.97 -19.24
C TYR G 92 4.63 -7.56 -19.39
N GLY G 93 3.60 -6.72 -19.22
CA GLY G 93 2.24 -7.19 -19.31
C GLY G 93 1.18 -6.20 -18.89
N GLY G 94 0.05 -6.71 -18.39
CA GLY G 94 -1.14 -5.94 -18.06
C GLY G 94 -1.06 -5.05 -16.83
N ALA G 95 0.02 -5.19 -16.07
CA ALA G 95 0.30 -4.31 -14.93
C ALA G 95 1.52 -3.49 -15.24
N THR G 96 2.22 -3.83 -16.31
CA THR G 96 3.53 -3.23 -16.55
C THR G 96 3.66 -2.88 -18.02
N ASN G 97 3.45 -1.61 -18.33
CA ASN G 97 3.34 -1.16 -19.70
C ASN G 97 4.68 -0.82 -20.35
N LYS G 98 5.69 -0.52 -19.51
CA LYS G 98 7.04 -0.21 -19.97
C LYS G 98 7.97 -1.42 -19.88
N LEU G 99 8.96 -1.51 -20.77
CA LEU G 99 9.91 -2.61 -20.71
C LEU G 99 11.19 -2.15 -20.06
N ILE G 100 11.35 -2.41 -18.76
CA ILE G 100 12.61 -2.03 -18.10
C ILE G 100 13.64 -3.17 -18.10
N PHE G 101 14.80 -2.90 -18.68
CA PHE G 101 15.93 -3.82 -18.60
C PHE G 101 16.69 -3.68 -17.28
N GLY G 102 17.13 -4.81 -16.76
CA GLY G 102 17.98 -4.73 -15.60
C GLY G 102 19.42 -4.95 -15.99
N THR G 103 20.21 -5.26 -14.99
CA THR G 103 21.63 -5.39 -15.18
C THR G 103 21.95 -6.65 -16.04
N GLY G 104 21.03 -7.61 -16.09
CA GLY G 104 21.19 -8.74 -17.00
C GLY G 104 22.31 -9.70 -16.64
N THR G 105 22.51 -10.71 -17.49
CA THR G 105 23.60 -11.70 -17.29
C THR G 105 24.55 -11.77 -18.50
N LEU G 106 25.84 -11.57 -18.26
CA LEU G 106 26.81 -11.56 -19.35
C LEU G 106 27.34 -12.96 -19.67
N LEU G 107 26.83 -13.56 -20.74
CA LEU G 107 27.25 -14.93 -21.10
C LEU G 107 28.49 -14.99 -22.00
N ALA G 108 29.47 -15.77 -21.56
CA ALA G 108 30.65 -16.10 -22.35
C ALA G 108 30.44 -17.43 -23.03
N VAL G 109 30.84 -17.52 -24.30
CA VAL G 109 30.94 -18.82 -24.95
C VAL G 109 32.38 -19.04 -25.37
N GLN G 110 33.05 -19.99 -24.72
CA GLN G 110 34.43 -20.31 -25.02
C GLN G 110 34.53 -21.33 -26.16
N PRO G 111 35.51 -21.13 -27.06
CA PRO G 111 35.66 -22.00 -28.25
C PRO G 111 36.26 -23.38 -27.96
N ASN G 112 35.76 -24.37 -28.67
CA ASN G 112 36.10 -25.78 -28.50
C ASN G 112 37.40 -26.08 -29.25
N ILE G 113 38.50 -25.42 -28.84
CA ILE G 113 39.79 -25.46 -29.57
C ILE G 113 40.39 -26.83 -29.67
N GLN G 114 40.09 -27.48 -30.79
CA GLN G 114 40.26 -28.93 -30.94
C GLN G 114 41.64 -29.44 -30.51
N ASN G 115 42.69 -29.04 -31.22
CA ASN G 115 44.07 -29.34 -30.85
C ASN G 115 44.92 -28.07 -30.73
N PRO G 116 45.28 -27.65 -29.50
CA PRO G 116 46.00 -26.37 -29.38
C PRO G 116 47.39 -26.41 -30.05
N ASP G 117 47.75 -25.37 -30.81
CA ASP G 117 49.10 -25.26 -31.39
C ASP G 117 49.77 -23.95 -31.00
N PRO G 118 49.96 -23.72 -29.69
CA PRO G 118 50.41 -22.42 -29.17
C PRO G 118 51.69 -21.90 -29.85
N ALA G 119 51.74 -20.58 -30.05
CA ALA G 119 52.88 -19.95 -30.70
C ALA G 119 52.77 -18.42 -30.72
N VAL G 120 53.90 -17.73 -30.52
CA VAL G 120 53.96 -16.27 -30.66
C VAL G 120 54.78 -15.84 -31.88
N TYR G 121 54.09 -15.49 -32.97
CA TYR G 121 54.75 -15.12 -34.23
C TYR G 121 55.04 -13.61 -34.38
N GLN G 122 55.85 -13.29 -35.38
CA GLN G 122 56.24 -11.92 -35.63
C GLN G 122 55.94 -11.61 -37.09
N LEU G 123 55.03 -10.68 -37.31
CA LEU G 123 54.58 -10.36 -38.65
C LEU G 123 55.39 -9.21 -39.22
N ARG G 124 55.44 -9.13 -40.54
CA ARG G 124 56.22 -8.09 -41.19
C ARG G 124 55.36 -6.86 -41.42
N ASP G 125 55.99 -5.70 -41.38
CA ASP G 125 55.32 -4.46 -41.73
C ASP G 125 55.30 -4.32 -43.26
N SER G 126 54.10 -4.32 -43.85
CA SER G 126 53.96 -4.18 -45.31
C SER G 126 54.92 -3.14 -45.92
N LYS G 127 55.14 -2.03 -45.20
CA LYS G 127 55.96 -0.91 -45.71
C LYS G 127 57.13 -0.50 -44.81
N SER G 128 57.35 -1.24 -43.73
CA SER G 128 58.31 -0.88 -42.69
C SER G 128 57.81 0.34 -41.90
N SER G 129 56.51 0.60 -41.98
CA SER G 129 55.91 1.86 -41.50
C SER G 129 55.91 2.07 -39.98
N ASP G 130 55.40 1.08 -39.24
CA ASP G 130 55.35 1.13 -37.78
C ASP G 130 55.51 -0.27 -37.18
N LYS G 131 55.68 -0.31 -35.86
CA LYS G 131 55.73 -1.58 -35.12
C LYS G 131 55.32 -1.26 -33.70
N VAL G 133 55.82 -5.45 -33.36
CA VAL G 133 54.63 -6.27 -33.67
C VAL G 133 54.83 -7.78 -33.44
N CYS G 134 53.80 -8.47 -32.93
CA CYS G 134 53.80 -9.94 -32.82
C CYS G 134 52.39 -10.50 -32.79
N LEU G 135 52.13 -11.56 -33.55
CA LEU G 135 50.84 -12.27 -33.42
C LEU G 135 50.92 -13.40 -32.39
N PHE G 136 49.77 -13.92 -31.95
CA PHE G 136 49.72 -14.95 -30.91
C PHE G 136 48.50 -15.86 -31.08
N THR G 137 48.68 -17.03 -31.69
CA THR G 137 47.55 -17.84 -32.11
C THR G 137 47.55 -19.29 -31.62
N ASP G 138 46.43 -19.96 -31.89
CA ASP G 138 46.22 -21.36 -31.57
C ASP G 138 46.53 -21.71 -30.13
N PHE G 139 45.66 -21.37 -29.19
CA PHE G 139 45.89 -21.81 -27.80
C PHE G 139 44.61 -22.20 -27.04
N ASP G 140 44.82 -22.86 -25.89
CA ASP G 140 43.73 -23.35 -25.05
C ASP G 140 42.77 -22.24 -24.65
N SER G 141 41.48 -22.56 -24.69
CA SER G 141 40.42 -21.57 -24.41
C SER G 141 40.51 -20.94 -23.01
N GLN G 142 40.97 -21.67 -22.01
CA GLN G 142 41.11 -21.09 -20.67
C GLN G 142 42.49 -20.48 -20.50
N THR G 143 43.25 -20.41 -21.59
CA THR G 143 44.49 -19.65 -21.58
C THR G 143 44.15 -18.18 -21.36
N ASN G 144 44.38 -17.69 -20.16
CA ASN G 144 44.16 -16.29 -19.89
C ASN G 144 45.15 -15.46 -20.70
N VAL G 145 44.78 -14.20 -20.92
CA VAL G 145 45.62 -13.19 -21.54
C VAL G 145 45.57 -11.94 -20.67
N SER G 146 46.59 -11.09 -20.76
CA SER G 146 46.83 -9.96 -19.82
C SER G 146 47.02 -8.57 -20.46
N GLN G 147 46.87 -7.52 -19.66
CA GLN G 147 47.01 -6.15 -20.15
C GLN G 147 48.48 -5.80 -20.36
N ASP G 152 53.54 1.92 -22.45
CA ASP G 152 53.47 2.36 -23.84
C ASP G 152 53.63 1.23 -24.82
N VAL G 153 53.24 0.05 -24.37
CA VAL G 153 53.11 -1.08 -25.26
C VAL G 153 51.63 -1.42 -25.25
N TYR G 154 51.08 -1.73 -26.41
CA TYR G 154 49.65 -2.01 -26.49
C TYR G 154 49.38 -3.49 -26.61
N ILE G 155 48.38 -3.96 -25.86
CA ILE G 155 48.09 -5.37 -25.76
C ILE G 155 46.59 -5.63 -25.81
N THR G 156 46.10 -6.09 -26.97
CA THR G 156 44.67 -6.41 -27.13
C THR G 156 44.24 -7.57 -26.23
N ASP G 157 43.00 -8.01 -26.37
CA ASP G 157 42.51 -9.20 -25.66
C ASP G 157 42.20 -10.31 -26.66
N LYS G 158 41.95 -11.51 -26.14
CA LYS G 158 41.72 -12.66 -27.00
C LYS G 158 40.41 -12.56 -27.77
N THR G 159 40.44 -12.94 -29.04
CA THR G 159 39.22 -13.03 -29.84
C THR G 159 39.27 -14.36 -30.55
N VAL G 160 38.20 -14.70 -31.25
CA VAL G 160 38.17 -15.97 -31.94
C VAL G 160 37.69 -15.82 -33.37
N LEU G 161 38.48 -16.31 -34.32
CA LEU G 161 38.07 -16.35 -35.72
C LEU G 161 37.61 -17.77 -36.10
N ASP G 162 36.77 -17.86 -37.11
CA ASP G 162 36.12 -19.13 -37.44
C ASP G 162 36.35 -19.51 -38.90
N MET G 163 37.29 -20.43 -39.12
CA MET G 163 37.53 -20.94 -40.45
C MET G 163 36.41 -21.91 -40.78
N ARG G 164 35.26 -21.33 -41.13
CA ARG G 164 34.06 -22.08 -41.46
C ARG G 164 34.26 -22.81 -42.79
N SER G 165 33.64 -23.98 -42.90
CA SER G 165 33.90 -24.91 -44.01
C SER G 165 35.24 -25.64 -43.79
N MET G 166 36.04 -25.11 -42.88
CA MET G 166 37.31 -25.71 -42.47
C MET G 166 37.18 -26.30 -41.08
N ASP G 167 36.02 -26.08 -40.47
CA ASP G 167 35.72 -26.56 -39.12
C ASP G 167 36.90 -26.30 -38.17
N PHE G 168 37.71 -25.31 -38.53
CA PHE G 168 38.81 -24.88 -37.67
C PHE G 168 38.47 -23.58 -36.96
N LYS G 169 39.00 -23.40 -35.75
CA LYS G 169 38.79 -22.17 -34.99
C LYS G 169 40.00 -21.84 -34.16
N SER G 170 40.45 -20.60 -34.26
CA SER G 170 41.70 -20.19 -33.65
C SER G 170 41.48 -19.07 -32.66
N ASN G 171 42.52 -18.79 -31.90
CA ASN G 171 42.43 -17.94 -30.73
C ASN G 171 43.39 -16.76 -30.83
N SER G 172 43.38 -16.08 -31.96
CA SER G 172 44.34 -15.00 -32.19
C SER G 172 44.36 -14.00 -31.03
N ALA G 173 45.54 -13.51 -30.70
CA ALA G 173 45.73 -12.44 -29.72
C ALA G 173 46.93 -11.60 -30.14
N VAL G 174 46.84 -10.27 -29.98
CA VAL G 174 47.85 -9.39 -30.59
C VAL G 174 48.48 -8.33 -29.66
N ALA G 175 49.76 -8.07 -29.90
CA ALA G 175 50.54 -7.09 -29.12
C ALA G 175 51.60 -6.37 -29.97
N TRP G 176 51.59 -5.04 -29.88
CA TRP G 176 52.50 -4.18 -30.62
C TRP G 176 52.80 -2.94 -29.77
N SER G 177 53.98 -2.34 -29.97
CA SER G 177 54.42 -1.18 -29.17
C SER G 177 54.97 -0.05 -30.05
N ASN G 178 55.85 0.78 -29.50
CA ASN G 178 56.51 1.84 -30.26
C ASN G 178 58.03 1.85 -30.07
N LYS G 179 58.46 1.58 -28.84
CA LYS G 179 59.87 1.51 -28.49
C LYS G 179 60.65 0.45 -29.28
N SER G 180 61.97 0.45 -29.11
CA SER G 180 62.83 -0.44 -29.89
C SER G 180 63.44 -1.56 -29.04
N ASP G 181 62.96 -1.70 -27.81
CA ASP G 181 63.39 -2.76 -26.90
C ASP G 181 62.27 -3.80 -26.72
N PHE G 182 61.35 -3.82 -27.68
CA PHE G 182 60.21 -4.72 -27.64
C PHE G 182 60.37 -5.86 -28.66
N ALA G 183 60.44 -7.09 -28.18
CA ALA G 183 60.42 -8.26 -29.05
C ALA G 183 59.25 -9.16 -28.64
N CYS G 184 59.02 -10.23 -29.41
CA CYS G 184 58.01 -11.23 -29.04
C CYS G 184 58.50 -12.04 -27.85
N ALA G 185 57.78 -13.11 -27.51
CA ALA G 185 58.18 -14.00 -26.43
C ALA G 185 58.53 -13.25 -25.13
N ASN G 186 58.02 -12.03 -24.99
CA ASN G 186 58.27 -11.20 -23.81
C ASN G 186 57.46 -9.91 -23.81
N ASN G 190 53.76 -12.10 -20.92
CA ASN G 190 53.92 -12.41 -19.50
C ASN G 190 52.77 -13.21 -18.92
N SER G 191 51.61 -13.11 -19.55
CA SER G 191 50.44 -13.84 -19.09
C SER G 191 50.68 -15.35 -19.12
N ILE G 192 49.96 -16.10 -18.29
CA ILE G 192 50.09 -17.56 -18.21
C ILE G 192 49.96 -18.24 -19.60
N ILE G 193 50.91 -19.11 -19.93
CA ILE G 193 50.91 -19.79 -21.23
C ILE G 193 51.41 -21.24 -21.21
N PRO G 194 50.98 -22.05 -22.19
CA PRO G 194 51.42 -23.43 -22.42
C PRO G 194 52.93 -23.50 -22.71
N GLU G 195 53.52 -24.70 -22.60
CA GLU G 195 54.97 -24.84 -22.76
C GLU G 195 55.49 -24.30 -24.10
N ASP G 196 54.88 -24.72 -25.21
CA ASP G 196 55.29 -24.25 -26.53
C ASP G 196 54.98 -22.76 -26.72
N THR G 197 55.99 -22.03 -27.19
CA THR G 197 55.99 -20.56 -27.19
C THR G 197 56.85 -19.94 -28.30
N PHE G 198 56.74 -20.47 -29.52
CA PHE G 198 57.53 -20.02 -30.68
C PHE G 198 58.87 -20.75 -30.78
N VAL H 1 10.35 -3.41 -38.94
CA VAL H 1 11.66 -2.78 -38.81
C VAL H 1 11.63 -1.34 -38.28
N VAL H 2 12.62 -1.02 -37.46
CA VAL H 2 12.79 0.31 -36.84
C VAL H 2 14.23 0.81 -37.07
N SER H 3 14.39 1.98 -37.67
CA SER H 3 15.74 2.49 -37.95
C SER H 3 16.07 3.79 -37.25
N GLN H 4 17.24 3.80 -36.64
CA GLN H 4 17.74 4.98 -35.96
C GLN H 4 18.52 5.89 -36.94
N HIS H 5 18.72 7.13 -36.56
CA HIS H 5 19.16 8.12 -37.51
C HIS H 5 19.59 9.46 -36.91
N PRO H 6 20.86 9.82 -37.08
CA PRO H 6 21.85 8.99 -37.78
C PRO H 6 22.41 7.84 -36.90
N SER H 7 23.15 6.90 -37.50
CA SER H 7 23.75 5.81 -36.72
C SER H 7 24.95 6.29 -35.91
N TRP H 8 25.86 7.01 -36.56
CA TRP H 8 27.01 7.58 -35.85
C TRP H 8 26.92 9.10 -35.83
N VAL H 9 27.45 9.72 -34.77
CA VAL H 9 27.30 11.17 -34.60
C VAL H 9 28.38 11.81 -33.73
N ILE H 10 29.03 12.82 -34.28
CA ILE H 10 30.07 13.51 -33.55
C ILE H 10 29.76 15.01 -33.43
N ALA H 11 29.65 15.52 -32.20
CA ALA H 11 29.24 16.92 -32.02
C ALA H 11 30.11 17.62 -30.96
N LYS H 12 30.34 18.94 -31.12
CA LYS H 12 31.06 19.78 -30.14
C LYS H 12 30.11 20.14 -29.03
N SER H 13 30.65 20.40 -27.85
CA SER H 13 29.86 20.77 -26.68
C SER H 13 29.08 22.08 -26.85
N GLY H 14 27.88 22.12 -26.28
CA GLY H 14 26.91 23.19 -26.42
C GLY H 14 26.02 23.10 -27.64
N THR H 15 26.35 22.22 -28.58
CA THR H 15 25.48 22.00 -29.74
C THR H 15 24.23 21.17 -29.37
N SER H 16 23.44 20.82 -30.38
CA SER H 16 22.23 20.03 -30.20
C SER H 16 22.19 18.93 -31.26
N VAL H 17 22.13 17.67 -30.82
CA VAL H 17 22.07 16.53 -31.71
C VAL H 17 20.63 16.05 -31.92
N LYS H 18 20.28 15.76 -33.16
CA LYS H 18 18.95 15.23 -33.45
C LYS H 18 19.04 13.81 -33.99
N ILE H 19 18.53 12.87 -33.20
CA ILE H 19 18.37 11.49 -33.63
C ILE H 19 16.92 11.19 -33.97
N GLU H 20 16.74 10.48 -35.08
CA GLU H 20 15.42 10.15 -35.60
C GLU H 20 15.11 8.68 -35.38
N CYS H 21 13.93 8.41 -34.83
CA CYS H 21 13.43 7.05 -34.72
C CYS H 21 12.27 6.91 -35.69
N ARG H 22 12.44 6.09 -36.72
CA ARG H 22 11.38 5.90 -37.70
C ARG H 22 10.98 4.44 -37.80
N SER H 23 9.71 4.17 -37.59
CA SER H 23 9.15 2.85 -37.82
C SER H 23 8.75 2.79 -39.27
N LEU H 24 9.44 1.96 -40.04
CA LEU H 24 9.21 1.89 -41.49
C LEU H 24 7.86 1.25 -41.85
N ASP H 25 7.62 0.05 -41.34
CA ASP H 25 6.50 -0.75 -41.80
C ASP H 25 5.44 -0.97 -40.73
N PHE H 26 5.21 0.04 -39.88
CA PHE H 26 4.03 -0.01 -39.03
C PHE H 26 3.76 1.28 -38.29
N GLN H 27 2.52 1.43 -37.82
CA GLN H 27 2.12 2.55 -37.01
C GLN H 27 2.59 2.36 -35.56
N ALA H 28 3.43 3.28 -35.10
CA ALA H 28 3.95 3.19 -33.74
C ALA H 28 3.22 4.15 -32.82
N THR H 29 2.44 3.58 -31.92
CA THR H 29 1.63 4.32 -30.98
C THR H 29 2.45 4.87 -29.84
N THR H 30 3.55 4.18 -29.54
CA THR H 30 4.45 4.53 -28.45
C THR H 30 5.88 4.35 -28.93
N MET H 31 6.73 5.32 -28.63
CA MET H 31 8.16 5.15 -28.84
C MET H 31 8.84 5.23 -27.49
N PHE H 32 9.89 4.44 -27.31
CA PHE H 32 10.66 4.50 -26.08
C PHE H 32 12.09 4.91 -26.40
N TRP H 33 12.69 5.72 -25.53
CA TRP H 33 14.08 6.09 -25.71
C TRP H 33 14.96 5.56 -24.56
N TYR H 34 15.89 4.69 -24.90
CA TYR H 34 16.87 4.23 -23.91
C TYR H 34 18.23 4.78 -24.28
N ARG H 35 19.12 4.88 -23.27
CA ARG H 35 20.53 5.18 -23.51
C ARG H 35 21.42 4.25 -22.69
N GLN H 36 22.56 3.85 -23.28
CA GLN H 36 23.44 2.84 -22.70
C GLN H 36 24.89 3.29 -22.59
N PHE H 37 25.35 3.61 -21.39
CA PHE H 37 26.77 3.88 -21.15
C PHE H 37 27.61 2.59 -21.08
N PRO H 38 28.87 2.68 -21.50
CA PRO H 38 29.87 1.61 -21.46
C PRO H 38 29.84 0.77 -20.19
N LYS H 39 29.77 -0.55 -20.40
CA LYS H 39 29.75 -1.52 -19.32
C LYS H 39 28.38 -1.60 -18.66
N GLN H 40 27.55 -0.57 -18.88
CA GLN H 40 26.32 -0.44 -18.14
C GLN H 40 25.12 -0.92 -18.97
N SER H 41 23.94 -0.95 -18.36
CA SER H 41 22.77 -1.50 -19.06
C SER H 41 21.94 -0.44 -19.77
N LEU H 42 20.92 -0.87 -20.52
CA LEU H 42 19.90 0.03 -21.06
C LEU H 42 19.20 0.77 -19.95
N MET H 43 18.92 2.05 -20.17
CA MET H 43 18.22 2.86 -19.17
C MET H 43 17.18 3.76 -19.81
N LEU H 44 15.91 3.45 -19.55
CA LEU H 44 14.79 4.18 -20.11
C LEU H 44 14.94 5.64 -19.80
N MET H 45 14.83 6.48 -20.82
CA MET H 45 14.82 7.91 -20.62
C MET H 45 13.41 8.48 -20.65
N ALA H 46 12.69 8.14 -21.71
CA ALA H 46 11.40 8.76 -21.92
C ALA H 46 10.47 7.82 -22.66
N THR H 47 9.20 7.96 -22.31
CA THR H 47 8.12 7.28 -22.98
C THR H 47 7.31 8.32 -23.75
N SER H 48 7.19 8.12 -25.06
CA SER H 48 6.35 9.00 -25.86
C SER H 48 5.19 8.27 -26.45
N ASN H 49 4.00 8.67 -26.06
CA ASN H 49 2.78 8.23 -26.72
C ASN H 49 2.37 9.25 -27.78
N GLU H 50 2.15 8.78 -29.02
CA GLU H 50 1.86 9.67 -30.18
C GLU H 50 0.82 10.74 -29.94
N GLY H 51 1.15 11.93 -30.44
CA GLY H 51 0.34 13.11 -30.23
C GLY H 51 0.30 13.41 -28.76
N SER H 52 1.45 13.37 -28.10
CA SER H 52 1.47 13.67 -26.67
C SER H 52 2.81 13.99 -26.00
N LYS H 53 2.69 14.63 -24.85
CA LYS H 53 3.82 15.09 -24.05
C LYS H 53 4.57 13.93 -23.47
N ALA H 54 5.78 13.71 -23.97
CA ALA H 54 6.65 12.66 -23.47
C ALA H 54 6.74 12.69 -21.95
N THR H 55 6.89 11.52 -21.34
CA THR H 55 7.07 11.43 -19.91
C THR H 55 8.47 10.88 -19.60
N TYR H 56 9.22 11.64 -18.81
CA TYR H 56 10.62 11.30 -18.55
C TYR H 56 10.73 10.49 -17.25
N GLU H 57 11.59 9.48 -17.25
CA GLU H 57 11.85 8.70 -16.07
C GLU H 57 12.49 9.62 -15.05
N GLN H 58 12.34 9.32 -13.77
CA GLN H 58 12.98 10.12 -12.72
C GLN H 58 14.50 10.03 -12.83
N GLY H 59 15.18 11.01 -12.24
CA GLY H 59 16.62 11.07 -12.36
C GLY H 59 17.00 11.45 -13.78
N VAL H 60 16.01 11.52 -14.66
CA VAL H 60 16.31 12.00 -15.98
C VAL H 60 16.18 13.50 -16.00
N GLU H 61 17.28 14.15 -16.38
CA GLU H 61 17.38 15.61 -16.48
C GLU H 61 16.19 16.18 -17.22
N LYS H 62 15.62 17.25 -16.70
CA LYS H 62 14.28 17.66 -17.10
C LYS H 62 14.10 17.96 -18.59
N ASP H 63 14.95 18.84 -19.11
CA ASP H 63 14.84 19.33 -20.50
C ASP H 63 16.13 19.16 -21.30
N LYS H 64 17.11 18.55 -20.68
CA LYS H 64 18.32 18.15 -21.38
C LYS H 64 17.93 17.45 -22.68
N PHE H 65 16.76 16.80 -22.67
CA PHE H 65 16.26 16.07 -23.82
C PHE H 65 14.85 16.51 -24.23
N LEU H 66 14.54 16.33 -25.50
CA LEU H 66 13.28 16.81 -26.07
C LEU H 66 12.77 15.76 -27.04
N ILE H 67 11.51 15.35 -26.86
CA ILE H 67 10.90 14.44 -27.83
C ILE H 67 9.89 15.16 -28.71
N ASN H 68 10.07 15.01 -30.01
CA ASN H 68 9.10 15.55 -30.94
C ASN H 68 8.41 14.37 -31.61
N HIS H 69 7.26 14.01 -31.05
CA HIS H 69 6.49 12.84 -31.52
C HIS H 69 5.20 13.28 -32.22
N ALA H 70 5.19 13.15 -33.54
CA ALA H 70 4.16 13.76 -34.38
C ALA H 70 3.58 12.81 -35.40
N SER H 71 4.43 12.04 -36.06
CA SER H 71 3.93 11.30 -37.22
C SER H 71 3.22 10.03 -36.83
N LEU H 72 3.68 9.35 -35.78
CA LEU H 72 3.21 8.00 -35.54
C LEU H 72 3.99 7.09 -36.49
N THR H 73 4.95 7.67 -37.19
CA THR H 73 5.89 6.89 -37.99
C THR H 73 7.24 7.45 -37.67
N LEU H 74 7.22 8.64 -37.08
CA LEU H 74 8.43 9.35 -36.75
C LEU H 74 8.37 9.89 -35.35
N SER H 75 9.52 9.83 -34.71
CA SER H 75 9.77 10.28 -33.34
C SER H 75 11.18 10.86 -33.42
N THR H 76 11.43 11.97 -32.72
CA THR H 76 12.71 12.67 -32.82
C THR H 76 13.33 13.13 -31.50
N LEU H 77 14.41 12.47 -31.09
CA LEU H 77 15.12 12.86 -29.87
C LEU H 77 16.17 13.93 -30.18
N THR H 78 16.02 15.08 -29.53
CA THR H 78 17.07 16.09 -29.63
C THR H 78 17.77 16.27 -28.27
N VAL H 79 19.10 16.07 -28.27
CA VAL H 79 19.93 16.35 -27.10
C VAL H 79 20.42 17.80 -27.13
N THR H 80 20.19 18.53 -26.04
CA THR H 80 20.49 19.95 -26.02
C THR H 80 21.77 20.28 -25.23
N SER H 81 22.54 21.25 -25.68
CA SER H 81 23.73 21.62 -24.94
C SER H 81 24.61 20.39 -24.77
N ALA H 82 24.91 19.74 -25.89
CA ALA H 82 25.58 18.49 -25.78
C ALA H 82 26.82 18.76 -24.95
N HIS H 83 26.92 17.95 -23.91
CA HIS H 83 28.08 17.84 -23.02
C HIS H 83 28.82 16.50 -23.27
N PRO H 84 30.14 16.45 -22.99
CA PRO H 84 30.87 15.18 -23.04
C PRO H 84 30.18 14.03 -22.30
N GLU H 85 29.47 14.36 -21.22
CA GLU H 85 28.83 13.34 -20.40
C GLU H 85 27.68 12.65 -21.14
N ASP H 86 27.26 13.24 -22.25
CA ASP H 86 26.20 12.68 -23.07
C ASP H 86 26.73 11.82 -24.20
N SER H 87 28.05 11.62 -24.23
CA SER H 87 28.61 10.62 -25.10
C SER H 87 27.99 9.35 -24.57
N SER H 88 27.29 8.63 -25.44
CA SER H 88 26.61 7.43 -25.01
C SER H 88 26.01 6.67 -26.18
N PHE H 89 25.44 5.51 -25.88
CA PHE H 89 24.78 4.74 -26.90
C PHE H 89 23.29 4.98 -26.76
N TYR H 90 22.65 5.43 -27.84
CA TYR H 90 21.26 5.82 -27.79
C TYR H 90 20.34 4.86 -28.58
N ILE H 91 19.37 4.29 -27.88
CA ILE H 91 18.46 3.34 -28.49
C ILE H 91 17.00 3.74 -28.35
N CYS H 92 16.26 3.52 -29.43
CA CYS H 92 14.84 3.80 -29.46
C CYS H 92 14.11 2.51 -29.78
N SER H 93 12.81 2.47 -29.46
CA SER H 93 11.97 1.32 -29.79
C SER H 93 10.58 1.84 -30.03
N ALA H 94 9.99 1.46 -31.16
CA ALA H 94 8.58 1.70 -31.37
C ALA H 94 7.75 0.44 -31.10
N ARG H 95 6.50 0.65 -30.71
CA ARG H 95 5.58 -0.41 -30.41
C ARG H 95 4.26 -0.07 -31.07
N GLY H 96 3.69 -1.01 -31.79
CA GLY H 96 2.42 -0.78 -32.45
C GLY H 96 1.24 -1.18 -31.61
N GLY H 97 0.99 -0.41 -30.55
CA GLY H 97 -0.11 -0.68 -29.65
C GLY H 97 0.36 -0.51 -28.23
N SER H 98 -0.45 -0.91 -27.27
CA SER H 98 -0.12 -0.69 -25.87
C SER H 98 0.29 -1.98 -25.18
N TYR H 99 -0.34 -2.28 -24.05
CA TYR H 99 -0.04 -3.45 -23.23
C TYR H 99 0.15 -4.76 -24.04
N ASN H 100 1.24 -5.46 -23.76
CA ASN H 100 1.63 -6.73 -24.41
C ASN H 100 1.91 -6.66 -25.88
N SER H 101 1.88 -5.47 -26.46
CA SER H 101 2.37 -5.34 -27.82
C SER H 101 3.90 -5.37 -27.78
N PRO H 102 4.52 -5.98 -28.79
CA PRO H 102 5.97 -6.11 -28.75
C PRO H 102 6.65 -4.78 -28.98
N LEU H 103 7.82 -4.64 -28.35
CA LEU H 103 8.76 -3.59 -28.68
C LEU H 103 9.67 -4.02 -29.81
N HIS H 104 9.86 -3.13 -30.77
CA HIS H 104 10.87 -3.26 -31.80
C HIS H 104 11.91 -2.16 -31.60
N PHE H 105 13.18 -2.56 -31.58
CA PHE H 105 14.25 -1.59 -31.35
C PHE H 105 14.93 -1.21 -32.66
N GLY H 106 15.60 -0.05 -32.64
CA GLY H 106 16.55 0.32 -33.69
C GLY H 106 17.89 -0.33 -33.39
N ASN H 107 18.90 -0.08 -34.22
CA ASN H 107 20.24 -0.64 -33.97
C ASN H 107 21.13 0.38 -33.27
N GLY H 108 20.52 1.48 -32.84
CA GLY H 108 21.20 2.44 -31.99
C GLY H 108 21.87 3.62 -32.69
N THR H 109 22.29 4.57 -31.86
CA THR H 109 23.07 5.71 -32.29
C THR H 109 24.20 5.84 -31.31
N ARG H 110 25.42 5.92 -31.83
CA ARG H 110 26.60 6.13 -31.03
C ARG H 110 26.98 7.59 -31.13
N LEU H 111 26.64 8.36 -30.11
CA LEU H 111 26.98 9.78 -30.07
C LEU H 111 28.21 10.03 -29.21
N THR H 112 29.25 10.61 -29.80
CA THR H 112 30.39 11.07 -29.04
C THR H 112 30.43 12.61 -29.06
N VAL H 113 30.45 13.20 -27.88
CA VAL H 113 30.46 14.64 -27.71
C VAL H 113 31.84 15.11 -27.24
N THR H 114 32.33 16.20 -27.80
CA THR H 114 33.67 16.70 -27.47
C THR H 114 33.75 18.22 -27.44
N GLU H 115 34.42 18.77 -26.41
CA GLU H 115 34.52 20.22 -26.24
C GLU H 115 35.59 20.87 -27.15
N ASP H 116 35.96 20.15 -28.22
CA ASP H 116 37.04 20.51 -29.14
C ASP H 116 37.10 19.54 -30.33
N LEU H 117 36.28 19.80 -31.35
CA LEU H 117 36.25 18.94 -32.52
C LEU H 117 37.64 18.90 -33.17
N LYS H 118 38.48 19.91 -32.91
CA LYS H 118 39.86 19.90 -33.40
C LYS H 118 40.49 18.53 -33.17
N ASN H 119 39.90 17.80 -32.22
CA ASN H 119 40.31 16.45 -31.86
C ASN H 119 39.93 15.31 -32.82
N VAL H 120 39.18 15.63 -33.88
CA VAL H 120 38.71 14.60 -34.81
C VAL H 120 39.77 14.21 -35.83
N PHE H 121 40.28 12.99 -35.73
CA PHE H 121 41.26 12.50 -36.68
C PHE H 121 40.72 11.24 -37.30
N PRO H 122 40.83 11.12 -38.63
CA PRO H 122 40.47 9.82 -39.24
C PRO H 122 41.45 8.73 -38.78
N PRO H 123 41.23 7.48 -39.22
CA PRO H 123 42.19 6.44 -38.86
C PRO H 123 43.43 6.43 -39.76
N GLU H 124 44.47 5.77 -39.27
CA GLU H 124 45.57 5.33 -40.11
C GLU H 124 45.53 3.81 -40.12
N VAL H 125 45.46 3.23 -41.32
CA VAL H 125 45.38 1.78 -41.46
C VAL H 125 46.74 1.20 -41.85
N ALA H 126 46.97 -0.06 -41.48
CA ALA H 126 48.25 -0.71 -41.69
C ALA H 126 48.11 -2.23 -41.72
N VAL H 127 48.07 -2.82 -42.91
CA VAL H 127 48.13 -4.27 -43.01
C VAL H 127 49.55 -4.79 -42.72
N PHE H 128 49.64 -5.79 -41.86
CA PHE H 128 50.87 -6.57 -41.70
C PHE H 128 50.64 -7.93 -42.36
N GLU H 129 51.74 -8.59 -42.75
CA GLU H 129 51.65 -9.83 -43.51
C GLU H 129 51.92 -11.04 -42.64
N PRO H 130 51.37 -12.20 -43.04
CA PRO H 130 51.61 -13.48 -42.35
C PRO H 130 53.09 -13.69 -41.98
N SER H 131 53.33 -14.26 -40.81
CA SER H 131 54.67 -14.66 -40.45
C SER H 131 54.93 -15.99 -41.14
N GLU H 132 56.19 -16.40 -41.12
CA GLU H 132 56.58 -17.65 -41.75
C GLU H 132 56.92 -18.69 -40.70
N ALA H 133 57.34 -18.21 -39.52
CA ALA H 133 57.49 -19.06 -38.34
C ALA H 133 56.09 -19.55 -37.95
N GLU H 134 55.07 -18.86 -38.45
CA GLU H 134 53.68 -19.29 -38.38
C GLU H 134 53.39 -20.36 -39.43
N ILE H 135 53.63 -20.03 -40.71
CA ILE H 135 53.35 -20.97 -41.81
C ILE H 135 54.17 -22.28 -41.77
N SER H 136 55.40 -22.19 -41.25
CA SER H 136 56.11 -23.34 -40.69
C SER H 136 55.64 -23.36 -39.24
N HIS H 137 55.67 -24.51 -38.58
CA HIS H 137 55.24 -24.64 -37.18
C HIS H 137 53.68 -24.65 -37.01
N THR H 138 52.93 -24.07 -37.97
CA THR H 138 51.45 -24.18 -37.97
C THR H 138 50.73 -24.45 -39.30
N GLN H 139 51.23 -23.94 -40.43
CA GLN H 139 50.62 -24.29 -41.70
C GLN H 139 49.44 -23.40 -42.07
N LYS H 140 49.35 -22.27 -41.39
CA LYS H 140 48.30 -21.28 -41.64
C LYS H 140 48.85 -19.88 -41.94
N ALA H 141 48.04 -19.06 -42.61
CA ALA H 141 48.40 -17.70 -42.97
C ALA H 141 47.46 -16.66 -42.32
N THR H 142 48.00 -15.89 -41.38
CA THR H 142 47.21 -14.90 -40.66
C THR H 142 47.70 -13.48 -40.88
N LEU H 143 46.91 -12.73 -41.65
CA LEU H 143 47.16 -11.32 -41.84
C LEU H 143 46.69 -10.60 -40.57
N VAL H 144 47.11 -9.37 -40.39
CA VAL H 144 46.61 -8.54 -39.31
C VAL H 144 46.42 -7.13 -39.83
N CYS H 145 45.26 -6.54 -39.59
CA CYS H 145 45.10 -5.12 -39.88
C CYS H 145 45.52 -4.31 -38.66
N LEU H 146 45.37 -2.99 -38.74
CA LEU H 146 45.64 -2.15 -37.59
C LEU H 146 45.37 -0.68 -37.93
N ALA H 147 44.23 -0.19 -37.42
CA ALA H 147 43.89 1.22 -37.50
C ALA H 147 44.41 1.93 -36.26
N THR H 148 45.03 3.10 -36.44
CA THR H 148 45.59 3.87 -35.32
C THR H 148 45.20 5.34 -35.27
N GLY H 149 45.56 5.97 -34.15
CA GLY H 149 45.40 7.41 -33.93
C GLY H 149 44.17 8.06 -34.53
N PHE H 150 42.98 7.56 -34.17
CA PHE H 150 41.72 8.13 -34.66
C PHE H 150 40.74 8.54 -33.55
N TYR H 151 39.75 9.35 -33.91
CA TYR H 151 38.80 9.89 -32.92
C TYR H 151 37.63 10.58 -33.58
N PRO H 152 36.42 10.28 -33.09
CA PRO H 152 36.23 9.33 -31.99
C PRO H 152 36.18 7.89 -32.51
N ASP H 153 35.93 6.92 -31.65
CA ASP H 153 36.01 5.52 -32.09
C ASP H 153 34.82 5.05 -32.92
N HIS H 154 34.42 5.87 -33.88
CA HIS H 154 33.39 5.47 -34.81
C HIS H 154 34.02 4.90 -36.07
N VAL H 155 34.26 3.58 -36.10
CA VAL H 155 34.78 2.93 -37.30
C VAL H 155 34.10 1.61 -37.60
N GLU H 156 34.52 0.97 -38.69
CA GLU H 156 33.92 -0.29 -39.14
C GLU H 156 34.90 -1.06 -40.00
N LEU H 157 35.64 -1.96 -39.36
CA LEU H 157 36.68 -2.71 -40.05
C LEU H 157 36.07 -3.88 -40.79
N SER H 158 36.64 -4.21 -41.95
CA SER H 158 36.09 -5.24 -42.82
C SER H 158 37.17 -5.72 -43.77
N TRP H 159 37.16 -7.02 -44.03
CA TRP H 159 38.15 -7.60 -44.92
C TRP H 159 37.55 -7.87 -46.29
N TRP H 160 38.29 -7.45 -47.31
CA TRP H 160 37.94 -7.64 -48.72
C TRP H 160 39.03 -8.43 -49.46
N VAL H 161 38.73 -9.71 -49.69
CA VAL H 161 39.60 -10.59 -50.47
C VAL H 161 39.15 -10.54 -51.93
N ASN H 162 40.08 -10.16 -52.80
CA ASN H 162 39.78 -10.04 -54.22
C ASN H 162 38.38 -9.46 -54.39
N GLY H 163 38.22 -8.20 -53.97
CA GLY H 163 37.05 -7.41 -54.27
C GLY H 163 35.78 -7.65 -53.46
N LYS H 164 35.72 -8.80 -52.79
CA LYS H 164 34.53 -9.15 -52.02
C LYS H 164 34.77 -8.94 -50.54
N GLU H 165 33.69 -8.77 -49.77
CA GLU H 165 33.83 -8.78 -48.31
C GLU H 165 33.73 -10.23 -47.85
N VAL H 166 34.63 -10.61 -46.94
CA VAL H 166 34.62 -11.95 -46.37
C VAL H 166 34.43 -11.85 -44.86
N HIS H 167 33.94 -12.94 -44.25
CA HIS H 167 33.84 -12.97 -42.79
C HIS H 167 34.60 -14.14 -42.17
N SER H 168 34.39 -15.35 -42.72
CA SER H 168 35.19 -16.50 -42.30
C SER H 168 36.65 -16.06 -42.05
N GLY H 169 37.26 -16.61 -41.00
CA GLY H 169 38.63 -16.28 -40.67
C GLY H 169 38.85 -14.90 -40.05
N VAL H 170 37.82 -14.05 -40.03
CA VAL H 170 38.00 -12.75 -39.38
C VAL H 170 37.84 -12.85 -37.85
N SER H 171 38.46 -11.91 -37.15
CA SER H 171 38.28 -11.74 -35.72
C SER H 171 38.82 -10.37 -35.35
N THR H 172 37.95 -9.37 -35.44
CA THR H 172 38.30 -8.02 -35.04
C THR H 172 38.16 -7.82 -33.53
N ASP H 173 39.09 -7.05 -32.95
CA ASP H 173 38.97 -6.65 -31.56
C ASP H 173 37.57 -6.14 -31.36
N PRO H 174 36.86 -6.65 -30.35
CA PRO H 174 35.49 -6.19 -30.10
C PRO H 174 35.51 -4.73 -29.66
N GLN H 175 36.68 -4.21 -29.34
CA GLN H 175 36.75 -2.82 -28.89
C GLN H 175 38.04 -2.08 -29.25
N PRO H 176 37.89 -0.84 -29.76
CA PRO H 176 38.97 0.13 -29.91
C PRO H 176 39.74 0.25 -28.61
N LEU H 177 41.07 0.31 -28.65
CA LEU H 177 41.83 0.61 -27.44
C LEU H 177 42.32 2.06 -27.49
N LYS H 178 42.56 2.65 -26.32
CA LYS H 178 42.97 4.06 -26.23
C LYS H 178 44.48 4.22 -26.05
N GLU H 179 45.08 5.03 -26.92
CA GLU H 179 46.53 5.19 -26.95
C GLU H 179 47.06 5.90 -25.69
N GLN H 180 46.31 6.90 -25.24
CA GLN H 180 46.67 7.67 -24.05
C GLN H 180 45.59 7.54 -22.97
N PRO H 181 45.64 6.43 -22.21
CA PRO H 181 44.66 6.12 -21.16
C PRO H 181 44.40 7.30 -20.20
N ALA H 182 45.43 8.06 -19.83
CA ALA H 182 45.24 9.20 -18.93
C ALA H 182 44.52 10.39 -19.58
N LEU H 183 44.34 10.31 -20.90
CA LEU H 183 43.95 11.48 -21.68
C LEU H 183 42.46 11.53 -22.02
N ASN H 184 41.88 12.73 -21.90
CA ASN H 184 40.45 12.93 -22.10
C ASN H 184 40.00 12.58 -23.51
N ASP H 185 40.74 13.05 -24.51
CA ASP H 185 40.39 12.80 -25.90
C ASP H 185 41.47 11.98 -26.60
N SER H 186 42.03 11.03 -25.87
CA SER H 186 42.97 10.07 -26.46
C SER H 186 42.42 9.51 -27.76
N ARG H 187 43.27 9.45 -28.77
CA ARG H 187 42.95 8.74 -29.98
C ARG H 187 42.80 7.27 -29.67
N TYR H 188 42.10 6.56 -30.56
CA TYR H 188 41.89 5.13 -30.42
C TYR H 188 42.72 4.35 -31.44
N SER H 189 42.59 3.02 -31.40
CA SER H 189 43.44 2.12 -32.16
C SER H 189 42.85 0.71 -32.12
N LEU H 190 42.68 0.10 -33.29
CA LEU H 190 41.91 -1.13 -33.39
C LEU H 190 42.63 -2.16 -34.25
N SER H 191 42.63 -3.42 -33.82
CA SER H 191 43.23 -4.47 -34.63
C SER H 191 42.22 -5.45 -35.20
N SER H 192 42.64 -6.23 -36.19
CA SER H 192 41.82 -7.30 -36.70
C SER H 192 42.74 -8.43 -37.12
N ARG H 193 42.16 -9.56 -37.53
CA ARG H 193 42.94 -10.71 -37.94
C ARG H 193 42.20 -11.49 -39.02
N LEU H 194 42.88 -11.67 -40.15
CA LEU H 194 42.33 -12.44 -41.25
C LEU H 194 43.24 -13.63 -41.52
N ARG H 195 42.64 -14.81 -41.60
CA ARG H 195 43.41 -16.05 -41.66
C ARG H 195 42.88 -17.00 -42.73
N VAL H 196 43.79 -17.42 -43.60
CA VAL H 196 43.54 -18.52 -44.54
C VAL H 196 44.68 -19.54 -44.50
N SER H 197 44.51 -20.60 -45.27
CA SER H 197 45.56 -21.62 -45.44
C SER H 197 46.82 -20.97 -46.00
N ALA H 198 47.99 -21.47 -45.61
CA ALA H 198 49.23 -21.08 -46.27
C ALA H 198 49.08 -21.25 -47.80
N THR H 199 48.46 -22.35 -48.23
CA THR H 199 48.21 -22.74 -49.64
C THR H 199 47.71 -21.64 -50.57
N PHE H 200 46.80 -20.84 -50.04
CA PHE H 200 45.99 -19.92 -50.79
C PHE H 200 46.61 -18.51 -50.81
N TRP H 201 47.52 -18.30 -49.86
CA TRP H 201 48.44 -17.17 -49.82
C TRP H 201 49.77 -17.75 -50.27
N GLN H 202 50.77 -16.89 -50.47
CA GLN H 202 52.03 -17.31 -51.10
C GLN H 202 51.79 -17.24 -52.60
N ASN H 203 50.51 -17.49 -52.93
CA ASN H 203 49.92 -17.27 -54.24
C ASN H 203 49.61 -15.78 -54.46
N PRO H 204 50.43 -15.10 -55.28
CA PRO H 204 50.35 -13.65 -55.56
C PRO H 204 49.34 -13.32 -56.67
N ARG H 205 48.63 -14.34 -57.17
CA ARG H 205 47.56 -14.16 -58.15
C ARG H 205 46.32 -13.81 -57.34
N ASN H 206 46.59 -13.32 -56.12
CA ASN H 206 45.66 -13.34 -54.99
C ASN H 206 45.76 -12.09 -54.10
N HIS H 207 44.66 -11.37 -53.94
CA HIS H 207 44.69 -10.08 -53.25
C HIS H 207 43.90 -9.94 -51.91
N PHE H 208 44.53 -9.26 -50.96
CA PHE H 208 43.96 -8.99 -49.62
C PHE H 208 43.87 -7.49 -49.27
N ARG H 209 42.66 -7.02 -48.97
CA ARG H 209 42.51 -5.65 -48.46
C ARG H 209 41.69 -5.50 -47.18
N CYS H 210 42.25 -4.73 -46.25
CA CYS H 210 41.62 -4.47 -44.98
C CYS H 210 41.08 -3.04 -44.97
N GLN H 211 39.77 -2.95 -44.78
CA GLN H 211 39.02 -1.70 -44.94
C GLN H 211 38.58 -1.15 -43.59
N VAL H 212 38.64 0.17 -43.43
CA VAL H 212 38.28 0.81 -42.16
C VAL H 212 37.40 2.03 -42.40
N GLN H 213 36.09 1.81 -42.44
CA GLN H 213 35.18 2.93 -42.63
C GLN H 213 35.15 3.81 -41.38
N PHE H 214 35.49 5.08 -41.55
CA PHE H 214 35.48 6.01 -40.45
C PHE H 214 34.21 6.84 -40.54
N TYR H 215 33.65 7.19 -39.40
CA TYR H 215 32.53 8.15 -39.35
C TYR H 215 32.98 9.46 -38.70
N GLY H 216 33.31 10.43 -39.55
CA GLY H 216 33.87 11.68 -39.10
C GLY H 216 32.94 12.83 -39.39
N LEU H 217 33.44 13.87 -40.04
CA LEU H 217 32.67 15.09 -40.18
C LEU H 217 31.83 15.15 -41.46
N SER H 218 30.81 16.00 -41.42
CA SER H 218 29.94 16.26 -42.55
C SER H 218 30.38 17.57 -43.13
N GLU H 219 30.08 17.84 -44.40
CA GLU H 219 30.54 19.08 -44.99
C GLU H 219 29.77 20.28 -44.43
N ASN H 220 28.64 20.01 -43.76
CA ASN H 220 27.94 21.03 -42.99
C ASN H 220 28.81 21.57 -41.87
N ASP H 221 29.80 20.76 -41.49
CA ASP H 221 30.68 21.08 -40.35
C ASP H 221 31.76 22.08 -40.73
N GLU H 222 32.31 22.73 -39.71
CA GLU H 222 33.19 23.86 -39.89
C GLU H 222 34.64 23.52 -39.55
N TRP H 223 35.54 23.70 -40.52
CA TRP H 223 36.93 23.35 -40.31
C TRP H 223 37.83 24.59 -40.39
N THR H 224 38.58 24.84 -39.31
CA THR H 224 39.63 25.88 -39.31
C THR H 224 41.04 25.33 -39.57
N GLN H 225 41.44 24.30 -38.81
CA GLN H 225 42.81 23.75 -38.89
C GLN H 225 43.31 23.53 -40.33
N ASP H 226 44.63 23.61 -40.47
CA ASP H 226 45.30 23.42 -41.77
C ASP H 226 45.08 22.04 -42.36
N ARG H 227 45.33 21.00 -41.57
CA ARG H 227 45.31 19.60 -42.03
C ARG H 227 43.94 19.14 -42.54
N ALA H 228 43.96 18.24 -43.53
CA ALA H 228 42.74 17.88 -44.27
C ALA H 228 41.57 17.59 -43.32
N LYS H 229 40.42 18.23 -43.57
CA LYS H 229 39.26 18.08 -42.69
C LYS H 229 38.75 16.62 -42.58
N PRO H 230 38.81 16.04 -41.36
CA PRO H 230 38.60 14.61 -41.09
C PRO H 230 37.15 14.20 -41.26
N VAL H 231 36.73 14.02 -42.51
CA VAL H 231 35.35 13.69 -42.85
C VAL H 231 35.14 12.18 -42.90
N THR H 232 33.87 11.77 -42.86
CA THR H 232 33.57 10.38 -43.09
C THR H 232 34.22 10.02 -44.42
N GLN H 233 34.92 8.89 -44.41
CA GLN H 233 35.75 8.49 -45.54
C GLN H 233 36.16 7.05 -45.31
N ILE H 234 37.15 6.60 -46.07
CA ILE H 234 37.68 5.27 -45.86
C ILE H 234 39.20 5.36 -45.83
N VAL H 235 39.85 4.24 -45.52
CA VAL H 235 41.30 4.16 -45.33
C VAL H 235 41.70 2.68 -45.39
N SER H 236 41.94 2.16 -46.59
CA SER H 236 42.31 0.75 -46.73
C SER H 236 43.84 0.52 -46.68
N ALA H 237 44.24 -0.74 -46.79
CA ALA H 237 45.66 -1.09 -46.83
C ALA H 237 45.78 -2.46 -47.50
N GLU H 238 46.85 -2.70 -48.25
CA GLU H 238 46.86 -3.89 -49.09
C GLU H 238 48.07 -4.80 -48.91
N ALA H 239 47.94 -6.03 -49.42
CA ALA H 239 49.10 -6.90 -49.65
C ALA H 239 48.81 -8.07 -50.62
N TRP H 240 49.87 -8.65 -51.19
CA TRP H 240 49.80 -9.72 -52.19
C TRP H 240 50.42 -11.02 -51.67
N GLY H 241 50.15 -12.13 -52.36
CA GLY H 241 50.82 -13.38 -52.08
C GLY H 241 52.34 -13.27 -52.06
N ARG H 242 52.96 -13.97 -51.11
CA ARG H 242 54.41 -14.04 -50.93
C ARG H 242 54.79 -15.42 -50.39
N ALA H 243 55.70 -16.12 -51.08
CA ALA H 243 56.04 -17.51 -50.73
C ALA H 243 57.33 -17.72 -49.92
#